data_8VJ3
#
_entry.id   8VJ3
#
_cell.length_a   84.007
_cell.length_b   100.789
_cell.length_c   123.938
_cell.angle_alpha   90.00
_cell.angle_beta   96.09
_cell.angle_gamma   90.00
#
_symmetry.space_group_name_H-M   'P 1 21 1'
#
loop_
_entity.id
_entity.type
_entity.pdbx_description
1 polymer 'Betaine aldehyde dehydrogenase'
2 non-polymer 'FLAVIN-ADENINE DINUCLEOTIDE'
3 water water
#
_entity_poly.entity_id   1
_entity_poly.type   'polypeptide(L)'
_entity_poly.pdbx_seq_one_letter_code
;MAHHHHHHHMSRMAEQQLYIHGKFVAATSGKTFETINPATGEVLATVQAAGREDVDRAVKSAQQGQKVWAAMSAMARSRI
LRKAVDILRERNDELARLETLDTGKPLSETAAVDIVTGADVLEYYAGLIPALEGSQIPLRDSSFVYTRREPLGVVAGIGA
WNYPIQIALWKSAPALAAGNAMIFKPSEVTPLTALKLAEIYREAGLPDGVFNVLPGIGAETGQYLTEHPDIAKISFTGGV
ASGKKVMANSAASSLKEVTMELGGKSPLIIAEDANLDLAADIAMMANFYSSGQVCTNGTRVFVPAKFKAEFEHKILERVG
RIRAGDLFADDTNFGPLVSFPHRQNVLRYIESGKSEGARLLCGGDVLKGEGFDNGAWVAPTVFTDCTDDMTIVREEIFGP
VMSILSYDDEAEVIRRANATEYGLAAGVVTPDLNRAHRIIHQLEAGICWINSWGESPAEMPVGGYKHSGIGRENGVMTLQ
SYTQVKSIQVEMGPFQSIF
;
_entity_poly.pdbx_strand_id   A,B,C,D
#
loop_
_chem_comp.id
_chem_comp.type
_chem_comp.name
_chem_comp.formula
FAD non-polymer 'FLAVIN-ADENINE DINUCLEOTIDE' 'C27 H33 N9 O15 P2'
#
# COMPACT_ATOMS: atom_id res chain seq x y z
N ARG A 12 36.02 34.03 -15.91
CA ARG A 12 36.56 32.88 -15.21
C ARG A 12 36.04 32.86 -13.77
N MET A 13 35.83 31.66 -13.26
CA MET A 13 35.46 31.44 -11.86
C MET A 13 36.68 30.98 -11.07
N ALA A 14 36.53 30.97 -9.75
CA ALA A 14 37.58 30.43 -8.91
C ALA A 14 37.69 28.92 -9.14
N GLU A 15 38.88 28.38 -8.84
CA GLU A 15 39.11 26.96 -8.97
C GLU A 15 38.14 26.17 -8.09
N GLN A 16 37.49 25.18 -8.69
CA GLN A 16 36.46 24.40 -8.03
C GLN A 16 37.09 23.17 -7.37
N GLN A 17 36.79 22.96 -6.09
CA GLN A 17 37.37 21.88 -5.31
C GLN A 17 36.34 20.77 -5.09
N LEU A 18 36.80 19.70 -4.43
CA LEU A 18 35.89 18.66 -3.98
C LEU A 18 35.06 19.16 -2.80
N TYR A 19 33.91 18.53 -2.58
CA TYR A 19 33.08 18.84 -1.42
C TYR A 19 32.96 17.57 -0.59
N ILE A 20 33.66 17.53 0.54
CA ILE A 20 33.68 16.36 1.41
C ILE A 20 33.47 16.83 2.84
N HIS A 21 32.47 16.24 3.50
CA HIS A 21 32.18 16.49 4.91
C HIS A 21 31.91 17.97 5.21
N GLY A 22 31.02 18.57 4.42
CA GLY A 22 30.55 19.90 4.75
C GLY A 22 31.49 21.04 4.45
N LYS A 23 32.49 20.81 3.61
CA LYS A 23 33.42 21.87 3.25
C LYS A 23 34.12 21.52 1.95
N PHE A 24 34.57 22.55 1.24
CA PHE A 24 35.40 22.34 0.08
C PHE A 24 36.80 21.91 0.50
N VAL A 25 37.36 20.93 -0.20
CA VAL A 25 38.67 20.38 0.11
C VAL A 25 39.43 20.11 -1.18
N ALA A 26 40.74 20.32 -1.15
CA ALA A 26 41.59 20.01 -2.30
C ALA A 26 41.63 18.50 -2.53
N ALA A 27 41.62 18.10 -3.80
CA ALA A 27 41.86 16.70 -4.13
C ALA A 27 43.30 16.31 -3.86
N THR A 28 43.51 15.05 -3.50
CA THR A 28 44.86 14.51 -3.31
C THR A 28 45.36 13.80 -4.55
N SER A 29 44.59 13.84 -5.63
CA SER A 29 44.97 13.16 -6.87
C SER A 29 46.04 13.92 -7.64
N GLY A 30 46.19 15.21 -7.40
CA GLY A 30 47.07 16.05 -8.19
C GLY A 30 46.56 16.32 -9.59
N LYS A 31 45.30 16.02 -9.86
CA LYS A 31 44.75 16.09 -11.20
C LYS A 31 43.61 17.10 -11.25
N THR A 32 43.47 17.74 -12.40
CA THR A 32 42.40 18.70 -12.63
C THR A 32 41.90 18.53 -14.05
N PHE A 33 40.75 19.15 -14.32
CA PHE A 33 40.21 19.26 -15.66
C PHE A 33 39.49 20.60 -15.78
N GLU A 34 39.16 20.97 -17.00
CA GLU A 34 38.49 22.24 -17.28
C GLU A 34 37.06 21.98 -17.75
N THR A 35 36.14 22.85 -17.34
CA THR A 35 34.80 22.87 -17.88
C THR A 35 34.66 24.13 -18.73
N ILE A 36 34.11 23.97 -19.92
CA ILE A 36 34.04 25.00 -20.95
C ILE A 36 32.63 25.54 -21.04
N ASN A 37 32.51 26.82 -21.38
CA ASN A 37 31.20 27.39 -21.74
C ASN A 37 30.88 26.96 -23.17
N PRO A 38 29.86 26.14 -23.38
CA PRO A 38 29.60 25.62 -24.74
C PRO A 38 29.14 26.70 -25.72
N ALA A 39 28.74 27.88 -25.25
CA ALA A 39 28.34 28.95 -26.16
C ALA A 39 29.51 29.76 -26.70
N THR A 40 30.61 29.83 -25.94
CA THR A 40 31.74 30.69 -26.28
C THR A 40 33.07 29.97 -26.37
N GLY A 41 33.20 28.78 -25.79
CA GLY A 41 34.46 28.09 -25.74
C GLY A 41 35.38 28.53 -24.63
N GLU A 42 35.03 29.57 -23.88
CA GLU A 42 35.90 30.00 -22.80
C GLU A 42 35.89 29.00 -21.66
N VAL A 43 37.00 28.96 -20.92
CA VAL A 43 37.10 28.13 -19.73
C VAL A 43 36.30 28.78 -18.62
N LEU A 44 35.31 28.05 -18.13
CA LEU A 44 34.53 28.50 -16.98
C LEU A 44 35.32 28.35 -15.70
N ALA A 45 36.00 27.21 -15.53
CA ALA A 45 36.72 26.94 -14.29
C ALA A 45 37.67 25.76 -14.47
N THR A 46 38.71 25.77 -13.68
CA THR A 46 39.51 24.58 -13.48
C THR A 46 38.94 23.83 -12.29
N VAL A 47 38.82 22.51 -12.43
CA VAL A 47 38.09 21.69 -11.48
C VAL A 47 38.97 20.56 -11.02
N GLN A 48 39.03 20.35 -9.71
CA GLN A 48 39.80 19.25 -9.19
C GLN A 48 39.09 17.91 -9.39
N ALA A 49 39.89 16.89 -9.68
CA ALA A 49 39.39 15.55 -9.99
C ALA A 49 39.68 14.63 -8.81
N ALA A 50 38.65 13.96 -8.32
CA ALA A 50 38.83 13.08 -7.17
C ALA A 50 39.60 11.81 -7.56
N GLY A 51 40.62 11.47 -6.79
CA GLY A 51 41.33 10.23 -6.97
C GLY A 51 40.78 9.13 -6.09
N ARG A 52 41.48 7.98 -6.12
CA ARG A 52 41.03 6.82 -5.35
CA ARG A 52 41.05 6.82 -5.35
C ARG A 52 41.01 7.14 -3.86
N GLU A 53 42.03 7.84 -3.37
CA GLU A 53 42.09 8.19 -1.96
C GLU A 53 41.01 9.19 -1.58
N ASP A 54 40.70 10.12 -2.49
CA ASP A 54 39.61 11.07 -2.24
C ASP A 54 38.29 10.34 -2.13
N VAL A 55 38.06 9.35 -2.99
CA VAL A 55 36.84 8.57 -2.92
C VAL A 55 36.75 7.85 -1.58
N ASP A 56 37.87 7.28 -1.13
CA ASP A 56 37.82 6.59 0.15
C ASP A 56 37.53 7.57 1.29
N ARG A 57 38.14 8.76 1.26
CA ARG A 57 37.83 9.77 2.27
C ARG A 57 36.33 10.12 2.24
N ALA A 58 35.79 10.27 1.05
CA ALA A 58 34.38 10.64 0.90
C ALA A 58 33.47 9.55 1.44
N VAL A 59 33.85 8.28 1.25
CA VAL A 59 33.06 7.19 1.76
C VAL A 59 33.09 7.19 3.28
N LYS A 60 34.28 7.38 3.86
CA LYS A 60 34.36 7.40 5.32
C LYS A 60 33.62 8.58 5.91
N SER A 61 33.68 9.74 5.23
CA SER A 61 32.86 10.87 5.64
C SER A 61 31.38 10.54 5.56
N ALA A 62 30.95 9.91 4.45
CA ALA A 62 29.55 9.57 4.28
C ALA A 62 29.07 8.57 5.33
N GLN A 63 29.90 7.58 5.68
CA GLN A 63 29.49 6.62 6.69
C GLN A 63 29.20 7.30 8.02
N GLN A 64 30.04 8.28 8.40
CA GLN A 64 29.84 8.98 9.66
C GLN A 64 28.60 9.87 9.61
N GLY A 65 28.41 10.60 8.52
CA GLY A 65 27.24 11.46 8.40
C GLY A 65 25.95 10.67 8.34
N GLN A 66 25.96 9.52 7.66
CA GLN A 66 24.75 8.72 7.51
C GLN A 66 24.22 8.29 8.87
N LYS A 67 25.13 7.96 9.81
CA LYS A 67 24.69 7.51 11.13
C LYS A 67 23.99 8.62 11.91
N VAL A 68 24.52 9.85 11.83
CA VAL A 68 23.85 11.00 12.44
C VAL A 68 22.50 11.23 11.79
N TRP A 69 22.47 11.19 10.46
CA TRP A 69 21.25 11.45 9.70
C TRP A 69 20.15 10.45 10.02
N ALA A 70 20.51 9.17 10.05
CA ALA A 70 19.54 8.12 10.25
C ALA A 70 19.01 8.12 11.68
N ALA A 71 19.81 8.59 12.63
CA ALA A 71 19.39 8.62 14.03
C ALA A 71 18.40 9.73 14.33
N MET A 72 18.32 10.75 13.48
CA MET A 72 17.35 11.83 13.68
C MET A 72 15.92 11.31 13.49
N SER A 73 14.96 12.07 13.99
CA SER A 73 13.57 11.73 13.74
C SER A 73 13.24 11.92 12.26
N ALA A 74 12.18 11.27 11.82
CA ALA A 74 11.74 11.41 10.44
C ALA A 74 11.40 12.85 10.11
N MET A 75 10.69 13.53 11.00
CA MET A 75 10.30 14.91 10.72
C MET A 75 11.52 15.84 10.79
N ALA A 76 12.52 15.52 11.61
CA ALA A 76 13.73 16.32 11.59
C ALA A 76 14.40 16.26 10.23
N ARG A 77 14.46 15.07 9.63
CA ARG A 77 14.98 14.97 8.27
C ARG A 77 14.10 15.75 7.29
N SER A 78 12.78 15.61 7.41
CA SER A 78 11.88 16.31 6.51
CA SER A 78 11.88 16.31 6.51
C SER A 78 12.14 17.81 6.53
N ARG A 79 12.27 18.39 7.73
CA ARG A 79 12.42 19.84 7.83
C ARG A 79 13.70 20.35 7.17
N ILE A 80 14.78 19.59 7.28
CA ILE A 80 16.06 19.98 6.68
C ILE A 80 15.97 19.97 5.16
N LEU A 81 15.39 18.91 4.58
CA LEU A 81 15.23 18.88 3.14
C LEU A 81 14.32 20.01 2.69
N ARG A 82 13.29 20.33 3.46
CA ARG A 82 12.40 21.45 3.11
CA ARG A 82 12.41 21.45 3.10
C ARG A 82 13.14 22.78 3.16
N LYS A 83 14.09 22.94 4.09
CA LYS A 83 14.89 24.16 4.11
C LYS A 83 15.72 24.28 2.84
N ALA A 84 16.26 23.16 2.35
CA ALA A 84 16.99 23.17 1.09
C ALA A 84 16.06 23.51 -0.07
N VAL A 85 14.83 23.01 -0.05
CA VAL A 85 13.87 23.41 -1.08
C VAL A 85 13.70 24.92 -1.09
N ASP A 86 13.54 25.53 0.09
CA ASP A 86 13.31 26.97 0.16
C ASP A 86 14.49 27.75 -0.43
N ILE A 87 15.72 27.32 -0.13
CA ILE A 87 16.88 28.00 -0.70
C ILE A 87 16.89 27.84 -2.22
N LEU A 88 16.53 26.65 -2.71
CA LEU A 88 16.55 26.42 -4.16
C LEU A 88 15.54 27.30 -4.85
N ARG A 89 14.36 27.49 -4.25
CA ARG A 89 13.39 28.39 -4.85
C ARG A 89 13.92 29.80 -4.91
N GLU A 90 14.56 30.25 -3.84
CA GLU A 90 15.04 31.62 -3.80
C GLU A 90 16.15 31.85 -4.81
N ARG A 91 17.02 30.87 -5.00
CA ARG A 91 18.18 31.02 -5.87
CA ARG A 91 18.18 31.01 -5.87
C ARG A 91 17.93 30.42 -7.26
N ASN A 92 16.65 30.18 -7.59
CA ASN A 92 16.32 29.53 -8.86
C ASN A 92 16.97 30.21 -10.05
N ASP A 93 16.83 31.53 -10.18
CA ASP A 93 17.33 32.23 -11.35
C ASP A 93 18.86 32.20 -11.41
N GLU A 94 19.53 32.40 -10.25
CA GLU A 94 20.98 32.35 -10.21
C GLU A 94 21.53 30.97 -10.58
N LEU A 95 20.93 29.91 -10.03
CA LEU A 95 21.39 28.56 -10.36
C LEU A 95 21.15 28.25 -11.84
N ALA A 96 20.01 28.73 -12.36
CA ALA A 96 19.69 28.50 -13.77
C ALA A 96 20.71 29.17 -14.68
N ARG A 97 21.17 30.38 -14.31
CA ARG A 97 22.17 31.06 -15.12
C ARG A 97 23.47 30.26 -15.12
N LEU A 98 23.85 29.73 -13.96
CA LEU A 98 25.04 28.91 -13.90
C LEU A 98 24.86 27.64 -14.74
N GLU A 99 23.68 27.01 -14.68
CA GLU A 99 23.43 25.83 -15.48
C GLU A 99 23.53 26.16 -16.97
N THR A 100 23.01 27.33 -17.38
CA THR A 100 23.11 27.76 -18.77
C THR A 100 24.57 27.95 -19.20
N LEU A 101 25.38 28.57 -18.34
CA LEU A 101 26.79 28.74 -18.67
C LEU A 101 27.48 27.39 -18.85
N ASP A 102 27.16 26.43 -17.99
CA ASP A 102 27.84 25.14 -17.99
C ASP A 102 27.33 24.21 -19.08
N THR A 103 26.05 24.30 -19.44
CA THR A 103 25.46 23.34 -20.37
C THR A 103 25.18 23.89 -21.76
N GLY A 104 25.03 25.21 -21.90
CA GLY A 104 24.56 25.77 -23.15
C GLY A 104 23.07 25.74 -23.36
N LYS A 105 22.29 25.29 -22.37
CA LYS A 105 20.85 25.32 -22.57
C LYS A 105 20.31 26.74 -22.33
N PRO A 106 19.32 27.16 -23.11
CA PRO A 106 18.78 28.52 -22.94
C PRO A 106 18.26 28.76 -21.52
N LEU A 107 18.47 29.99 -21.03
CA LEU A 107 17.91 30.41 -19.74
C LEU A 107 16.39 30.27 -19.73
N SER A 108 15.74 30.46 -20.87
CA SER A 108 14.29 30.26 -20.95
C SER A 108 13.91 28.85 -20.53
N GLU A 109 14.79 27.88 -20.70
CA GLU A 109 14.56 26.53 -20.19
C GLU A 109 15.02 26.38 -18.75
N THR A 110 16.27 26.74 -18.46
CA THR A 110 16.83 26.41 -17.16
C THR A 110 16.09 27.11 -16.03
N ALA A 111 15.63 28.35 -16.25
CA ALA A 111 14.92 29.07 -15.20
C ALA A 111 13.51 28.56 -14.99
N ALA A 112 12.96 27.81 -15.94
CA ALA A 112 11.60 27.32 -15.82
C ALA A 112 11.52 25.83 -15.48
N VAL A 113 12.57 25.06 -15.72
CA VAL A 113 12.48 23.60 -15.62
C VAL A 113 13.52 23.01 -14.66
N ASP A 114 14.81 23.31 -14.87
CA ASP A 114 15.86 22.51 -14.26
C ASP A 114 15.81 22.54 -12.73
N ILE A 115 15.85 23.72 -12.12
CA ILE A 115 15.78 23.78 -10.66
C ILE A 115 14.34 23.62 -10.19
N VAL A 116 13.37 24.15 -10.92
CA VAL A 116 11.97 24.05 -10.50
C VAL A 116 11.60 22.57 -10.29
N THR A 117 11.87 21.73 -11.29
CA THR A 117 11.47 20.33 -11.19
C THR A 117 12.42 19.51 -10.32
N GLY A 118 13.69 19.90 -10.22
CA GLY A 118 14.56 19.25 -9.24
C GLY A 118 14.08 19.48 -7.83
N ALA A 119 13.78 20.74 -7.50
CA ALA A 119 13.29 21.07 -6.17
C ALA A 119 11.91 20.49 -5.90
N ASP A 120 11.05 20.38 -6.94
CA ASP A 120 9.74 19.72 -6.75
C ASP A 120 9.93 18.30 -6.24
N VAL A 121 10.92 17.57 -6.77
CA VAL A 121 11.13 16.19 -6.34
C VAL A 121 11.68 16.16 -4.91
N LEU A 122 12.61 17.08 -4.59
CA LEU A 122 13.11 17.13 -3.21
C LEU A 122 11.99 17.45 -2.24
N GLU A 123 11.13 18.40 -2.62
CA GLU A 123 10.00 18.80 -1.79
C GLU A 123 9.04 17.65 -1.59
N TYR A 124 8.77 16.90 -2.67
CA TYR A 124 7.93 15.71 -2.59
C TYR A 124 8.48 14.70 -1.61
N TYR A 125 9.76 14.33 -1.76
CA TYR A 125 10.28 13.29 -0.88
C TYR A 125 10.41 13.77 0.56
N ALA A 126 10.69 15.05 0.77
CA ALA A 126 10.75 15.55 2.14
C ALA A 126 9.47 15.26 2.90
N GLY A 127 8.32 15.44 2.23
CA GLY A 127 7.04 15.22 2.89
C GLY A 127 6.69 13.77 3.12
N LEU A 128 7.29 12.87 2.34
CA LEU A 128 7.00 11.46 2.45
C LEU A 128 7.81 10.73 3.51
N ILE A 129 8.87 11.33 4.05
CA ILE A 129 9.72 10.58 4.96
C ILE A 129 8.93 9.97 6.09
N PRO A 130 7.99 10.66 6.75
CA PRO A 130 7.27 10.04 7.87
C PRO A 130 6.33 8.92 7.47
N ALA A 131 6.03 8.77 6.18
CA ALA A 131 5.16 7.71 5.68
C ALA A 131 5.90 6.44 5.32
N LEU A 132 7.22 6.42 5.44
CA LEU A 132 7.97 5.21 5.13
C LEU A 132 7.76 4.20 6.25
N GLU A 133 7.09 3.09 5.96
CA GLU A 133 6.70 2.13 6.98
C GLU A 133 7.07 0.71 6.52
N GLY A 134 7.38 -0.13 7.49
CA GLY A 134 7.44 -1.56 7.29
C GLY A 134 6.08 -2.21 7.46
N SER A 135 6.10 -3.53 7.64
CA SER A 135 4.91 -4.35 7.67
CA SER A 135 4.91 -4.35 7.68
C SER A 135 4.96 -5.25 8.90
N GLN A 136 3.80 -5.84 9.23
CA GLN A 136 3.70 -6.82 10.31
C GLN A 136 2.78 -7.91 9.80
N ILE A 137 3.18 -9.16 10.02
CA ILE A 137 2.50 -10.32 9.47
C ILE A 137 2.27 -11.32 10.61
N PRO A 138 1.03 -11.56 11.02
CA PRO A 138 0.80 -12.59 12.04
C PRO A 138 0.97 -13.97 11.41
N LEU A 139 1.72 -14.84 12.10
CA LEU A 139 1.83 -16.22 11.64
C LEU A 139 0.91 -17.16 12.38
N ARG A 140 0.83 -16.99 13.70
CA ARG A 140 0.06 -17.84 14.60
C ARG A 140 0.06 -17.09 15.92
N ASP A 141 -0.75 -17.56 16.88
CA ASP A 141 -0.84 -16.85 18.14
C ASP A 141 0.53 -16.67 18.78
N SER A 142 1.44 -17.61 18.58
CA SER A 142 2.72 -17.57 19.28
C SER A 142 3.86 -16.99 18.44
N SER A 143 3.60 -16.47 17.24
CA SER A 143 4.71 -15.94 16.46
C SER A 143 4.22 -14.92 15.45
N PHE A 144 5.02 -13.87 15.23
CA PHE A 144 4.69 -12.89 14.20
C PHE A 144 5.97 -12.35 13.60
N VAL A 145 5.84 -11.76 12.43
CA VAL A 145 6.93 -11.16 11.67
C VAL A 145 6.66 -9.69 11.53
N TYR A 146 7.72 -8.86 11.64
CA TYR A 146 7.65 -7.47 11.23
C TYR A 146 8.88 -7.12 10.40
N THR A 147 8.74 -6.08 9.57
CA THR A 147 9.81 -5.66 8.70
C THR A 147 10.17 -4.22 8.98
N ARG A 148 11.44 -3.93 8.73
CA ARG A 148 12.01 -2.59 8.76
C ARG A 148 12.49 -2.27 7.36
N ARG A 149 12.24 -1.04 6.94
CA ARG A 149 12.83 -0.48 5.74
CA ARG A 149 12.84 -0.48 5.73
C ARG A 149 14.07 0.30 6.18
N GLU A 150 15.17 -0.33 6.13
CA GLU A 150 16.41 0.28 6.62
C GLU A 150 17.17 1.00 5.52
N PRO A 151 17.91 2.06 5.86
CA PRO A 151 18.78 2.69 4.86
C PRO A 151 19.75 1.67 4.28
N LEU A 152 20.11 1.89 3.01
CA LEU A 152 21.17 1.11 2.40
C LEU A 152 22.54 1.44 2.98
N GLY A 153 22.73 2.67 3.45
CA GLY A 153 24.03 3.10 3.96
C GLY A 153 24.60 4.25 3.15
N VAL A 154 25.69 4.00 2.43
CA VAL A 154 26.29 4.97 1.52
C VAL A 154 25.92 4.56 0.10
N VAL A 155 25.33 5.47 -0.65
CA VAL A 155 25.00 5.20 -2.04
C VAL A 155 25.73 6.22 -2.89
N ALA A 156 25.90 5.89 -4.17
CA ALA A 156 26.56 6.79 -5.10
C ALA A 156 25.64 7.12 -6.26
N GLY A 157 25.63 8.38 -6.66
CA GLY A 157 24.96 8.84 -7.87
C GLY A 157 26.00 9.32 -8.87
N ILE A 158 25.81 8.93 -10.12
CA ILE A 158 26.64 9.33 -11.25
C ILE A 158 25.74 10.07 -12.23
N GLY A 159 26.03 11.35 -12.46
CA GLY A 159 25.15 12.20 -13.23
C GLY A 159 25.55 12.34 -14.68
N ALA A 160 24.60 12.83 -15.49
CA ALA A 160 24.83 13.11 -16.90
C ALA A 160 24.86 14.62 -17.08
N TRP A 161 25.20 15.04 -18.29
CA TRP A 161 25.47 16.46 -18.49
C TRP A 161 24.29 17.24 -19.03
N ASN A 162 23.19 16.60 -19.42
CA ASN A 162 22.13 17.37 -20.06
C ASN A 162 21.25 18.09 -19.04
N TYR A 163 20.98 17.49 -17.87
CA TYR A 163 20.21 18.13 -16.80
C TYR A 163 20.97 18.00 -15.49
N PRO A 164 22.11 18.71 -15.34
CA PRO A 164 23.00 18.40 -14.20
C PRO A 164 22.36 18.53 -12.84
N ILE A 165 21.81 19.70 -12.49
CA ILE A 165 21.32 19.85 -11.12
C ILE A 165 20.00 19.09 -10.95
N GLN A 166 19.19 18.98 -12.00
CA GLN A 166 17.96 18.21 -11.87
C GLN A 166 18.27 16.74 -11.57
N ILE A 167 19.23 16.16 -12.30
CA ILE A 167 19.64 14.78 -12.02
C ILE A 167 20.19 14.66 -10.60
N ALA A 168 21.05 15.60 -10.19
CA ALA A 168 21.58 15.55 -8.83
C ALA A 168 20.45 15.56 -7.80
N LEU A 169 19.41 16.37 -8.04
CA LEU A 169 18.29 16.41 -7.10
C LEU A 169 17.43 15.16 -7.18
N TRP A 170 17.17 14.64 -8.39
CA TRP A 170 16.33 13.45 -8.50
C TRP A 170 16.98 12.23 -7.88
N LYS A 171 18.32 12.15 -7.88
CA LYS A 171 18.98 11.03 -7.19
C LYS A 171 19.13 11.30 -5.69
N SER A 172 19.54 12.51 -5.30
CA SER A 172 19.85 12.72 -3.89
C SER A 172 18.59 12.83 -3.05
N ALA A 173 17.50 13.35 -3.61
CA ALA A 173 16.29 13.52 -2.80
C ALA A 173 15.79 12.20 -2.22
N PRO A 174 15.47 11.18 -3.03
CA PRO A 174 15.01 9.92 -2.42
C PRO A 174 16.09 9.22 -1.62
N ALA A 175 17.35 9.31 -2.03
CA ALA A 175 18.41 8.67 -1.25
C ALA A 175 18.50 9.27 0.14
N LEU A 176 18.54 10.60 0.24
CA LEU A 176 18.60 11.24 1.55
C LEU A 176 17.33 11.02 2.33
N ALA A 177 16.17 11.13 1.68
CA ALA A 177 14.90 10.95 2.36
C ALA A 177 14.75 9.55 2.94
N ALA A 178 15.39 8.57 2.32
CA ALA A 178 15.36 7.19 2.80
C ALA A 178 16.39 6.94 3.92
N GLY A 179 17.16 7.95 4.31
CA GLY A 179 18.09 7.81 5.40
C GLY A 179 19.51 7.50 5.02
N ASN A 180 19.84 7.59 3.73
CA ASN A 180 21.19 7.34 3.25
C ASN A 180 22.02 8.61 3.14
N ALA A 181 23.33 8.40 3.04
CA ALA A 181 24.22 9.42 2.51
C ALA A 181 24.49 9.10 1.05
N MET A 182 24.66 10.14 0.24
CA MET A 182 25.00 9.97 -1.16
C MET A 182 26.29 10.70 -1.51
N ILE A 183 27.17 10.01 -2.22
CA ILE A 183 28.30 10.62 -2.89
C ILE A 183 27.89 10.79 -4.34
N PHE A 184 27.93 12.02 -4.83
CA PHE A 184 27.47 12.34 -6.18
C PHE A 184 28.65 12.71 -7.06
N LYS A 185 28.76 12.06 -8.22
CA LYS A 185 29.81 12.39 -9.19
C LYS A 185 29.14 13.02 -10.40
N PRO A 186 29.19 14.33 -10.56
CA PRO A 186 28.61 14.96 -11.75
C PRO A 186 29.43 14.64 -12.99
N SER A 187 28.79 14.83 -14.15
CA SER A 187 29.52 14.72 -15.41
C SER A 187 30.69 15.71 -15.43
N GLU A 188 31.82 15.26 -15.99
CA GLU A 188 32.97 16.15 -16.14
C GLU A 188 32.66 17.30 -17.09
N VAL A 189 31.64 17.16 -17.92
CA VAL A 189 31.23 18.26 -18.77
C VAL A 189 30.54 19.35 -17.97
N THR A 190 29.86 19.02 -16.87
CA THR A 190 28.97 19.97 -16.18
C THR A 190 29.02 19.79 -14.67
N PRO A 191 30.15 20.13 -14.03
CA PRO A 191 30.28 19.87 -12.60
C PRO A 191 29.82 20.99 -11.68
N LEU A 192 29.48 22.16 -12.21
CA LEU A 192 29.40 23.34 -11.36
C LEU A 192 28.15 23.38 -10.47
N THR A 193 26.99 23.03 -10.99
CA THR A 193 25.80 23.21 -10.14
C THR A 193 25.75 22.16 -9.04
N ALA A 194 26.37 20.99 -9.25
CA ALA A 194 26.35 20.00 -8.17
C ALA A 194 27.08 20.50 -6.94
N LEU A 195 28.18 21.24 -7.15
CA LEU A 195 28.90 21.82 -6.03
C LEU A 195 28.08 22.87 -5.32
N LYS A 196 27.34 23.70 -6.08
CA LYS A 196 26.46 24.66 -5.44
C LYS A 196 25.40 23.95 -4.62
N LEU A 197 24.86 22.84 -5.14
CA LEU A 197 23.84 22.10 -4.38
C LEU A 197 24.42 21.60 -3.06
N ALA A 198 25.67 21.15 -3.07
CA ALA A 198 26.28 20.65 -1.85
C ALA A 198 26.32 21.72 -0.76
N GLU A 199 26.65 22.96 -1.15
CA GLU A 199 26.65 24.06 -0.18
C GLU A 199 25.25 24.35 0.32
N ILE A 200 24.26 24.29 -0.57
CA ILE A 200 22.88 24.58 -0.19
C ILE A 200 22.39 23.57 0.83
N TYR A 201 22.67 22.28 0.60
CA TYR A 201 22.29 21.26 1.58
C TYR A 201 22.91 21.56 2.93
N ARG A 202 24.20 21.92 2.97
CA ARG A 202 24.82 22.20 4.26
C ARG A 202 24.15 23.40 4.93
N GLU A 203 23.87 24.44 4.16
CA GLU A 203 23.20 25.63 4.69
C GLU A 203 21.84 25.28 5.28
N ALA A 204 21.18 24.29 4.69
CA ALA A 204 19.86 23.85 5.14
C ALA A 204 19.93 23.02 6.41
N GLY A 205 21.12 22.60 6.82
CA GLY A 205 21.28 21.82 8.02
C GLY A 205 21.59 20.35 7.78
N LEU A 206 21.88 19.94 6.56
CA LEU A 206 22.19 18.55 6.32
C LEU A 206 23.48 18.20 7.07
N PRO A 207 23.52 17.09 7.83
CA PRO A 207 24.75 16.78 8.56
C PRO A 207 25.92 16.61 7.61
N ASP A 208 27.11 17.01 8.08
CA ASP A 208 28.32 16.88 7.28
C ASP A 208 28.53 15.42 6.85
N GLY A 209 28.86 15.23 5.58
CA GLY A 209 29.11 13.92 5.03
C GLY A 209 27.91 13.29 4.34
N VAL A 210 26.71 13.82 4.55
CA VAL A 210 25.51 13.17 4.00
C VAL A 210 25.40 13.41 2.49
N PHE A 211 25.90 14.54 1.98
CA PHE A 211 25.97 14.77 0.53
C PHE A 211 27.35 15.31 0.19
N ASN A 212 28.19 14.43 -0.34
CA ASN A 212 29.52 14.75 -0.83
C ASN A 212 29.52 14.75 -2.35
N VAL A 213 30.32 15.64 -2.94
CA VAL A 213 30.36 15.80 -4.39
C VAL A 213 31.80 15.66 -4.84
N LEU A 214 32.05 14.73 -5.77
CA LEU A 214 33.38 14.41 -6.26
C LEU A 214 33.42 14.59 -7.76
N PRO A 215 33.77 15.78 -8.26
CA PRO A 215 34.01 15.93 -9.70
C PRO A 215 35.17 15.04 -10.11
N GLY A 216 35.16 14.68 -11.38
CA GLY A 216 36.22 13.87 -11.97
C GLY A 216 35.74 13.25 -13.27
N ILE A 217 36.62 12.48 -13.88
CA ILE A 217 36.28 11.86 -15.16
C ILE A 217 35.78 10.44 -14.91
N GLY A 218 34.94 9.95 -15.83
CA GLY A 218 34.27 8.67 -15.62
C GLY A 218 35.23 7.51 -15.48
N ALA A 219 36.26 7.49 -16.31
CA ALA A 219 37.22 6.39 -16.31
C ALA A 219 37.95 6.28 -14.98
N GLU A 220 38.02 7.34 -14.17
CA GLU A 220 38.70 7.26 -12.88
C GLU A 220 37.74 7.45 -11.71
N THR A 221 37.24 8.66 -11.50
CA THR A 221 36.44 8.89 -10.30
C THR A 221 35.20 8.02 -10.32
N GLY A 222 34.53 7.96 -11.46
CA GLY A 222 33.34 7.14 -11.56
C GLY A 222 33.62 5.68 -11.28
N GLN A 223 34.70 5.15 -11.85
CA GLN A 223 35.06 3.76 -11.65
C GLN A 223 35.42 3.47 -10.20
N TYR A 224 36.14 4.38 -9.56
CA TYR A 224 36.49 4.17 -8.16
C TYR A 224 35.24 4.05 -7.30
N LEU A 225 34.20 4.83 -7.63
CA LEU A 225 32.97 4.73 -6.86
C LEU A 225 32.30 3.38 -7.08
N THR A 226 32.24 2.92 -8.34
CA THR A 226 31.58 1.67 -8.65
C THR A 226 32.31 0.47 -8.06
N GLU A 227 33.62 0.61 -7.81
CA GLU A 227 34.41 -0.48 -7.29
C GLU A 227 34.49 -0.50 -5.76
N HIS A 228 34.12 0.60 -5.10
CA HIS A 228 34.40 0.70 -3.68
C HIS A 228 33.58 -0.30 -2.89
N PRO A 229 34.19 -1.00 -1.92
CA PRO A 229 33.47 -2.10 -1.26
C PRO A 229 32.39 -1.67 -0.27
N ASP A 230 32.37 -0.41 0.17
CA ASP A 230 31.46 0.05 1.22
C ASP A 230 30.32 0.93 0.69
N ILE A 231 30.17 1.02 -0.62
CA ILE A 231 29.06 1.72 -1.26
C ILE A 231 28.02 0.67 -1.61
N ALA A 232 26.78 0.87 -1.15
CA ALA A 232 25.78 -0.17 -1.23
C ALA A 232 24.94 -0.12 -2.49
N LYS A 233 24.91 1.00 -3.19
CA LYS A 233 24.06 1.14 -4.37
C LYS A 233 24.66 2.19 -5.29
N ILE A 234 24.54 1.96 -6.59
CA ILE A 234 24.96 2.92 -7.61
C ILE A 234 23.72 3.30 -8.41
N SER A 235 23.50 4.61 -8.56
CA SER A 235 22.46 5.11 -9.44
C SER A 235 23.10 5.92 -10.55
N PHE A 236 22.89 5.50 -11.80
CA PHE A 236 23.57 6.04 -12.98
C PHE A 236 22.58 6.57 -14.01
N THR A 237 22.87 7.74 -14.53
CA THR A 237 22.18 8.31 -15.67
C THR A 237 23.19 8.60 -16.75
N GLY A 238 22.89 8.18 -17.98
CA GLY A 238 23.82 8.36 -19.07
C GLY A 238 23.40 7.52 -20.26
N GLY A 239 24.36 7.21 -21.11
CA GLY A 239 24.03 6.51 -22.32
C GLY A 239 23.89 5.02 -22.12
N VAL A 240 23.17 4.39 -23.05
CA VAL A 240 22.92 2.96 -22.95
C VAL A 240 24.24 2.21 -22.84
N ALA A 241 25.23 2.59 -23.67
CA ALA A 241 26.51 1.89 -23.69
C ALA A 241 27.25 2.04 -22.36
N SER A 242 27.48 3.29 -21.94
CA SER A 242 28.18 3.53 -20.68
C SER A 242 27.44 2.85 -19.52
N GLY A 243 26.11 2.79 -19.60
CA GLY A 243 25.35 2.12 -18.55
C GLY A 243 25.76 0.67 -18.37
N LYS A 244 25.87 -0.08 -19.47
CA LYS A 244 26.26 -1.48 -19.39
C LYS A 244 27.60 -1.65 -18.68
N LYS A 245 28.56 -0.77 -18.95
CA LYS A 245 29.86 -0.89 -18.30
C LYS A 245 29.77 -0.66 -16.80
N VAL A 246 29.07 0.41 -16.39
CA VAL A 246 28.93 0.70 -14.97
C VAL A 246 28.26 -0.46 -14.24
N MET A 247 27.19 -1.01 -14.83
CA MET A 247 26.46 -2.08 -14.16
C MET A 247 27.35 -3.31 -14.00
N ALA A 248 28.18 -3.58 -15.00
CA ALA A 248 29.11 -4.72 -14.90
C ALA A 248 30.09 -4.52 -13.75
N ASN A 249 30.74 -3.35 -13.70
CA ASN A 249 31.79 -3.15 -12.70
C ASN A 249 31.22 -3.12 -11.29
N SER A 250 29.98 -2.63 -11.14
CA SER A 250 29.36 -2.62 -9.82
C SER A 250 29.09 -4.03 -9.33
N ALA A 251 28.74 -4.93 -10.23
CA ALA A 251 28.47 -6.31 -9.85
C ALA A 251 29.77 -7.05 -9.54
N ALA A 252 30.75 -6.96 -10.43
CA ALA A 252 31.99 -7.70 -10.27
C ALA A 252 32.73 -7.32 -8.98
N SER A 253 32.60 -6.06 -8.54
CA SER A 253 33.38 -5.62 -7.40
C SER A 253 32.77 -6.06 -6.07
N SER A 254 31.54 -5.59 -5.76
CA SER A 254 30.95 -5.87 -4.45
CA SER A 254 30.95 -5.85 -4.45
C SER A 254 29.45 -6.16 -4.51
N LEU A 255 28.90 -6.51 -5.67
CA LEU A 255 27.48 -6.85 -5.80
C LEU A 255 26.56 -5.72 -5.30
N LYS A 256 26.70 -4.55 -5.89
CA LYS A 256 25.89 -3.41 -5.47
C LYS A 256 24.49 -3.45 -6.09
N GLU A 257 23.50 -2.93 -5.37
CA GLU A 257 22.22 -2.64 -6.01
C GLU A 257 22.44 -1.55 -7.05
N VAL A 258 21.62 -1.56 -8.09
CA VAL A 258 21.84 -0.70 -9.25
C VAL A 258 20.53 -0.11 -9.74
N THR A 259 20.58 1.15 -10.14
CA THR A 259 19.52 1.82 -10.89
C THR A 259 20.18 2.46 -12.09
N MET A 260 19.55 2.36 -13.25
CA MET A 260 20.10 2.94 -14.47
C MET A 260 18.99 3.64 -15.24
N GLU A 261 19.21 4.90 -15.57
CA GLU A 261 18.30 5.69 -16.42
C GLU A 261 19.10 6.02 -17.68
N LEU A 262 18.81 5.34 -18.77
CA LEU A 262 19.60 5.42 -20.00
C LEU A 262 18.79 6.12 -21.09
N GLY A 263 19.31 6.08 -22.31
CA GLY A 263 18.68 6.75 -23.44
C GLY A 263 17.54 5.96 -24.07
N GLY A 264 17.04 6.49 -25.17
CA GLY A 264 15.97 5.80 -25.86
C GLY A 264 15.87 6.19 -27.32
N LYS A 265 14.93 5.53 -28.01
CA LYS A 265 14.48 5.97 -29.32
C LYS A 265 12.95 5.93 -29.27
N SER A 266 12.37 6.88 -28.59
CA SER A 266 10.96 6.75 -28.18
C SER A 266 10.03 7.11 -29.33
N PRO A 267 8.94 6.35 -29.54
CA PRO A 267 8.02 6.65 -30.65
C PRO A 267 6.90 7.58 -30.24
N LEU A 268 6.56 8.49 -31.14
CA LEU A 268 5.40 9.35 -31.03
C LEU A 268 4.44 8.91 -32.14
N ILE A 269 3.29 8.38 -31.74
CA ILE A 269 2.32 7.84 -32.70
C ILE A 269 1.21 8.87 -32.91
N ILE A 270 1.09 9.38 -34.13
CA ILE A 270 0.02 10.30 -34.49
C ILE A 270 -1.11 9.47 -35.12
N ALA A 271 -2.27 9.48 -34.49
CA ALA A 271 -3.40 8.70 -35.00
C ALA A 271 -4.08 9.40 -36.17
N GLU A 272 -4.85 8.62 -36.94
CA GLU A 272 -5.53 9.18 -38.10
C GLU A 272 -6.55 10.24 -37.74
N ASP A 273 -7.04 10.27 -36.49
CA ASP A 273 -8.03 11.25 -36.09
C ASP A 273 -7.43 12.42 -35.31
N ALA A 274 -6.10 12.54 -35.29
CA ALA A 274 -5.46 13.61 -34.55
C ALA A 274 -5.57 14.93 -35.31
N ASN A 275 -5.71 16.01 -34.55
CA ASN A 275 -5.51 17.35 -35.08
C ASN A 275 -4.00 17.56 -35.36
N LEU A 276 -3.66 17.95 -36.59
CA LEU A 276 -2.25 17.97 -36.98
C LEU A 276 -1.47 19.16 -36.41
N ASP A 277 -2.15 20.26 -36.06
CA ASP A 277 -1.46 21.32 -35.33
C ASP A 277 -1.05 20.85 -33.94
N LEU A 278 -1.93 20.14 -33.22
CA LEU A 278 -1.55 19.57 -31.93
C LEU A 278 -0.43 18.54 -32.10
N ALA A 279 -0.56 17.65 -33.07
CA ALA A 279 0.45 16.63 -33.30
C ALA A 279 1.80 17.26 -33.63
N ALA A 280 1.80 18.30 -34.47
CA ALA A 280 3.04 18.97 -34.81
C ALA A 280 3.65 19.66 -33.61
N ASP A 281 2.81 20.31 -32.77
CA ASP A 281 3.31 20.98 -31.57
C ASP A 281 3.94 19.97 -30.62
N ILE A 282 3.32 18.81 -30.43
CA ILE A 282 3.89 17.76 -29.57
C ILE A 282 5.19 17.24 -30.17
N ALA A 283 5.23 16.99 -31.47
CA ALA A 283 6.46 16.48 -32.08
C ALA A 283 7.60 17.46 -31.90
N MET A 284 7.33 18.76 -32.03
CA MET A 284 8.37 19.77 -31.85
C MET A 284 8.93 19.74 -30.44
N MET A 285 8.05 19.74 -29.45
CA MET A 285 8.48 19.72 -28.06
C MET A 285 9.15 18.39 -27.70
N ALA A 286 8.85 17.33 -28.44
CA ALA A 286 9.42 16.01 -28.22
C ALA A 286 10.78 15.82 -28.89
N ASN A 287 11.23 16.79 -29.68
CA ASN A 287 12.45 16.65 -30.46
C ASN A 287 13.44 17.79 -30.29
N PHE A 288 12.99 19.01 -30.03
CA PHE A 288 13.90 20.16 -30.08
C PHE A 288 14.09 20.90 -28.77
N TYR A 289 13.52 20.44 -27.67
CA TYR A 289 13.80 21.00 -26.37
C TYR A 289 15.23 20.62 -25.95
N SER A 290 15.91 21.54 -25.27
CA SER A 290 17.31 21.33 -24.89
C SER A 290 18.14 20.91 -26.10
N SER A 291 17.84 21.52 -27.25
CA SER A 291 18.57 21.25 -28.49
C SER A 291 18.59 19.76 -28.81
N GLY A 292 17.53 19.03 -28.41
CA GLY A 292 17.42 17.62 -28.71
C GLY A 292 18.22 16.71 -27.80
N GLN A 293 18.75 17.21 -26.70
CA GLN A 293 19.61 16.44 -25.81
C GLN A 293 18.83 15.95 -24.58
N VAL A 294 17.78 15.19 -24.84
CA VAL A 294 16.86 14.69 -23.81
C VAL A 294 16.64 13.20 -24.05
N CYS A 295 16.80 12.39 -22.99
CA CYS A 295 16.74 10.94 -23.15
C CYS A 295 15.37 10.47 -23.64
N THR A 296 14.30 11.15 -23.21
CA THR A 296 12.91 10.76 -23.48
C THR A 296 12.36 11.29 -24.81
N ASN A 297 13.19 11.92 -25.63
CA ASN A 297 12.65 12.59 -26.82
C ASN A 297 12.00 11.61 -27.78
N GLY A 298 10.90 12.05 -28.40
CA GLY A 298 10.12 11.27 -29.33
C GLY A 298 10.68 11.37 -30.73
N THR A 299 11.80 10.69 -30.96
CA THR A 299 12.61 10.90 -32.16
C THR A 299 12.20 10.04 -33.33
N ARG A 300 11.27 9.11 -33.15
CA ARG A 300 10.61 8.41 -34.25
C ARG A 300 9.16 8.86 -34.25
N VAL A 301 8.78 9.69 -35.22
CA VAL A 301 7.43 10.24 -35.30
C VAL A 301 6.68 9.50 -36.39
N PHE A 302 5.68 8.72 -35.99
CA PHE A 302 4.89 7.93 -36.91
C PHE A 302 3.64 8.71 -37.29
N VAL A 303 3.47 8.96 -38.59
CA VAL A 303 2.33 9.72 -39.09
C VAL A 303 1.60 8.90 -40.14
N PRO A 304 0.26 8.91 -40.17
CA PRO A 304 -0.45 8.20 -41.22
C PRO A 304 -0.05 8.69 -42.61
N ALA A 305 0.06 7.76 -43.56
CA ALA A 305 0.45 8.11 -44.91
C ALA A 305 -0.45 9.21 -45.49
N LYS A 306 -1.76 9.12 -45.23
CA LYS A 306 -2.68 10.09 -45.80
C LYS A 306 -2.47 11.49 -45.26
N PHE A 307 -1.82 11.64 -44.10
CA PHE A 307 -1.57 12.95 -43.51
C PHE A 307 -0.11 13.39 -43.56
N LYS A 308 0.77 12.56 -44.14
CA LYS A 308 2.21 12.80 -44.00
C LYS A 308 2.62 14.12 -44.63
N ALA A 309 2.13 14.41 -45.83
CA ALA A 309 2.54 15.62 -46.54
C ALA A 309 2.13 16.86 -45.76
N GLU A 310 0.88 16.88 -45.29
CA GLU A 310 0.42 18.04 -44.51
C GLU A 310 1.18 18.17 -43.19
N PHE A 311 1.47 17.05 -42.53
CA PHE A 311 2.24 17.10 -41.29
C PHE A 311 3.65 17.65 -41.55
N GLU A 312 4.29 17.22 -42.63
CA GLU A 312 5.61 17.76 -42.97
C GLU A 312 5.57 19.27 -43.13
N HIS A 313 4.54 19.80 -43.81
N HIS A 313 4.54 19.80 -43.82
CA HIS A 313 4.42 21.24 -43.97
CA HIS A 313 4.43 21.24 -43.95
C HIS A 313 4.27 21.94 -42.61
C HIS A 313 4.30 21.93 -42.60
N LYS A 314 3.49 21.37 -41.71
CA LYS A 314 3.34 21.97 -40.39
C LYS A 314 4.62 21.92 -39.57
N ILE A 315 5.41 20.86 -39.72
CA ILE A 315 6.71 20.80 -39.05
C ILE A 315 7.66 21.86 -39.61
N LEU A 316 7.72 21.99 -40.95
CA LEU A 316 8.60 23.00 -41.54
C LEU A 316 8.27 24.39 -41.04
N GLU A 317 6.99 24.71 -40.95
CA GLU A 317 6.59 26.03 -40.46
C GLU A 317 7.04 26.24 -39.03
N ARG A 318 6.91 25.23 -38.18
CA ARG A 318 7.30 25.43 -36.78
C ARG A 318 8.82 25.46 -36.62
N VAL A 319 9.54 24.64 -37.38
CA VAL A 319 11.01 24.63 -37.29
C VAL A 319 11.55 26.00 -37.70
N GLY A 320 10.92 26.63 -38.70
CA GLY A 320 11.34 27.94 -39.12
C GLY A 320 11.25 28.98 -38.04
N ARG A 321 10.46 28.71 -37.00
CA ARG A 321 10.30 29.63 -35.90
C ARG A 321 11.35 29.51 -34.81
N ILE A 322 12.13 28.42 -34.82
CA ILE A 322 13.08 28.18 -33.73
C ILE A 322 14.06 29.34 -33.68
N ARG A 323 14.36 29.82 -32.47
CA ARG A 323 15.16 31.04 -32.26
C ARG A 323 16.46 30.69 -31.55
N ALA A 324 17.52 30.49 -32.32
CA ALA A 324 18.86 30.37 -31.78
C ALA A 324 19.43 31.76 -31.55
N GLY A 325 20.23 31.90 -30.50
CA GLY A 325 20.86 33.18 -30.22
C GLY A 325 21.37 33.23 -28.79
N ASP A 326 21.49 34.46 -28.29
CA ASP A 326 21.96 34.72 -26.93
C ASP A 326 21.20 33.90 -25.90
N LEU A 327 21.91 33.06 -25.16
CA LEU A 327 21.24 32.11 -24.27
C LEU A 327 20.56 32.79 -23.08
N PHE A 328 20.88 34.04 -22.79
CA PHE A 328 20.23 34.74 -21.69
C PHE A 328 19.10 35.63 -22.15
N ALA A 329 18.88 35.76 -23.45
CA ALA A 329 17.76 36.54 -23.98
C ALA A 329 16.47 35.75 -23.84
N ASP A 330 15.39 36.47 -23.52
CA ASP A 330 14.11 35.84 -23.25
C ASP A 330 13.60 35.05 -24.45
N ASP A 331 13.78 35.56 -25.67
CA ASP A 331 13.17 34.91 -26.81
C ASP A 331 14.03 33.77 -27.39
N THR A 332 15.24 33.55 -26.89
CA THR A 332 16.01 32.40 -27.33
C THR A 332 15.40 31.11 -26.82
N ASN A 333 15.16 30.13 -27.70
CA ASN A 333 14.62 28.84 -27.28
C ASN A 333 15.41 27.66 -27.85
N PHE A 334 16.63 27.91 -28.32
CA PHE A 334 17.45 26.84 -28.90
C PHE A 334 18.90 27.19 -28.67
N GLY A 335 19.67 26.21 -28.21
CA GLY A 335 21.05 26.42 -27.86
C GLY A 335 22.03 25.56 -28.63
N PRO A 336 23.31 25.76 -28.37
CA PRO A 336 24.32 24.86 -28.95
C PRO A 336 24.27 23.51 -28.26
N LEU A 337 24.87 22.52 -28.90
CA LEU A 337 25.07 21.27 -28.20
C LEU A 337 26.15 21.47 -27.13
N VAL A 338 26.21 20.51 -26.21
CA VAL A 338 27.04 20.71 -25.03
C VAL A 338 28.52 20.78 -25.35
N SER A 339 28.96 20.21 -26.48
CA SER A 339 30.39 20.20 -26.78
C SER A 339 30.62 19.92 -28.26
N PHE A 340 31.86 20.23 -28.72
CA PHE A 340 32.22 20.02 -30.11
C PHE A 340 32.28 18.53 -30.44
N PRO A 341 32.84 17.67 -29.58
CA PRO A 341 32.75 16.23 -29.86
C PRO A 341 31.33 15.70 -29.95
N HIS A 342 30.43 16.18 -29.10
CA HIS A 342 29.06 15.70 -29.22
C HIS A 342 28.43 16.15 -30.53
N ARG A 343 28.67 17.39 -30.95
CA ARG A 343 28.14 17.83 -32.24
C ARG A 343 28.71 16.99 -33.38
N GLN A 344 30.00 16.65 -33.30
CA GLN A 344 30.59 15.82 -34.36
C GLN A 344 29.79 14.53 -34.52
N ASN A 345 29.40 13.92 -33.40
CA ASN A 345 28.64 12.69 -33.47
C ASN A 345 27.26 12.92 -34.09
N VAL A 346 26.59 14.00 -33.72
CA VAL A 346 25.29 14.31 -34.31
C VAL A 346 25.45 14.56 -35.81
N LEU A 347 26.52 15.27 -36.21
CA LEU A 347 26.74 15.52 -37.62
C LEU A 347 26.94 14.21 -38.38
N ARG A 348 27.64 13.23 -37.77
CA ARG A 348 27.84 11.96 -38.46
C ARG A 348 26.52 11.23 -38.68
N TYR A 349 25.63 11.29 -37.70
CA TYR A 349 24.31 10.69 -37.89
C TYR A 349 23.56 11.40 -39.01
N ILE A 350 23.65 12.73 -39.06
CA ILE A 350 22.96 13.45 -40.14
C ILE A 350 23.52 13.00 -41.49
N GLU A 351 24.84 12.86 -41.60
CA GLU A 351 25.40 12.41 -42.87
C GLU A 351 24.94 10.99 -43.21
N SER A 352 24.78 10.14 -42.19
CA SER A 352 24.26 8.79 -42.42
CA SER A 352 24.26 8.79 -42.43
C SER A 352 22.83 8.83 -42.95
N GLY A 353 22.00 9.71 -42.39
CA GLY A 353 20.65 9.86 -42.91
C GLY A 353 20.64 10.19 -44.39
N LYS A 354 21.48 11.14 -44.80
CA LYS A 354 21.54 11.51 -46.20
C LYS A 354 22.05 10.35 -47.05
N SER A 355 23.11 9.67 -46.62
CA SER A 355 23.66 8.64 -47.48
C SER A 355 22.77 7.41 -47.53
N GLU A 356 21.93 7.18 -46.53
CA GLU A 356 21.02 6.03 -46.56
C GLU A 356 19.69 6.34 -47.23
N GLY A 357 19.54 7.54 -47.80
CA GLY A 357 18.39 7.82 -48.62
C GLY A 357 17.21 8.47 -47.94
N ALA A 358 17.33 8.84 -46.68
CA ALA A 358 16.26 9.62 -46.05
C ALA A 358 16.22 11.00 -46.71
N ARG A 359 15.03 11.57 -46.76
CA ARG A 359 14.84 12.88 -47.38
C ARG A 359 15.01 13.95 -46.31
N LEU A 360 15.93 14.87 -46.55
CA LEU A 360 16.18 15.96 -45.62
C LEU A 360 15.10 17.01 -45.83
N LEU A 361 14.27 17.21 -44.79
CA LEU A 361 13.20 18.20 -44.88
C LEU A 361 13.71 19.59 -44.51
N CYS A 362 14.60 19.70 -43.53
CA CYS A 362 15.21 20.97 -43.17
C CYS A 362 16.42 20.73 -42.27
N GLY A 363 17.23 21.78 -42.14
CA GLY A 363 18.42 21.74 -41.31
C GLY A 363 19.53 20.89 -41.89
N GLY A 364 20.28 20.26 -40.99
CA GLY A 364 21.36 19.36 -41.36
C GLY A 364 22.77 19.91 -41.37
N ASP A 365 22.99 21.17 -41.00
CA ASP A 365 24.32 21.75 -41.05
C ASP A 365 24.63 22.48 -39.75
N VAL A 366 25.91 22.76 -39.53
CA VAL A 366 26.29 23.62 -38.44
C VAL A 366 25.75 25.03 -38.71
N LEU A 367 25.58 25.79 -37.63
CA LEU A 367 25.28 27.21 -37.75
C LEU A 367 26.59 27.97 -37.83
N LYS A 368 26.58 29.06 -38.61
CA LYS A 368 27.75 29.88 -38.87
C LYS A 368 27.44 31.35 -38.66
N GLY A 369 28.48 32.14 -38.42
CA GLY A 369 28.35 33.57 -38.28
C GLY A 369 28.57 34.05 -36.86
N GLU A 370 28.45 35.36 -36.70
CA GLU A 370 28.70 36.01 -35.42
C GLU A 370 27.79 35.42 -34.35
N GLY A 371 28.39 35.04 -33.23
CA GLY A 371 27.66 34.46 -32.13
C GLY A 371 27.48 32.96 -32.20
N PHE A 372 27.86 32.35 -33.32
CA PHE A 372 27.76 30.90 -33.49
C PHE A 372 29.09 30.22 -33.72
N ASP A 373 30.10 30.93 -34.22
CA ASP A 373 31.35 30.28 -34.61
C ASP A 373 32.08 29.66 -33.42
N ASN A 374 31.87 30.17 -32.21
CA ASN A 374 32.59 29.67 -31.05
C ASN A 374 31.82 28.61 -30.28
N GLY A 375 30.64 28.23 -30.73
CA GLY A 375 29.84 27.23 -30.07
C GLY A 375 29.53 26.07 -30.98
N ALA A 376 29.13 24.95 -30.39
CA ALA A 376 28.87 23.73 -31.16
C ALA A 376 27.40 23.67 -31.56
N TRP A 377 27.01 24.60 -32.43
CA TRP A 377 25.62 24.72 -32.88
C TRP A 377 25.35 23.83 -34.08
N VAL A 378 24.20 23.14 -34.04
CA VAL A 378 23.65 22.42 -35.19
C VAL A 378 22.22 22.89 -35.41
N ALA A 379 21.86 23.11 -36.67
CA ALA A 379 20.52 23.54 -37.02
C ALA A 379 19.51 22.45 -36.66
N PRO A 380 18.30 22.85 -36.26
CA PRO A 380 17.23 21.88 -36.09
C PRO A 380 16.99 21.11 -37.38
N THR A 381 17.00 19.79 -37.28
CA THR A 381 17.04 18.90 -38.44
C THR A 381 15.87 17.93 -38.44
N VAL A 382 15.24 17.78 -39.60
CA VAL A 382 14.13 16.87 -39.78
C VAL A 382 14.36 16.04 -41.03
N PHE A 383 14.31 14.71 -40.87
CA PHE A 383 14.33 13.76 -41.97
C PHE A 383 12.95 13.15 -42.14
N THR A 384 12.56 12.90 -43.38
CA THR A 384 11.33 12.18 -43.65
C THR A 384 11.60 11.11 -44.69
N ASP A 385 10.53 10.41 -45.08
CA ASP A 385 10.65 9.21 -45.90
C ASP A 385 11.56 8.20 -45.23
N CYS A 386 11.54 8.15 -43.91
CA CYS A 386 12.41 7.26 -43.17
C CYS A 386 11.87 5.83 -43.13
N THR A 387 12.79 4.88 -42.99
CA THR A 387 12.44 3.47 -42.89
C THR A 387 13.13 2.86 -41.68
N ASP A 388 12.56 1.73 -41.22
CA ASP A 388 12.94 1.17 -39.93
C ASP A 388 14.37 0.68 -39.89
N ASP A 389 15.00 0.46 -41.03
CA ASP A 389 16.36 -0.08 -41.10
C ASP A 389 17.44 1.00 -41.10
N MET A 390 17.07 2.27 -41.23
CA MET A 390 18.04 3.34 -41.29
C MET A 390 18.71 3.56 -39.94
N THR A 391 19.98 3.95 -40.00
CA THR A 391 20.74 4.16 -38.78
C THR A 391 20.12 5.27 -37.94
N ILE A 392 19.66 6.36 -38.57
CA ILE A 392 19.08 7.45 -37.79
C ILE A 392 17.78 7.03 -37.11
N VAL A 393 17.11 6.01 -37.64
CA VAL A 393 15.88 5.53 -37.03
C VAL A 393 16.16 4.53 -35.92
N ARG A 394 17.26 3.79 -36.02
CA ARG A 394 17.54 2.74 -35.04
C ARG A 394 18.30 3.22 -33.83
N GLU A 395 19.13 4.26 -33.96
CA GLU A 395 20.08 4.61 -32.92
C GLU A 395 19.76 5.97 -32.32
N GLU A 396 19.99 6.10 -31.02
CA GLU A 396 19.79 7.37 -30.34
C GLU A 396 20.86 8.36 -30.79
N ILE A 397 20.43 9.55 -31.22
CA ILE A 397 21.32 10.58 -31.73
C ILE A 397 21.70 11.59 -30.66
N PHE A 398 20.76 11.96 -29.81
CA PHE A 398 20.99 12.92 -28.72
C PHE A 398 21.35 14.30 -29.29
N GLY A 399 20.68 14.66 -30.38
CA GLY A 399 20.75 15.98 -30.94
C GLY A 399 19.42 16.29 -31.57
N PRO A 400 19.31 17.45 -32.18
CA PRO A 400 18.00 17.92 -32.70
C PRO A 400 17.73 17.35 -34.09
N VAL A 401 17.37 16.07 -34.14
CA VAL A 401 17.17 15.33 -35.40
C VAL A 401 15.89 14.50 -35.26
N MET A 402 14.82 14.94 -35.91
CA MET A 402 13.55 14.22 -35.94
C MET A 402 13.51 13.31 -37.17
N SER A 403 13.03 12.08 -36.98
CA SER A 403 12.76 11.15 -38.08
C SER A 403 11.25 10.92 -38.21
N ILE A 404 10.71 11.22 -39.38
CA ILE A 404 9.29 11.04 -39.69
C ILE A 404 9.12 9.77 -40.50
N LEU A 405 8.22 8.91 -40.05
CA LEU A 405 7.94 7.62 -40.66
C LEU A 405 6.45 7.51 -40.94
N SER A 406 6.10 7.09 -42.16
CA SER A 406 4.72 6.86 -42.53
CA SER A 406 4.71 6.87 -42.49
C SER A 406 4.27 5.46 -42.10
N TYR A 407 2.99 5.33 -41.80
CA TYR A 407 2.40 4.04 -41.48
C TYR A 407 0.97 3.98 -42.01
N ASP A 408 0.46 2.74 -42.09
CA ASP A 408 -0.87 2.49 -42.68
C ASP A 408 -1.92 2.06 -41.68
N ASP A 409 -1.59 1.22 -40.69
CA ASP A 409 -2.64 0.74 -39.78
C ASP A 409 -2.12 0.60 -38.35
N GLU A 410 -3.07 0.50 -37.44
CA GLU A 410 -2.75 0.54 -36.02
C GLU A 410 -1.90 -0.65 -35.60
N ALA A 411 -2.25 -1.86 -36.04
CA ALA A 411 -1.45 -3.03 -35.69
C ALA A 411 -0.01 -2.86 -36.14
N GLU A 412 0.18 -2.34 -37.35
CA GLU A 412 1.51 -2.12 -37.89
C GLU A 412 2.30 -1.13 -37.04
N VAL A 413 1.69 0.00 -36.68
CA VAL A 413 2.48 1.04 -36.01
C VAL A 413 2.91 0.58 -34.62
N ILE A 414 2.04 -0.16 -33.94
CA ILE A 414 2.40 -0.70 -32.63
C ILE A 414 3.59 -1.64 -32.76
N ARG A 415 3.54 -2.53 -33.76
CA ARG A 415 4.64 -3.44 -34.01
CA ARG A 415 4.64 -3.44 -34.01
C ARG A 415 5.94 -2.69 -34.23
N ARG A 416 5.91 -1.68 -35.10
CA ARG A 416 7.12 -0.94 -35.43
C ARG A 416 7.59 -0.08 -34.27
N ALA A 417 6.65 0.49 -33.52
CA ALA A 417 7.02 1.27 -32.34
C ALA A 417 7.78 0.41 -31.34
N ASN A 418 7.36 -0.86 -31.18
CA ASN A 418 7.95 -1.74 -30.21
C ASN A 418 9.18 -2.47 -30.70
N ALA A 419 9.46 -2.42 -32.00
CA ALA A 419 10.57 -3.19 -32.61
C ALA A 419 11.88 -2.42 -32.41
N THR A 420 12.32 -2.39 -31.16
CA THR A 420 13.53 -1.66 -30.78
C THR A 420 14.03 -2.28 -29.48
N GLU A 421 15.34 -2.20 -29.27
CA GLU A 421 15.92 -2.57 -28.00
C GLU A 421 15.70 -1.52 -26.93
N TYR A 422 15.39 -0.29 -27.33
CA TYR A 422 15.10 0.79 -26.40
C TYR A 422 13.67 0.65 -25.88
N GLY A 423 13.41 1.33 -24.76
CA GLY A 423 12.13 1.22 -24.07
C GLY A 423 11.77 2.37 -23.15
N LEU A 424 12.28 3.57 -23.38
CA LEU A 424 12.17 4.58 -22.35
C LEU A 424 10.76 5.20 -22.32
N ALA A 425 10.36 5.83 -23.42
CA ALA A 425 9.11 6.57 -23.45
C ALA A 425 8.37 6.27 -24.73
N ALA A 426 7.12 6.76 -24.77
CA ALA A 426 6.24 6.64 -25.93
C ALA A 426 5.08 7.60 -25.74
N GLY A 427 4.39 7.88 -26.83
CA GLY A 427 3.18 8.69 -26.75
C GLY A 427 2.28 8.49 -27.94
N VAL A 428 1.02 8.88 -27.76
CA VAL A 428 0.02 8.81 -28.81
C VAL A 428 -0.75 10.12 -28.83
N VAL A 429 -1.08 10.59 -30.03
CA VAL A 429 -1.95 11.75 -30.21
C VAL A 429 -3.25 11.27 -30.84
N THR A 430 -4.34 11.37 -30.08
CA THR A 430 -5.66 11.01 -30.57
C THR A 430 -6.72 11.56 -29.63
N PRO A 431 -7.85 12.04 -30.13
CA PRO A 431 -8.96 12.43 -29.26
C PRO A 431 -9.86 11.27 -28.85
N ASP A 432 -9.62 10.07 -29.38
CA ASP A 432 -10.53 8.96 -29.20
C ASP A 432 -10.17 8.22 -27.91
N LEU A 433 -11.18 8.02 -27.05
CA LEU A 433 -10.99 7.36 -25.77
C LEU A 433 -10.37 5.99 -25.94
N ASN A 434 -11.00 5.15 -26.74
CA ASN A 434 -10.56 3.76 -26.86
C ASN A 434 -9.18 3.67 -27.50
N ARG A 435 -8.95 4.46 -28.56
CA ARG A 435 -7.68 4.41 -29.26
C ARG A 435 -6.54 4.80 -28.34
N ALA A 436 -6.72 5.83 -27.51
CA ALA A 436 -5.63 6.31 -26.68
C ALA A 436 -5.18 5.23 -25.69
N HIS A 437 -6.14 4.68 -24.93
CA HIS A 437 -5.78 3.67 -23.93
C HIS A 437 -5.37 2.36 -24.60
N ARG A 438 -6.08 1.97 -25.65
CA ARG A 438 -5.79 0.70 -26.32
C ARG A 438 -4.37 0.68 -26.85
N ILE A 439 -3.95 1.75 -27.51
CA ILE A 439 -2.62 1.78 -28.08
C ILE A 439 -1.57 1.85 -26.98
N ILE A 440 -1.76 2.73 -26.00
CA ILE A 440 -0.75 2.93 -24.97
C ILE A 440 -0.49 1.64 -24.19
N HIS A 441 -1.55 0.85 -23.94
CA HIS A 441 -1.39 -0.37 -23.16
C HIS A 441 -0.50 -1.39 -23.86
N GLN A 442 -0.34 -1.29 -25.18
CA GLN A 442 0.47 -2.23 -25.95
C GLN A 442 1.90 -1.77 -26.18
N LEU A 443 2.25 -0.55 -25.83
CA LEU A 443 3.59 -0.03 -26.12
C LEU A 443 4.57 -0.45 -25.03
N GLU A 444 5.76 -0.84 -25.44
CA GLU A 444 6.77 -1.34 -24.52
C GLU A 444 7.70 -0.22 -24.08
N ALA A 445 7.17 0.66 -23.21
CA ALA A 445 7.91 1.78 -22.67
C ALA A 445 7.40 2.08 -21.27
N GLY A 446 8.29 2.64 -20.45
CA GLY A 446 8.00 2.92 -19.06
C GLY A 446 7.29 4.24 -18.84
N ILE A 447 7.38 5.16 -19.81
CA ILE A 447 6.89 6.53 -19.67
C ILE A 447 6.04 6.83 -20.88
N CYS A 448 4.72 6.97 -20.68
CA CYS A 448 3.78 7.09 -21.79
C CYS A 448 2.92 8.34 -21.65
N TRP A 449 2.87 9.12 -22.72
CA TRP A 449 2.15 10.39 -22.75
C TRP A 449 1.03 10.35 -23.79
N ILE A 450 -0.16 10.77 -23.36
CA ILE A 450 -1.32 10.87 -24.24
C ILE A 450 -1.61 12.33 -24.48
N ASN A 451 -1.50 12.76 -25.74
CA ASN A 451 -1.79 14.15 -26.16
C ASN A 451 -0.91 15.16 -25.44
N SER A 452 0.32 14.77 -25.17
CA SER A 452 1.30 15.66 -24.56
CA SER A 452 1.31 15.65 -24.54
C SER A 452 2.68 15.01 -24.72
N TRP A 453 3.69 15.65 -24.13
CA TRP A 453 5.03 15.08 -24.09
C TRP A 453 5.83 15.79 -22.99
N GLY A 454 6.62 15.02 -22.27
CA GLY A 454 7.73 15.54 -21.48
C GLY A 454 7.46 15.76 -20.01
N GLU A 455 6.20 15.90 -19.60
CA GLU A 455 5.94 16.22 -18.20
C GLU A 455 6.27 15.01 -17.33
N SER A 456 6.96 15.25 -16.22
CA SER A 456 7.48 14.18 -15.38
C SER A 456 7.21 14.54 -13.92
N PRO A 457 5.95 14.43 -13.48
CA PRO A 457 5.59 14.84 -12.13
C PRO A 457 6.34 14.06 -11.08
N ALA A 458 6.61 14.71 -9.93
CA ALA A 458 7.35 14.05 -8.87
C ALA A 458 6.69 12.75 -8.46
N GLU A 459 5.36 12.67 -8.56
CA GLU A 459 4.62 11.49 -8.14
C GLU A 459 4.76 10.32 -9.11
N MET A 460 5.22 10.57 -10.33
CA MET A 460 5.10 9.60 -11.40
C MET A 460 6.40 8.82 -11.57
N PRO A 461 6.44 7.53 -11.25
CA PRO A 461 7.68 6.77 -11.46
C PRO A 461 8.01 6.73 -12.95
N VAL A 462 9.31 6.94 -13.25
CA VAL A 462 9.79 7.02 -14.63
C VAL A 462 11.06 6.20 -14.78
N GLY A 463 11.15 5.47 -15.87
CA GLY A 463 12.33 4.70 -16.20
C GLY A 463 12.00 3.83 -17.39
N GLY A 464 13.00 3.05 -17.82
CA GLY A 464 12.93 2.39 -19.11
C GLY A 464 12.64 0.91 -19.02
N TYR A 465 11.96 0.42 -20.06
CA TYR A 465 11.92 -1.00 -20.39
C TYR A 465 13.19 -1.38 -21.16
N LYS A 466 13.49 -2.68 -21.18
CA LYS A 466 14.51 -3.26 -22.09
C LYS A 466 15.86 -2.57 -21.88
N HIS A 467 16.55 -2.13 -22.94
CA HIS A 467 17.91 -1.59 -22.79
C HIS A 467 17.92 -0.17 -22.25
N SER A 468 16.76 0.43 -22.01
CA SER A 468 16.72 1.82 -21.60
C SER A 468 16.84 2.02 -20.09
N GLY A 469 16.80 0.96 -19.29
CA GLY A 469 17.02 1.21 -17.88
C GLY A 469 16.78 0.02 -17.00
N ILE A 470 17.16 0.21 -15.74
CA ILE A 470 16.93 -0.69 -14.62
C ILE A 470 16.33 0.14 -13.50
N GLY A 471 15.21 -0.29 -12.96
CA GLY A 471 14.61 0.47 -11.87
C GLY A 471 13.94 1.74 -12.36
N ARG A 472 13.56 2.57 -11.39
CA ARG A 472 12.79 3.77 -11.65
C ARG A 472 13.30 4.89 -10.77
N GLU A 473 12.92 6.11 -11.16
CA GLU A 473 13.05 7.30 -10.36
C GLU A 473 11.69 7.95 -10.19
N ASN A 474 11.58 8.74 -9.12
CA ASN A 474 10.37 9.47 -8.71
C ASN A 474 9.25 8.52 -8.28
N GLY A 475 8.17 9.08 -7.73
CA GLY A 475 7.12 8.26 -7.16
C GLY A 475 7.47 7.68 -5.80
N VAL A 476 6.45 7.13 -5.12
CA VAL A 476 6.67 6.55 -3.80
CA VAL A 476 6.68 6.57 -3.80
C VAL A 476 7.61 5.36 -3.88
N MET A 477 7.58 4.62 -4.99
CA MET A 477 8.37 3.41 -5.08
C MET A 477 9.87 3.69 -5.03
N THR A 478 10.29 4.86 -5.51
CA THR A 478 11.72 5.15 -5.51
C THR A 478 12.20 5.51 -4.10
N LEU A 479 11.36 6.08 -3.26
CA LEU A 479 11.76 6.20 -1.86
C LEU A 479 12.02 4.82 -1.26
N GLN A 480 11.11 3.88 -1.53
CA GLN A 480 11.26 2.54 -1.00
C GLN A 480 12.50 1.85 -1.54
N SER A 481 12.82 2.07 -2.82
CA SER A 481 13.93 1.39 -3.47
C SER A 481 15.29 1.89 -2.97
N TYR A 482 15.32 2.97 -2.21
CA TYR A 482 16.52 3.39 -1.52
C TYR A 482 16.57 2.91 -0.08
N THR A 483 15.68 1.99 0.29
CA THR A 483 15.78 1.22 1.52
C THR A 483 15.96 -0.25 1.17
N GLN A 484 16.36 -1.03 2.17
CA GLN A 484 16.43 -2.47 2.06
C GLN A 484 15.58 -3.09 3.16
N VAL A 485 14.90 -4.17 2.84
CA VAL A 485 13.96 -4.81 3.76
C VAL A 485 14.70 -5.76 4.69
N LYS A 486 14.47 -5.61 5.99
CA LYS A 486 14.87 -6.59 6.98
C LYS A 486 13.60 -7.22 7.53
N SER A 487 13.50 -8.54 7.46
CA SER A 487 12.39 -9.28 8.04
C SER A 487 12.81 -9.87 9.37
N ILE A 488 11.98 -9.71 10.39
CA ILE A 488 12.28 -10.12 11.76
C ILE A 488 11.16 -11.04 12.24
N GLN A 489 11.51 -12.28 12.61
CA GLN A 489 10.53 -13.18 13.20
C GLN A 489 10.69 -13.20 14.71
N VAL A 490 9.61 -12.93 15.42
CA VAL A 490 9.55 -13.09 16.85
C VAL A 490 8.86 -14.44 17.11
N GLU A 491 9.62 -15.40 17.60
CA GLU A 491 9.08 -16.71 17.97
C GLU A 491 8.91 -16.74 19.49
N MET A 492 7.66 -16.69 19.94
CA MET A 492 7.34 -16.74 21.36
C MET A 492 6.99 -18.15 21.84
N GLY A 493 6.85 -19.11 20.94
CA GLY A 493 6.61 -20.48 21.36
C GLY A 493 7.93 -21.19 21.60
N PRO A 494 7.87 -22.38 22.20
CA PRO A 494 9.12 -23.11 22.49
C PRO A 494 9.73 -23.68 21.22
N PHE A 495 11.01 -23.40 21.02
CA PHE A 495 11.67 -23.87 19.81
C PHE A 495 11.93 -25.37 19.91
N GLN A 496 11.64 -26.09 18.84
CA GLN A 496 11.81 -27.53 18.80
C GLN A 496 12.96 -27.86 17.85
N SER A 497 13.95 -28.58 18.35
CA SER A 497 15.03 -29.11 17.54
C SER A 497 14.74 -30.58 17.25
N ILE A 498 15.09 -31.03 16.04
CA ILE A 498 14.95 -32.44 15.69
C ILE A 498 16.16 -33.27 16.04
N PHE A 499 17.22 -32.65 16.57
CA PHE A 499 18.40 -33.42 16.93
C PHE A 499 18.37 -33.73 18.43
N ARG B 12 -44.40 -28.85 -2.47
CA ARG B 12 -44.03 -27.75 -1.58
C ARG B 12 -42.77 -28.07 -0.78
N MET B 13 -42.06 -27.03 -0.36
CA MET B 13 -40.86 -27.26 0.42
C MET B 13 -41.23 -27.52 1.87
N ALA B 14 -40.31 -28.15 2.57
CA ALA B 14 -40.43 -28.34 4.00
C ALA B 14 -40.31 -27.01 4.72
N GLU B 15 -40.86 -26.96 5.93
CA GLU B 15 -40.75 -25.75 6.75
C GLU B 15 -39.28 -25.41 6.96
N GLN B 16 -38.92 -24.16 6.70
CA GLN B 16 -37.54 -23.72 6.79
C GLN B 16 -37.21 -23.25 8.20
N GLN B 17 -36.11 -23.75 8.75
CA GLN B 17 -35.70 -23.47 10.11
C GLN B 17 -34.55 -22.46 10.13
N LEU B 18 -34.18 -22.05 11.34
CA LEU B 18 -32.97 -21.24 11.50
C LEU B 18 -31.74 -22.11 11.32
N TYR B 19 -30.62 -21.47 11.03
CA TYR B 19 -29.34 -22.18 10.94
C TYR B 19 -28.41 -21.58 11.98
N ILE B 20 -28.16 -22.34 13.05
CA ILE B 20 -27.32 -21.90 14.17
C ILE B 20 -26.35 -23.00 14.53
N HIS B 21 -25.06 -22.67 14.54
CA HIS B 21 -23.99 -23.59 14.94
C HIS B 21 -23.96 -24.87 14.12
N GLY B 22 -24.01 -24.72 12.81
CA GLY B 22 -23.76 -25.84 11.91
C GLY B 22 -24.91 -26.79 11.73
N LYS B 23 -26.13 -26.39 12.06
CA LYS B 23 -27.28 -27.26 11.91
C LYS B 23 -28.55 -26.42 11.91
N PHE B 24 -29.59 -26.98 11.28
CA PHE B 24 -30.90 -26.36 11.36
C PHE B 24 -31.51 -26.57 12.73
N VAL B 25 -32.11 -25.52 13.28
CA VAL B 25 -32.71 -25.58 14.61
C VAL B 25 -34.02 -24.79 14.60
N ALA B 26 -34.95 -25.27 15.40
CA ALA B 26 -36.24 -24.60 15.51
C ALA B 26 -36.09 -23.24 16.18
N ALA B 27 -36.83 -22.26 15.67
CA ALA B 27 -36.94 -21.00 16.37
C ALA B 27 -37.79 -21.18 17.63
N THR B 28 -37.50 -20.36 18.65
CA THR B 28 -38.28 -20.33 19.89
C THR B 28 -39.25 -19.16 19.96
N SER B 29 -39.40 -18.41 18.88
CA SER B 29 -40.28 -17.26 18.86
C SER B 29 -41.74 -17.64 18.79
N GLY B 30 -42.04 -18.84 18.31
CA GLY B 30 -43.40 -19.22 18.02
C GLY B 30 -43.98 -18.55 16.80
N LYS B 31 -43.16 -17.91 15.96
CA LYS B 31 -43.66 -17.15 14.84
C LYS B 31 -43.09 -17.67 13.54
N THR B 32 -43.88 -17.58 12.47
CA THR B 32 -43.42 -17.96 11.14
C THR B 32 -43.94 -16.92 10.16
N PHE B 33 -43.40 -16.98 8.95
CA PHE B 33 -43.88 -16.15 7.85
C PHE B 33 -43.75 -16.97 6.57
N GLU B 34 -44.41 -16.51 5.52
CA GLU B 34 -44.45 -17.22 4.25
C GLU B 34 -43.70 -16.42 3.20
N THR B 35 -42.99 -17.14 2.34
CA THR B 35 -42.40 -16.53 1.14
C THR B 35 -43.21 -16.99 -0.06
N ILE B 36 -43.56 -16.04 -0.93
CA ILE B 36 -44.46 -16.25 -2.06
C ILE B 36 -43.66 -16.36 -3.35
N ASN B 37 -44.10 -17.22 -4.25
CA ASN B 37 -43.56 -17.30 -5.59
C ASN B 37 -44.20 -16.17 -6.39
N PRO B 38 -43.43 -15.16 -6.81
CA PRO B 38 -44.04 -14.00 -7.50
C PRO B 38 -44.54 -14.31 -8.88
N ALA B 39 -44.20 -15.46 -9.44
CA ALA B 39 -44.75 -15.80 -10.73
C ALA B 39 -46.13 -16.42 -10.64
N THR B 40 -46.50 -16.98 -9.50
CA THR B 40 -47.78 -17.68 -9.37
C THR B 40 -48.64 -17.19 -8.21
N GLY B 41 -48.10 -16.49 -7.24
CA GLY B 41 -48.84 -16.17 -6.04
C GLY B 41 -48.89 -17.29 -5.00
N GLU B 42 -48.37 -18.47 -5.32
CA GLU B 42 -48.37 -19.59 -4.39
C GLU B 42 -47.36 -19.40 -3.27
N VAL B 43 -47.62 -20.05 -2.14
CA VAL B 43 -46.67 -20.12 -1.03
C VAL B 43 -45.55 -21.09 -1.40
N LEU B 44 -44.32 -20.58 -1.45
CA LEU B 44 -43.14 -21.44 -1.62
C LEU B 44 -42.82 -22.21 -0.35
N ALA B 45 -42.83 -21.53 0.79
CA ALA B 45 -42.43 -22.17 2.02
C ALA B 45 -42.91 -21.35 3.21
N THR B 46 -43.12 -22.04 4.31
CA THR B 46 -43.26 -21.42 5.61
C THR B 46 -41.88 -21.39 6.25
N VAL B 47 -41.54 -20.25 6.83
CA VAL B 47 -40.19 -19.97 7.32
C VAL B 47 -40.31 -19.50 8.76
N GLN B 48 -39.49 -20.09 9.63
CA GLN B 48 -39.47 -19.70 11.04
C GLN B 48 -38.77 -18.36 11.24
N ALA B 49 -39.27 -17.57 12.18
CA ALA B 49 -38.73 -16.24 12.43
C ALA B 49 -37.94 -16.23 13.73
N ALA B 50 -36.71 -15.75 13.67
CA ALA B 50 -35.86 -15.74 14.86
C ALA B 50 -36.34 -14.67 15.82
N GLY B 51 -36.53 -15.04 17.09
CA GLY B 51 -36.86 -14.11 18.14
C GLY B 51 -35.63 -13.64 18.91
N ARG B 52 -35.89 -12.83 19.93
CA ARG B 52 -34.79 -12.24 20.72
C ARG B 52 -33.90 -13.34 21.30
N GLU B 53 -34.50 -14.37 21.89
CA GLU B 53 -33.67 -15.42 22.45
C GLU B 53 -32.92 -16.18 21.35
N ASP B 54 -33.52 -16.36 20.18
CA ASP B 54 -32.80 -17.02 19.09
C ASP B 54 -31.58 -16.21 18.67
N VAL B 55 -31.74 -14.89 18.61
CA VAL B 55 -30.61 -14.01 18.29
C VAL B 55 -29.51 -14.14 19.33
N ASP B 56 -29.88 -14.18 20.62
CA ASP B 56 -28.86 -14.33 21.67
C ASP B 56 -28.12 -15.65 21.52
N ARG B 57 -28.85 -16.71 21.19
CA ARG B 57 -28.22 -18.01 20.96
C ARG B 57 -27.27 -17.96 19.77
N ALA B 58 -27.68 -17.30 18.69
CA ALA B 58 -26.83 -17.19 17.52
C ALA B 58 -25.56 -16.40 17.82
N VAL B 59 -25.65 -15.37 18.66
CA VAL B 59 -24.46 -14.58 18.98
C VAL B 59 -23.49 -15.41 19.81
N LYS B 60 -23.98 -16.16 20.80
CA LYS B 60 -23.07 -16.98 21.59
C LYS B 60 -22.44 -18.08 20.74
N SER B 61 -23.21 -18.66 19.82
CA SER B 61 -22.66 -19.58 18.82
C SER B 61 -21.59 -18.90 17.97
N ALA B 62 -21.87 -17.70 17.47
CA ALA B 62 -20.89 -17.00 16.64
C ALA B 62 -19.63 -16.68 17.44
N GLN B 63 -19.78 -16.30 18.71
CA GLN B 63 -18.62 -15.99 19.53
C GLN B 63 -17.71 -17.20 19.66
N GLN B 64 -18.28 -18.37 19.83
CA GLN B 64 -17.50 -19.59 19.95
C GLN B 64 -16.82 -19.97 18.63
N GLY B 65 -17.58 -19.91 17.54
CA GLY B 65 -17.00 -20.25 16.25
C GLY B 65 -15.95 -19.27 15.81
N GLN B 66 -16.13 -17.98 16.13
CA GLN B 66 -15.15 -17.00 15.69
C GLN B 66 -13.78 -17.31 16.27
N LYS B 67 -13.73 -17.80 17.53
CA LYS B 67 -12.44 -18.08 18.15
C LYS B 67 -11.71 -19.23 17.46
N VAL B 68 -12.44 -20.28 17.09
CA VAL B 68 -11.82 -21.39 16.37
C VAL B 68 -11.29 -20.94 15.02
N TRP B 69 -12.11 -20.16 14.30
CA TRP B 69 -11.78 -19.70 12.96
C TRP B 69 -10.55 -18.80 12.95
N ALA B 70 -10.47 -17.86 13.90
CA ALA B 70 -9.37 -16.90 13.94
C ALA B 70 -8.07 -17.55 14.35
N ALA B 71 -8.15 -18.65 15.11
CA ALA B 71 -6.98 -19.37 15.57
C ALA B 71 -6.32 -20.19 14.48
N MET B 72 -7.05 -20.51 13.41
CA MET B 72 -6.47 -21.19 12.26
C MET B 72 -5.45 -20.29 11.57
N SER B 73 -4.61 -20.91 10.74
CA SER B 73 -3.71 -20.13 9.90
C SER B 73 -4.50 -19.41 8.81
N ALA B 74 -3.88 -18.39 8.24
CA ALA B 74 -4.52 -17.65 7.15
C ALA B 74 -4.81 -18.57 5.98
N MET B 75 -3.86 -19.43 5.61
CA MET B 75 -4.07 -20.30 4.46
C MET B 75 -5.09 -21.39 4.76
N ALA B 76 -5.21 -21.81 6.02
CA ALA B 76 -6.27 -22.75 6.38
C ALA B 76 -7.64 -22.14 6.14
N ARG B 77 -7.82 -20.86 6.51
CA ARG B 77 -9.07 -20.17 6.21
C ARG B 77 -9.25 -20.02 4.70
N SER B 78 -8.18 -19.69 4.00
CA SER B 78 -8.24 -19.53 2.56
CA SER B 78 -8.25 -19.52 2.56
C SER B 78 -8.74 -20.81 1.90
N ARG B 79 -8.22 -21.95 2.33
CA ARG B 79 -8.58 -23.21 1.71
C ARG B 79 -10.04 -23.56 1.94
N ILE B 80 -10.55 -23.27 3.14
CA ILE B 80 -11.94 -23.57 3.43
C ILE B 80 -12.87 -22.73 2.56
N LEU B 81 -12.60 -21.44 2.44
CA LEU B 81 -13.44 -20.61 1.59
C LEU B 81 -13.34 -21.05 0.12
N ARG B 82 -12.17 -21.50 -0.32
CA ARG B 82 -12.05 -21.99 -1.68
CA ARG B 82 -12.05 -21.98 -1.68
C ARG B 82 -12.86 -23.26 -1.90
N LYS B 83 -12.95 -24.12 -0.88
CA LYS B 83 -13.82 -25.28 -1.04
C LYS B 83 -15.29 -24.86 -1.17
N ALA B 84 -15.70 -23.82 -0.43
CA ALA B 84 -17.07 -23.32 -0.60
C ALA B 84 -17.29 -22.77 -2.00
N VAL B 85 -16.27 -22.09 -2.54
CA VAL B 85 -16.34 -21.65 -3.93
C VAL B 85 -16.57 -22.83 -4.85
N ASP B 86 -15.81 -23.91 -4.65
CA ASP B 86 -15.94 -25.05 -5.57
C ASP B 86 -17.36 -25.62 -5.52
N ILE B 87 -17.94 -25.70 -4.33
CA ILE B 87 -19.30 -26.22 -4.21
C ILE B 87 -20.29 -25.28 -4.88
N LEU B 88 -20.10 -23.97 -4.73
CA LEU B 88 -21.01 -23.01 -5.34
C LEU B 88 -20.96 -23.12 -6.86
N ARG B 89 -19.77 -23.37 -7.43
CA ARG B 89 -19.68 -23.56 -8.87
C ARG B 89 -20.45 -24.80 -9.32
N GLU B 90 -20.31 -25.90 -8.58
CA GLU B 90 -20.97 -27.14 -8.93
C GLU B 90 -22.48 -27.03 -8.84
N ARG B 91 -22.98 -26.31 -7.83
N ARG B 91 -22.97 -26.31 -7.82
CA ARG B 91 -24.40 -26.19 -7.57
CA ARG B 91 -24.40 -26.19 -7.56
C ARG B 91 -24.99 -24.91 -8.15
C ARG B 91 -24.98 -24.90 -8.14
N ASN B 92 -24.27 -24.27 -9.07
CA ASN B 92 -24.72 -22.99 -9.61
C ASN B 92 -26.14 -23.04 -10.14
N ASP B 93 -26.44 -24.02 -11.01
CA ASP B 93 -27.75 -24.07 -11.65
C ASP B 93 -28.86 -24.36 -10.64
N GLU B 94 -28.63 -25.29 -9.71
CA GLU B 94 -29.64 -25.59 -8.70
C GLU B 94 -29.93 -24.37 -7.83
N LEU B 95 -28.88 -23.68 -7.40
CA LEU B 95 -29.07 -22.49 -6.59
C LEU B 95 -29.77 -21.39 -7.40
N ALA B 96 -29.43 -21.25 -8.67
CA ALA B 96 -30.06 -20.25 -9.52
C ALA B 96 -31.56 -20.52 -9.67
N ARG B 97 -31.93 -21.78 -9.84
CA ARG B 97 -33.35 -22.12 -9.94
C ARG B 97 -34.11 -21.76 -8.68
N LEU B 98 -33.52 -22.02 -7.51
CA LEU B 98 -34.18 -21.64 -6.25
C LEU B 98 -34.29 -20.12 -6.14
N GLU B 99 -33.23 -19.39 -6.53
CA GLU B 99 -33.30 -17.93 -6.51
C GLU B 99 -34.39 -17.42 -7.44
N THR B 100 -34.54 -18.02 -8.63
CA THR B 100 -35.62 -17.63 -9.54
C THR B 100 -37.00 -17.87 -8.91
N LEU B 101 -37.18 -19.00 -8.24
CA LEU B 101 -38.45 -19.26 -7.57
C LEU B 101 -38.76 -18.22 -6.51
N ASP B 102 -37.75 -17.82 -5.74
CA ASP B 102 -37.94 -16.91 -4.62
C ASP B 102 -38.04 -15.45 -5.04
N THR B 103 -37.34 -15.04 -6.11
CA THR B 103 -37.26 -13.62 -6.47
C THR B 103 -38.08 -13.27 -7.71
N GLY B 104 -38.40 -14.24 -8.56
CA GLY B 104 -39.00 -13.95 -9.85
C GLY B 104 -38.02 -13.53 -10.92
N LYS B 105 -36.73 -13.51 -10.63
CA LYS B 105 -35.82 -13.15 -11.70
C LYS B 105 -35.62 -14.32 -12.65
N PRO B 106 -35.55 -14.05 -13.96
CA PRO B 106 -35.37 -15.14 -14.92
C PRO B 106 -34.11 -15.95 -14.63
N LEU B 107 -34.20 -17.26 -14.89
CA LEU B 107 -33.04 -18.14 -14.79
C LEU B 107 -31.92 -17.69 -15.72
N SER B 108 -32.28 -17.08 -16.87
CA SER B 108 -31.26 -16.54 -17.76
C SER B 108 -30.36 -15.54 -17.04
N GLU B 109 -30.89 -14.88 -16.01
CA GLU B 109 -30.09 -14.00 -15.17
C GLU B 109 -29.44 -14.76 -14.01
N THR B 110 -30.24 -15.49 -13.22
CA THR B 110 -29.73 -16.03 -11.96
C THR B 110 -28.64 -17.06 -12.18
N ALA B 111 -28.73 -17.85 -13.26
CA ALA B 111 -27.71 -18.85 -13.53
C ALA B 111 -26.43 -18.24 -14.08
N ALA B 112 -26.48 -17.00 -14.56
CA ALA B 112 -25.32 -16.36 -15.18
C ALA B 112 -24.67 -15.29 -14.30
N VAL B 113 -25.41 -14.75 -13.34
CA VAL B 113 -24.93 -13.60 -12.59
C VAL B 113 -24.88 -13.85 -11.08
N ASP B 114 -26.01 -14.25 -10.49
CA ASP B 114 -26.16 -14.16 -9.04
C ASP B 114 -25.13 -15.01 -8.30
N ILE B 115 -25.04 -16.30 -8.62
CA ILE B 115 -24.09 -17.14 -7.92
C ILE B 115 -22.70 -16.96 -8.53
N VAL B 116 -22.61 -16.75 -9.84
CA VAL B 116 -21.32 -16.58 -10.48
C VAL B 116 -20.54 -15.43 -9.85
N THR B 117 -21.17 -14.26 -9.74
CA THR B 117 -20.47 -13.11 -9.19
C THR B 117 -20.42 -13.15 -7.67
N GLY B 118 -21.39 -13.79 -7.01
CA GLY B 118 -21.26 -14.00 -5.58
C GLY B 118 -20.04 -14.85 -5.24
N ALA B 119 -19.88 -15.96 -5.95
CA ALA B 119 -18.74 -16.83 -5.76
C ALA B 119 -17.44 -16.17 -6.20
N ASP B 120 -17.48 -15.29 -7.22
CA ASP B 120 -16.29 -14.55 -7.64
C ASP B 120 -15.72 -13.73 -6.48
N VAL B 121 -16.60 -13.10 -5.70
CA VAL B 121 -16.15 -12.28 -4.57
C VAL B 121 -15.60 -13.16 -3.44
N LEU B 122 -16.26 -14.29 -3.16
CA LEU B 122 -15.74 -15.19 -2.15
C LEU B 122 -14.38 -15.72 -2.57
N GLU B 123 -14.24 -16.08 -3.84
CA GLU B 123 -12.99 -16.61 -4.37
C GLU B 123 -11.87 -15.56 -4.29
N TYR B 124 -12.20 -14.31 -4.65
CA TYR B 124 -11.26 -13.19 -4.54
C TYR B 124 -10.77 -13.01 -3.11
N TYR B 125 -11.67 -12.94 -2.13
CA TYR B 125 -11.23 -12.71 -0.76
C TYR B 125 -10.52 -13.93 -0.18
N ALA B 126 -10.88 -15.14 -0.58
CA ALA B 126 -10.15 -16.31 -0.09
C ALA B 126 -8.67 -16.17 -0.39
N GLY B 127 -8.35 -15.69 -1.58
CA GLY B 127 -6.95 -15.58 -1.95
C GLY B 127 -6.20 -14.45 -1.26
N LEU B 128 -6.93 -13.43 -0.79
CA LEU B 128 -6.30 -12.27 -0.18
C LEU B 128 -6.03 -12.43 1.30
N ILE B 129 -6.56 -13.46 1.95
CA ILE B 129 -6.38 -13.56 3.41
C ILE B 129 -4.92 -13.46 3.79
N PRO B 130 -3.97 -14.17 3.14
CA PRO B 130 -2.57 -14.11 3.57
C PRO B 130 -1.90 -12.78 3.34
N ALA B 131 -2.48 -11.91 2.51
CA ALA B 131 -1.88 -10.59 2.29
C ALA B 131 -2.37 -9.56 3.29
N LEU B 132 -3.26 -9.93 4.20
CA LEU B 132 -3.73 -8.98 5.21
C LEU B 132 -2.61 -8.74 6.21
N GLU B 133 -2.06 -7.52 6.21
CA GLU B 133 -0.87 -7.19 7.00
C GLU B 133 -1.09 -5.91 7.79
N GLY B 134 -0.47 -5.82 8.95
CA GLY B 134 -0.31 -4.57 9.67
C GLY B 134 0.93 -3.81 9.21
N SER B 135 1.31 -2.82 10.01
CA SER B 135 2.40 -1.92 9.68
CA SER B 135 2.41 -1.92 9.68
C SER B 135 3.43 -1.89 10.80
N GLN B 136 4.59 -1.31 10.48
CA GLN B 136 5.62 -1.07 11.48
C GLN B 136 6.20 0.32 11.20
N ILE B 137 6.36 1.09 12.26
CA ILE B 137 6.74 2.50 12.17
C ILE B 137 7.89 2.77 13.12
N PRO B 138 9.11 3.04 12.65
CA PRO B 138 10.19 3.41 13.57
C PRO B 138 9.99 4.84 14.05
N LEU B 139 10.07 5.03 15.37
CA LEU B 139 10.01 6.37 15.94
C LEU B 139 11.39 6.93 16.21
N ARG B 140 12.27 6.10 16.75
CA ARG B 140 13.62 6.48 17.13
C ARG B 140 14.33 5.16 17.42
N ASP B 141 15.65 5.23 17.62
CA ASP B 141 16.39 3.98 17.82
C ASP B 141 15.82 3.17 18.98
N SER B 142 15.24 3.81 20.00
CA SER B 142 14.80 3.12 21.20
C SER B 142 13.30 2.84 21.24
N SER B 143 12.58 3.11 20.16
CA SER B 143 11.14 2.84 20.20
C SER B 143 10.59 2.68 18.80
N PHE B 144 9.63 1.75 18.67
CA PHE B 144 8.93 1.55 17.40
C PHE B 144 7.49 1.16 17.71
N VAL B 145 6.66 1.32 16.69
CA VAL B 145 5.24 0.98 16.71
C VAL B 145 5.01 -0.12 15.69
N TYR B 146 4.15 -1.09 16.01
CA TYR B 146 3.64 -1.98 14.98
C TYR B 146 2.14 -2.10 15.16
N THR B 147 1.45 -2.43 14.07
CA THR B 147 0.00 -2.52 14.12
C THR B 147 -0.46 -3.92 13.75
N ARG B 148 -1.58 -4.30 14.34
CA ARG B 148 -2.27 -5.54 14.03
C ARG B 148 -3.64 -5.21 13.44
N ARG B 149 -4.05 -5.98 12.45
CA ARG B 149 -5.40 -5.90 11.88
CA ARG B 149 -5.40 -5.90 11.88
C ARG B 149 -6.17 -7.07 12.47
N GLU B 150 -6.91 -6.82 13.53
CA GLU B 150 -7.57 -7.85 14.28
C GLU B 150 -9.02 -7.98 13.84
N PRO B 151 -9.59 -9.17 13.95
CA PRO B 151 -11.02 -9.31 13.67
C PRO B 151 -11.86 -8.42 14.57
N LEU B 152 -13.01 -7.99 14.03
CA LEU B 152 -14.00 -7.29 14.86
C LEU B 152 -14.65 -8.23 15.86
N GLY B 153 -14.79 -9.52 15.51
CA GLY B 153 -15.49 -10.48 16.35
C GLY B 153 -16.71 -11.07 15.66
N VAL B 154 -17.90 -10.73 16.16
CA VAL B 154 -19.16 -11.11 15.54
C VAL B 154 -19.71 -9.90 14.82
N VAL B 155 -20.04 -10.07 13.54
CA VAL B 155 -20.62 -9.00 12.75
C VAL B 155 -21.96 -9.49 12.24
N ALA B 156 -22.82 -8.55 11.88
CA ALA B 156 -24.13 -8.92 11.35
C ALA B 156 -24.30 -8.37 9.95
N GLY B 157 -24.85 -9.18 9.05
CA GLY B 157 -25.27 -8.73 7.74
C GLY B 157 -26.78 -8.81 7.60
N ILE B 158 -27.36 -7.76 7.04
CA ILE B 158 -28.79 -7.68 6.77
C ILE B 158 -28.97 -7.51 5.26
N GLY B 159 -29.59 -8.49 4.64
CA GLY B 159 -29.65 -8.53 3.19
C GLY B 159 -30.94 -7.93 2.64
N ALA B 160 -30.91 -7.63 1.34
CA ALA B 160 -32.08 -7.15 0.61
C ALA B 160 -32.59 -8.27 -0.28
N TRP B 161 -33.72 -8.02 -0.94
CA TRP B 161 -34.41 -9.09 -1.63
C TRP B 161 -34.11 -9.17 -3.12
N ASN B 162 -33.38 -8.21 -3.69
CA ASN B 162 -33.24 -8.24 -5.15
C ASN B 162 -32.14 -9.20 -5.60
N TYR B 163 -31.05 -9.31 -4.84
CA TYR B 163 -29.96 -10.25 -5.15
C TYR B 163 -29.62 -11.05 -3.90
N PRO B 164 -30.51 -11.94 -3.47
CA PRO B 164 -30.36 -12.53 -2.12
C PRO B 164 -29.05 -13.26 -1.88
N ILE B 165 -28.70 -14.25 -2.71
CA ILE B 165 -27.49 -14.99 -2.39
C ILE B 165 -26.25 -14.17 -2.74
N GLN B 166 -26.31 -13.32 -3.78
CA GLN B 166 -25.15 -12.49 -4.09
C GLN B 166 -24.81 -11.57 -2.91
N ILE B 167 -25.84 -10.94 -2.32
CA ILE B 167 -25.62 -10.08 -1.16
C ILE B 167 -25.07 -10.88 0.01
N ALA B 168 -25.62 -12.07 0.25
CA ALA B 168 -25.11 -12.91 1.33
C ALA B 168 -23.63 -13.21 1.11
N LEU B 169 -23.22 -13.45 -0.14
CA LEU B 169 -21.81 -13.72 -0.40
C LEU B 169 -20.96 -12.46 -0.31
N TRP B 170 -21.43 -11.33 -0.85
CA TRP B 170 -20.64 -10.12 -0.82
C TRP B 170 -20.44 -9.61 0.60
N LYS B 171 -21.38 -9.90 1.51
CA LYS B 171 -21.16 -9.52 2.91
C LYS B 171 -20.34 -10.56 3.67
N SER B 172 -20.65 -11.86 3.50
CA SER B 172 -19.99 -12.86 4.33
C SER B 172 -18.55 -13.11 3.89
N ALA B 173 -18.25 -12.97 2.61
CA ALA B 173 -16.90 -13.28 2.13
C ALA B 173 -15.84 -12.41 2.80
N PRO B 174 -15.90 -11.09 2.73
CA PRO B 174 -14.87 -10.30 3.43
C PRO B 174 -14.94 -10.42 4.92
N ALA B 175 -16.15 -10.58 5.50
CA ALA B 175 -16.24 -10.71 6.95
C ALA B 175 -15.52 -11.98 7.42
N LEU B 176 -15.80 -13.10 6.76
CA LEU B 176 -15.14 -14.35 7.12
C LEU B 176 -13.65 -14.32 6.79
N ALA B 177 -13.28 -13.78 5.64
CA ALA B 177 -11.87 -13.76 5.26
C ALA B 177 -11.04 -12.95 6.25
N ALA B 178 -11.63 -11.95 6.89
CA ALA B 178 -10.96 -11.12 7.88
C ALA B 178 -10.95 -11.76 9.25
N GLY B 179 -11.49 -12.96 9.42
CA GLY B 179 -11.43 -13.66 10.68
C GLY B 179 -12.64 -13.50 11.58
N ASN B 180 -13.72 -12.93 11.08
CA ASN B 180 -14.94 -12.76 11.87
C ASN B 180 -15.91 -13.92 11.67
N ALA B 181 -16.89 -14.00 12.56
CA ALA B 181 -18.12 -14.74 12.32
C ALA B 181 -19.19 -13.74 11.90
N MET B 182 -20.09 -14.17 11.01
CA MET B 182 -21.18 -13.33 10.58
C MET B 182 -22.52 -14.01 10.86
N ILE B 183 -23.44 -13.27 11.44
CA ILE B 183 -24.85 -13.66 11.51
C ILE B 183 -25.55 -12.92 10.39
N PHE B 184 -26.20 -13.67 9.49
CA PHE B 184 -26.83 -13.07 8.32
C PHE B 184 -28.35 -13.15 8.44
N LYS B 185 -29.00 -12.02 8.24
CA LYS B 185 -30.46 -11.98 8.25
C LYS B 185 -30.93 -11.69 6.83
N PRO B 186 -31.41 -12.68 6.08
CA PRO B 186 -31.92 -12.40 4.73
C PRO B 186 -33.24 -11.64 4.78
N SER B 187 -33.59 -11.01 3.67
CA SER B 187 -34.90 -10.36 3.59
C SER B 187 -36.00 -11.39 3.80
N GLU B 188 -37.07 -10.95 4.47
CA GLU B 188 -38.26 -11.81 4.68
C GLU B 188 -38.92 -12.12 3.33
N VAL B 189 -38.67 -11.30 2.32
CA VAL B 189 -39.21 -11.60 0.99
C VAL B 189 -38.50 -12.79 0.36
N THR B 190 -37.21 -12.99 0.64
CA THR B 190 -36.38 -13.95 -0.08
C THR B 190 -35.40 -14.64 0.86
N PRO B 191 -35.90 -15.51 1.73
CA PRO B 191 -35.03 -16.14 2.72
C PRO B 191 -34.34 -17.43 2.31
N LEU B 192 -34.68 -18.03 1.17
CA LEU B 192 -34.35 -19.44 0.94
C LEU B 192 -32.88 -19.69 0.58
N THR B 193 -32.27 -18.88 -0.29
CA THR B 193 -30.92 -19.22 -0.72
C THR B 193 -29.88 -18.98 0.36
N ALA B 194 -30.14 -18.06 1.30
CA ALA B 194 -29.21 -17.84 2.39
C ALA B 194 -29.06 -19.09 3.27
N LEU B 195 -30.16 -19.81 3.49
CA LEU B 195 -30.08 -21.06 4.24
C LEU B 195 -29.29 -22.12 3.49
N LYS B 196 -29.45 -22.20 2.16
CA LYS B 196 -28.61 -23.10 1.37
C LYS B 196 -27.14 -22.73 1.47
N LEU B 197 -26.83 -21.43 1.45
CA LEU B 197 -25.43 -21.02 1.59
C LEU B 197 -24.83 -21.47 2.92
N ALA B 198 -25.60 -21.39 4.00
CA ALA B 198 -25.11 -21.84 5.31
C ALA B 198 -24.72 -23.30 5.28
N GLU B 199 -25.53 -24.15 4.64
CA GLU B 199 -25.16 -25.56 4.53
C GLU B 199 -23.90 -25.73 3.71
N ILE B 200 -23.75 -24.96 2.65
CA ILE B 200 -22.55 -25.07 1.81
C ILE B 200 -21.31 -24.70 2.59
N TYR B 201 -21.37 -23.61 3.35
CA TYR B 201 -20.21 -23.25 4.16
C TYR B 201 -19.84 -24.39 5.12
N ARG B 202 -20.83 -25.01 5.78
CA ARG B 202 -20.51 -26.09 6.72
C ARG B 202 -19.86 -27.27 5.98
N GLU B 203 -20.38 -27.60 4.80
CA GLU B 203 -19.82 -28.69 4.00
C GLU B 203 -18.38 -28.40 3.59
N ALA B 204 -18.03 -27.14 3.37
CA ALA B 204 -16.67 -26.78 2.99
C ALA B 204 -15.70 -26.83 4.16
N GLY B 205 -16.19 -26.93 5.39
CA GLY B 205 -15.35 -26.98 6.55
C GLY B 205 -15.37 -25.74 7.39
N LEU B 206 -16.29 -24.83 7.15
CA LEU B 206 -16.35 -23.63 7.99
C LEU B 206 -16.72 -24.08 9.40
N PRO B 207 -16.02 -23.60 10.42
CA PRO B 207 -16.34 -24.05 11.78
C PRO B 207 -17.77 -23.68 12.17
N ASP B 208 -18.38 -24.55 12.99
CA ASP B 208 -19.73 -24.29 13.45
C ASP B 208 -19.82 -22.93 14.14
N GLY B 209 -20.84 -22.16 13.80
CA GLY B 209 -21.07 -20.86 14.38
C GLY B 209 -20.52 -19.69 13.59
N VAL B 210 -19.67 -19.94 12.61
CA VAL B 210 -19.04 -18.83 11.91
C VAL B 210 -19.98 -18.16 10.91
N PHE B 211 -20.93 -18.89 10.33
CA PHE B 211 -21.96 -18.31 9.48
C PHE B 211 -23.31 -18.88 9.93
N ASN B 212 -24.05 -18.07 10.68
CA ASN B 212 -25.39 -18.40 11.14
C ASN B 212 -26.38 -17.56 10.35
N VAL B 213 -27.54 -18.14 10.07
CA VAL B 213 -28.57 -17.48 9.27
C VAL B 213 -29.88 -17.45 10.06
N LEU B 214 -30.46 -16.26 10.21
CA LEU B 214 -31.66 -16.03 10.99
C LEU B 214 -32.70 -15.36 10.11
N PRO B 215 -33.57 -16.13 9.47
CA PRO B 215 -34.71 -15.51 8.79
C PRO B 215 -35.61 -14.82 9.81
N GLY B 216 -36.34 -13.82 9.36
CA GLY B 216 -37.26 -13.10 10.22
C GLY B 216 -37.60 -11.75 9.61
N ILE B 217 -38.41 -10.98 10.34
CA ILE B 217 -38.86 -9.69 9.82
C ILE B 217 -37.95 -8.59 10.37
N GLY B 218 -37.86 -7.50 9.60
CA GLY B 218 -36.91 -6.45 9.94
C GLY B 218 -37.16 -5.83 11.30
N ALA B 219 -38.44 -5.55 11.59
CA ALA B 219 -38.80 -4.89 12.83
C ALA B 219 -38.49 -5.76 14.04
N GLU B 220 -38.34 -7.07 13.89
CA GLU B 220 -38.01 -7.92 15.02
C GLU B 220 -36.60 -8.50 14.88
N THR B 221 -36.37 -9.44 13.97
CA THR B 221 -35.05 -10.07 13.93
C THR B 221 -33.97 -9.07 13.56
N GLY B 222 -34.23 -8.25 12.55
CA GLY B 222 -33.22 -7.29 12.14
C GLY B 222 -32.87 -6.33 13.25
N GLN B 223 -33.91 -5.78 13.91
CA GLN B 223 -33.66 -4.84 14.99
C GLN B 223 -32.93 -5.50 16.14
N TYR B 224 -33.31 -6.74 16.48
CA TYR B 224 -32.63 -7.43 17.56
C TYR B 224 -31.14 -7.57 17.27
N LEU B 225 -30.77 -7.79 16.01
CA LEU B 225 -29.36 -7.86 15.65
C LEU B 225 -28.68 -6.51 15.79
N THR B 226 -29.33 -5.45 15.31
CA THR B 226 -28.71 -4.13 15.35
C THR B 226 -28.53 -3.63 16.77
N GLU B 227 -29.34 -4.11 17.71
CA GLU B 227 -29.32 -3.68 19.10
C GLU B 227 -28.40 -4.52 19.96
N HIS B 228 -27.94 -5.66 19.48
CA HIS B 228 -27.26 -6.61 20.37
C HIS B 228 -25.91 -6.04 20.83
N PRO B 229 -25.58 -6.15 22.12
CA PRO B 229 -24.35 -5.49 22.61
C PRO B 229 -23.06 -6.18 22.23
N ASP B 230 -23.10 -7.43 21.77
CA ASP B 230 -21.90 -8.21 21.47
C ASP B 230 -21.62 -8.35 19.97
N ILE B 231 -22.37 -7.64 19.14
CA ILE B 231 -22.14 -7.57 17.71
C ILE B 231 -21.37 -6.29 17.42
N ALA B 232 -20.22 -6.42 16.74
CA ALA B 232 -19.29 -5.31 16.59
C ALA B 232 -19.55 -4.47 15.34
N LYS B 233 -20.27 -5.00 14.36
CA LYS B 233 -20.46 -4.24 13.12
C LYS B 233 -21.73 -4.72 12.45
N ILE B 234 -22.44 -3.78 11.81
CA ILE B 234 -23.64 -4.13 11.04
C ILE B 234 -23.38 -3.71 9.60
N SER B 235 -23.63 -4.61 8.66
CA SER B 235 -23.60 -4.29 7.24
C SER B 235 -25.01 -4.46 6.67
N PHE B 236 -25.57 -3.39 6.13
CA PHE B 236 -26.98 -3.36 5.73
C PHE B 236 -27.10 -3.01 4.26
N THR B 237 -27.93 -3.77 3.55
CA THR B 237 -28.30 -3.44 2.17
C THR B 237 -29.82 -3.33 2.12
N GLY B 238 -30.31 -2.24 1.55
CA GLY B 238 -31.75 -2.04 1.53
C GLY B 238 -32.09 -0.62 1.12
N GLY B 239 -33.29 -0.18 1.51
CA GLY B 239 -33.77 1.10 1.08
C GLY B 239 -33.19 2.23 1.92
N VAL B 240 -33.13 3.42 1.30
CA VAL B 240 -32.53 4.59 1.95
C VAL B 240 -33.17 4.84 3.29
N ALA B 241 -34.49 4.73 3.38
CA ALA B 241 -35.19 5.01 4.64
C ALA B 241 -34.84 3.99 5.71
N SER B 242 -35.04 2.69 5.42
CA SER B 242 -34.75 1.66 6.41
C SER B 242 -33.29 1.74 6.86
N GLY B 243 -32.39 2.10 5.95
CA GLY B 243 -30.99 2.24 6.33
C GLY B 243 -30.80 3.28 7.42
N LYS B 244 -31.40 4.47 7.24
CA LYS B 244 -31.26 5.52 8.24
C LYS B 244 -31.70 5.02 9.61
N LYS B 245 -32.76 4.22 9.65
CA LYS B 245 -33.24 3.64 10.91
C LYS B 245 -32.27 2.62 11.49
N VAL B 246 -31.76 1.72 10.65
CA VAL B 246 -30.81 0.73 11.15
C VAL B 246 -29.60 1.45 11.75
N MET B 247 -29.08 2.45 11.04
CA MET B 247 -27.87 3.14 11.49
C MET B 247 -28.12 3.84 12.82
N ALA B 248 -29.30 4.44 12.98
CA ALA B 248 -29.64 5.11 14.23
C ALA B 248 -29.74 4.11 15.39
N ASN B 249 -30.46 3.00 15.18
CA ASN B 249 -30.65 2.01 16.24
C ASN B 249 -29.35 1.33 16.65
N SER B 250 -28.40 1.19 15.72
CA SER B 250 -27.11 0.60 16.05
C SER B 250 -26.32 1.49 17.00
N ALA B 251 -26.41 2.80 16.82
CA ALA B 251 -25.69 3.73 17.68
C ALA B 251 -26.28 3.75 19.09
N ALA B 252 -27.61 3.83 19.18
CA ALA B 252 -28.26 3.89 20.48
C ALA B 252 -27.92 2.67 21.33
N SER B 253 -27.67 1.52 20.71
CA SER B 253 -27.43 0.29 21.47
C SER B 253 -25.99 0.17 21.97
N SER B 254 -25.02 0.01 21.06
CA SER B 254 -23.64 -0.20 21.49
C SER B 254 -22.58 0.44 20.59
N LEU B 255 -22.95 1.42 19.78
CA LEU B 255 -21.97 2.17 18.99
C LEU B 255 -21.20 1.23 18.04
N LYS B 256 -21.95 0.56 17.19
CA LYS B 256 -21.39 -0.39 16.23
C LYS B 256 -20.84 0.34 15.00
N GLU B 257 -19.83 -0.26 14.38
CA GLU B 257 -19.42 0.16 13.05
C GLU B 257 -20.53 -0.16 12.08
N VAL B 258 -20.62 0.62 11.00
CA VAL B 258 -21.74 0.50 10.07
C VAL B 258 -21.24 0.57 8.63
N THR B 259 -21.86 -0.25 7.78
CA THR B 259 -21.76 -0.17 6.32
C THR B 259 -23.19 -0.16 5.81
N MET B 260 -23.48 0.68 4.84
CA MET B 260 -24.82 0.74 4.26
C MET B 260 -24.73 0.85 2.75
N GLU B 261 -25.41 -0.05 2.04
CA GLU B 261 -25.52 -0.01 0.58
C GLU B 261 -27.00 0.22 0.31
N LEU B 262 -27.34 1.44 -0.06
CA LEU B 262 -28.73 1.83 -0.22
C LEU B 262 -29.05 2.03 -1.71
N GLY B 263 -30.22 2.59 -1.99
CA GLY B 263 -30.61 2.77 -3.37
C GLY B 263 -29.99 4.01 -3.99
N GLY B 264 -30.43 4.30 -5.21
CA GLY B 264 -29.98 5.49 -5.91
C GLY B 264 -31.00 5.94 -6.94
N LYS B 265 -30.69 7.07 -7.59
CA LYS B 265 -31.40 7.50 -8.80
C LYS B 265 -30.30 7.91 -9.77
N SER B 266 -29.64 6.93 -10.31
CA SER B 266 -28.34 7.15 -10.92
C SER B 266 -28.52 7.70 -12.33
N PRO B 267 -27.71 8.69 -12.71
CA PRO B 267 -27.86 9.25 -14.05
C PRO B 267 -27.00 8.56 -15.10
N LEU B 268 -27.59 8.41 -16.29
CA LEU B 268 -26.87 7.98 -17.48
C LEU B 268 -26.84 9.16 -18.44
N ILE B 269 -25.65 9.66 -18.73
CA ILE B 269 -25.48 10.84 -19.57
C ILE B 269 -25.07 10.40 -20.96
N ILE B 270 -25.92 10.66 -21.94
CA ILE B 270 -25.60 10.36 -23.34
C ILE B 270 -25.02 11.64 -23.94
N ALA B 271 -23.78 11.58 -24.39
CA ALA B 271 -23.12 12.76 -24.93
C ALA B 271 -23.57 13.03 -26.35
N GLU B 272 -23.32 14.27 -26.80
CA GLU B 272 -23.73 14.67 -28.14
C GLU B 272 -23.00 13.91 -29.23
N ASP B 273 -21.85 13.31 -28.94
CA ASP B 273 -21.12 12.55 -29.95
C ASP B 273 -21.32 11.05 -29.81
N ALA B 274 -22.29 10.61 -29.01
CA ALA B 274 -22.50 9.19 -28.78
C ALA B 274 -23.20 8.53 -29.97
N ASN B 275 -22.83 7.28 -30.21
CA ASN B 275 -23.62 6.43 -31.09
C ASN B 275 -24.92 6.04 -30.39
N LEU B 276 -26.06 6.30 -31.04
CA LEU B 276 -27.34 6.15 -30.36
C LEU B 276 -27.78 4.71 -30.19
N ASP B 277 -27.31 3.79 -31.03
CA ASP B 277 -27.58 2.38 -30.78
C ASP B 277 -26.86 1.90 -29.53
N LEU B 278 -25.60 2.30 -29.36
CA LEU B 278 -24.87 1.98 -28.13
C LEU B 278 -25.54 2.62 -26.93
N ALA B 279 -25.91 3.90 -27.05
CA ALA B 279 -26.60 4.57 -25.96
C ALA B 279 -27.89 3.85 -25.60
N ALA B 280 -28.66 3.46 -26.61
CA ALA B 280 -29.92 2.77 -26.31
C ALA B 280 -29.66 1.42 -25.64
N ASP B 281 -28.66 0.68 -26.11
CA ASP B 281 -28.35 -0.61 -25.49
C ASP B 281 -27.96 -0.44 -24.03
N ILE B 282 -27.13 0.55 -23.74
CA ILE B 282 -26.73 0.78 -22.36
C ILE B 282 -27.93 1.19 -21.51
N ALA B 283 -28.78 2.06 -22.05
CA ALA B 283 -29.96 2.50 -21.31
C ALA B 283 -30.88 1.33 -21.00
N MET B 284 -31.04 0.41 -21.96
CA MET B 284 -31.87 -0.77 -21.74
C MET B 284 -31.30 -1.62 -20.61
N MET B 285 -29.99 -1.91 -20.68
CA MET B 285 -29.38 -2.73 -19.64
C MET B 285 -29.37 -2.01 -18.30
N ALA B 286 -29.38 -0.69 -18.31
CA ALA B 286 -29.36 0.08 -17.07
C ALA B 286 -30.74 0.26 -16.45
N ASN B 287 -31.80 -0.18 -17.12
CA ASN B 287 -33.15 0.06 -16.64
C ASN B 287 -34.01 -1.17 -16.49
N PHE B 288 -33.82 -2.20 -17.31
CA PHE B 288 -34.76 -3.31 -17.34
C PHE B 288 -34.16 -4.65 -16.96
N TYR B 289 -32.89 -4.70 -16.58
CA TYR B 289 -32.37 -5.93 -16.02
C TYR B 289 -32.98 -6.17 -14.65
N SER B 290 -33.24 -7.44 -14.35
CA SER B 290 -33.88 -7.84 -13.09
C SER B 290 -35.18 -7.06 -12.91
N SER B 291 -35.87 -6.83 -14.03
CA SER B 291 -37.16 -6.13 -14.05
C SER B 291 -37.06 -4.77 -13.37
N GLY B 292 -35.90 -4.14 -13.47
CA GLY B 292 -35.68 -2.82 -12.91
C GLY B 292 -35.37 -2.78 -11.43
N GLN B 293 -35.10 -3.92 -10.80
CA GLN B 293 -34.90 -3.98 -9.35
C GLN B 293 -33.43 -4.06 -8.98
N VAL B 294 -32.64 -3.11 -9.46
CA VAL B 294 -31.19 -3.08 -9.23
C VAL B 294 -30.89 -1.71 -8.66
N CYS B 295 -30.17 -1.68 -7.53
CA CYS B 295 -29.93 -0.41 -6.84
C CYS B 295 -29.18 0.57 -7.72
N THR B 296 -28.29 0.08 -8.60
CA THR B 296 -27.44 0.91 -9.43
C THR B 296 -28.08 1.32 -10.75
N ASN B 297 -29.37 1.06 -10.97
CA ASN B 297 -29.92 1.30 -12.30
C ASN B 297 -29.85 2.78 -12.69
N GLY B 298 -29.63 3.00 -13.98
CA GLY B 298 -29.53 4.33 -14.55
C GLY B 298 -30.89 4.85 -14.97
N THR B 299 -31.70 5.21 -13.98
CA THR B 299 -33.11 5.47 -14.19
C THR B 299 -33.41 6.91 -14.62
N ARG B 300 -32.42 7.79 -14.61
CA ARG B 300 -32.53 9.11 -15.22
C ARG B 300 -31.61 9.10 -16.43
N VAL B 301 -32.20 9.07 -17.62
CA VAL B 301 -31.42 9.01 -18.86
C VAL B 301 -31.45 10.40 -19.48
N PHE B 302 -30.29 11.05 -19.49
CA PHE B 302 -30.16 12.40 -20.04
C PHE B 302 -29.72 12.28 -21.48
N VAL B 303 -30.51 12.84 -22.39
CA VAL B 303 -30.24 12.74 -23.83
C VAL B 303 -30.19 14.15 -24.40
N PRO B 304 -29.27 14.46 -25.32
CA PRO B 304 -29.27 15.79 -25.92
C PRO B 304 -30.59 16.05 -26.65
N ALA B 305 -31.07 17.29 -26.56
CA ALA B 305 -32.33 17.63 -27.22
C ALA B 305 -32.32 17.25 -28.68
N LYS B 306 -31.20 17.47 -29.38
CA LYS B 306 -31.19 17.19 -30.82
C LYS B 306 -31.33 15.71 -31.16
N PHE B 307 -31.02 14.81 -30.22
CA PHE B 307 -31.09 13.37 -30.45
C PHE B 307 -32.28 12.70 -29.76
N LYS B 308 -33.10 13.46 -29.03
CA LYS B 308 -34.09 12.86 -28.16
C LYS B 308 -35.11 12.05 -28.94
N ALA B 309 -35.64 12.61 -30.03
CA ALA B 309 -36.68 11.90 -30.78
C ALA B 309 -36.13 10.59 -31.34
N GLU B 310 -34.93 10.63 -31.90
CA GLU B 310 -34.32 9.41 -32.42
C GLU B 310 -34.00 8.43 -31.30
N PHE B 311 -33.53 8.93 -30.16
CA PHE B 311 -33.24 8.03 -29.06
C PHE B 311 -34.50 7.33 -28.59
N GLU B 312 -35.59 8.07 -28.47
CA GLU B 312 -36.87 7.48 -28.08
C GLU B 312 -37.26 6.34 -29.01
N HIS B 313 -37.11 6.56 -30.31
CA HIS B 313 -37.46 5.53 -31.30
C HIS B 313 -36.61 4.27 -31.10
N LYS B 314 -35.32 4.44 -30.82
CA LYS B 314 -34.46 3.27 -30.61
C LYS B 314 -34.78 2.55 -29.31
N ILE B 315 -35.19 3.28 -28.28
CA ILE B 315 -35.61 2.61 -27.04
C ILE B 315 -36.89 1.82 -27.28
N LEU B 316 -37.86 2.41 -27.98
CA LEU B 316 -39.12 1.71 -28.19
C LEU B 316 -38.91 0.42 -28.98
N GLU B 317 -38.02 0.46 -29.98
CA GLU B 317 -37.71 -0.75 -30.75
C GLU B 317 -37.13 -1.85 -29.85
N ARG B 318 -36.24 -1.49 -28.93
CA ARG B 318 -35.64 -2.50 -28.07
C ARG B 318 -36.63 -2.98 -26.99
N VAL B 319 -37.47 -2.08 -26.48
CA VAL B 319 -38.48 -2.51 -25.51
C VAL B 319 -39.41 -3.55 -26.14
N GLY B 320 -39.73 -3.38 -27.42
CA GLY B 320 -40.59 -4.32 -28.12
C GLY B 320 -40.03 -5.72 -28.23
N ARG B 321 -38.71 -5.85 -28.09
CA ARG B 321 -38.04 -7.14 -28.13
C ARG B 321 -37.97 -7.84 -26.79
N ILE B 322 -38.33 -7.15 -25.68
CA ILE B 322 -38.23 -7.78 -24.36
C ILE B 322 -39.12 -9.00 -24.31
N ARG B 323 -38.62 -10.09 -23.72
CA ARG B 323 -39.34 -11.38 -23.73
C ARG B 323 -39.72 -11.79 -22.31
N ALA B 324 -40.94 -11.44 -21.92
CA ALA B 324 -41.51 -11.90 -20.67
C ALA B 324 -42.13 -13.27 -20.86
N GLY B 325 -42.05 -14.09 -19.81
CA GLY B 325 -42.68 -15.40 -19.90
C GLY B 325 -42.16 -16.34 -18.82
N ASP B 326 -42.22 -17.62 -19.13
CA ASP B 326 -41.74 -18.70 -18.26
C ASP B 326 -40.32 -18.41 -17.80
N LEU B 327 -40.14 -18.29 -16.49
CA LEU B 327 -38.87 -17.83 -15.96
C LEU B 327 -37.74 -18.84 -16.12
N PHE B 328 -38.06 -20.09 -16.45
CA PHE B 328 -37.04 -21.11 -16.68
C PHE B 328 -36.75 -21.32 -18.15
N ALA B 329 -37.47 -20.65 -19.05
CA ALA B 329 -37.19 -20.75 -20.48
C ALA B 329 -35.94 -19.95 -20.84
N ASP B 330 -35.14 -20.50 -21.76
CA ASP B 330 -33.87 -19.86 -22.13
C ASP B 330 -34.09 -18.46 -22.69
N ASP B 331 -35.16 -18.26 -23.45
CA ASP B 331 -35.31 -16.98 -24.13
C ASP B 331 -36.01 -15.93 -23.27
N THR B 332 -36.51 -16.28 -22.07
CA THR B 332 -37.09 -15.28 -21.19
C THR B 332 -36.00 -14.38 -20.62
N ASN B 333 -36.19 -13.07 -20.74
CA ASN B 333 -35.21 -12.13 -20.21
C ASN B 333 -35.86 -11.02 -19.38
N PHE B 334 -37.10 -11.22 -18.94
CA PHE B 334 -37.81 -10.23 -18.13
C PHE B 334 -38.76 -10.99 -17.20
N GLY B 335 -38.76 -10.61 -15.92
CA GLY B 335 -39.58 -11.30 -14.95
C GLY B 335 -40.61 -10.42 -14.28
N PRO B 336 -41.43 -11.01 -13.43
CA PRO B 336 -42.31 -10.22 -12.56
C PRO B 336 -41.47 -9.54 -11.49
N LEU B 337 -42.09 -8.59 -10.81
CA LEU B 337 -41.46 -8.01 -9.64
C LEU B 337 -41.47 -9.01 -8.50
N VAL B 338 -40.67 -8.71 -7.47
CA VAL B 338 -40.40 -9.67 -6.40
C VAL B 338 -41.63 -9.99 -5.55
N SER B 339 -42.64 -9.12 -5.54
CA SER B 339 -43.80 -9.35 -4.68
C SER B 339 -44.97 -8.50 -5.18
N PHE B 340 -46.15 -8.88 -4.74
CA PHE B 340 -47.32 -8.13 -5.18
C PHE B 340 -47.40 -6.77 -4.51
N PRO B 341 -47.05 -6.63 -3.21
CA PRO B 341 -46.98 -5.27 -2.64
C PRO B 341 -45.99 -4.37 -3.35
N HIS B 342 -44.85 -4.91 -3.77
CA HIS B 342 -43.90 -4.07 -4.50
C HIS B 342 -44.49 -3.66 -5.84
N ARG B 343 -45.24 -4.54 -6.50
CA ARG B 343 -45.89 -4.12 -7.73
C ARG B 343 -46.87 -2.96 -7.47
N GLN B 344 -47.62 -3.01 -6.38
CA GLN B 344 -48.55 -1.91 -6.09
C GLN B 344 -47.82 -0.57 -5.96
N ASN B 345 -46.65 -0.57 -5.31
CA ASN B 345 -45.88 0.67 -5.18
C ASN B 345 -45.36 1.16 -6.53
N VAL B 346 -44.88 0.25 -7.37
CA VAL B 346 -44.41 0.67 -8.69
C VAL B 346 -45.57 1.27 -9.48
N LEU B 347 -46.76 0.67 -9.40
CA LEU B 347 -47.91 1.21 -10.13
C LEU B 347 -48.30 2.59 -9.60
N ARG B 348 -48.18 2.82 -8.30
CA ARG B 348 -48.41 4.16 -7.76
C ARG B 348 -47.44 5.18 -8.38
N TYR B 349 -46.17 4.81 -8.52
CA TYR B 349 -45.23 5.74 -9.14
C TYR B 349 -45.58 5.99 -10.60
N ILE B 350 -45.96 4.95 -11.33
CA ILE B 350 -46.34 5.13 -12.72
C ILE B 350 -47.52 6.08 -12.83
N GLU B 351 -48.51 5.92 -11.95
CA GLU B 351 -49.66 6.82 -11.96
C GLU B 351 -49.25 8.26 -11.66
N SER B 352 -48.28 8.46 -10.76
CA SER B 352 -47.81 9.82 -10.49
C SER B 352 -47.15 10.42 -11.73
N GLY B 353 -46.35 9.62 -12.45
CA GLY B 353 -45.74 10.12 -13.67
C GLY B 353 -46.79 10.63 -14.66
N LYS B 354 -47.87 9.85 -14.84
CA LYS B 354 -48.94 10.28 -15.73
C LYS B 354 -49.60 11.55 -15.22
N SER B 355 -49.90 11.60 -13.92
CA SER B 355 -50.67 12.73 -13.41
C SER B 355 -49.84 14.00 -13.34
N GLU B 356 -48.51 13.87 -13.25
CA GLU B 356 -47.64 15.04 -13.24
C GLU B 356 -47.20 15.47 -14.63
N GLY B 357 -47.73 14.85 -15.68
CA GLY B 357 -47.54 15.33 -17.03
C GLY B 357 -46.37 14.72 -17.79
N ALA B 358 -45.71 13.69 -17.25
CA ALA B 358 -44.70 13.01 -18.05
C ALA B 358 -45.39 12.24 -19.16
N ARG B 359 -44.72 12.12 -20.30
CA ARG B 359 -45.33 11.48 -21.47
C ARG B 359 -45.05 9.98 -21.43
N LEU B 360 -46.10 9.17 -21.40
CA LEU B 360 -45.93 7.72 -21.38
C LEU B 360 -45.67 7.24 -22.79
N LEU B 361 -44.47 6.70 -23.04
CA LEU B 361 -44.14 6.15 -24.36
C LEU B 361 -44.52 4.68 -24.51
N CYS B 362 -44.40 3.89 -23.45
CA CYS B 362 -44.77 2.49 -23.52
C CYS B 362 -44.94 1.96 -22.11
N GLY B 363 -45.63 0.83 -22.02
CA GLY B 363 -45.87 0.21 -20.74
C GLY B 363 -46.86 0.98 -19.90
N GLY B 364 -46.62 0.98 -18.60
CA GLY B 364 -47.44 1.70 -17.65
C GLY B 364 -48.54 0.89 -17.02
N ASP B 365 -48.66 -0.40 -17.33
CA ASP B 365 -49.71 -1.24 -16.76
C ASP B 365 -49.15 -2.62 -16.46
N VAL B 366 -49.93 -3.41 -15.73
CA VAL B 366 -49.59 -4.80 -15.48
C VAL B 366 -49.65 -5.59 -16.79
N LEU B 367 -48.94 -6.72 -16.82
CA LEU B 367 -49.10 -7.64 -17.94
C LEU B 367 -50.31 -8.51 -17.71
N LYS B 368 -51.00 -8.86 -18.79
CA LYS B 368 -52.31 -9.51 -18.67
C LYS B 368 -52.34 -10.77 -19.52
N GLY B 369 -53.18 -11.71 -19.13
CA GLY B 369 -53.39 -12.93 -19.89
C GLY B 369 -52.80 -14.16 -19.21
N GLU B 370 -53.01 -15.30 -19.87
CA GLU B 370 -52.57 -16.58 -19.32
C GLU B 370 -51.07 -16.56 -19.08
N GLY B 371 -50.67 -16.97 -17.88
CA GLY B 371 -49.29 -16.98 -17.50
C GLY B 371 -48.79 -15.68 -16.92
N PHE B 372 -49.60 -14.63 -16.94
CA PHE B 372 -49.26 -13.36 -16.31
C PHE B 372 -50.24 -12.93 -15.22
N ASP B 373 -51.52 -13.32 -15.30
CA ASP B 373 -52.49 -12.77 -14.37
C ASP B 373 -52.18 -13.12 -12.92
N ASN B 374 -51.52 -14.26 -12.68
CA ASN B 374 -51.21 -14.70 -11.32
C ASN B 374 -49.81 -14.33 -10.88
N GLY B 375 -49.07 -13.57 -11.69
CA GLY B 375 -47.75 -13.12 -11.30
C GLY B 375 -47.71 -11.62 -11.14
N ALA B 376 -46.67 -11.12 -10.45
CA ALA B 376 -46.57 -9.69 -10.14
C ALA B 376 -45.87 -8.92 -11.24
N TRP B 377 -46.45 -8.99 -12.45
CA TRP B 377 -45.83 -8.42 -13.64
C TRP B 377 -46.22 -6.96 -13.83
N VAL B 378 -45.22 -6.15 -14.20
CA VAL B 378 -45.39 -4.78 -14.68
C VAL B 378 -44.69 -4.68 -16.03
N ALA B 379 -45.37 -4.09 -17.01
CA ALA B 379 -44.79 -3.95 -18.34
C ALA B 379 -43.56 -3.03 -18.29
N PRO B 380 -42.56 -3.28 -19.13
CA PRO B 380 -41.46 -2.31 -19.25
C PRO B 380 -42.01 -0.94 -19.65
N THR B 381 -41.67 0.07 -18.85
CA THR B 381 -42.31 1.38 -18.95
C THR B 381 -41.26 2.45 -19.21
N VAL B 382 -41.57 3.35 -20.14
CA VAL B 382 -40.69 4.45 -20.49
C VAL B 382 -41.50 5.74 -20.50
N PHE B 383 -41.03 6.72 -19.74
CA PHE B 383 -41.56 8.08 -19.76
C PHE B 383 -40.57 9.01 -20.44
N THR B 384 -41.08 9.99 -21.17
CA THR B 384 -40.22 11.04 -21.70
C THR B 384 -40.82 12.39 -21.40
N ASP B 385 -40.13 13.44 -21.86
CA ASP B 385 -40.46 14.82 -21.51
C ASP B 385 -40.46 15.00 -19.99
N CYS B 386 -39.58 14.29 -19.30
CA CYS B 386 -39.55 14.38 -17.85
C CYS B 386 -38.80 15.64 -17.41
N THR B 387 -39.14 16.12 -16.22
CA THR B 387 -38.49 17.29 -15.65
C THR B 387 -38.01 16.97 -14.23
N ASP B 388 -37.08 17.80 -13.75
CA ASP B 388 -36.34 17.46 -12.55
C ASP B 388 -37.20 17.43 -11.29
N ASP B 389 -38.36 18.07 -11.31
CA ASP B 389 -39.23 18.16 -10.14
C ASP B 389 -40.22 17.01 -10.03
N MET B 390 -40.34 16.18 -11.06
CA MET B 390 -41.32 15.10 -11.05
C MET B 390 -40.96 14.02 -10.04
N THR B 391 -41.99 13.42 -9.47
CA THR B 391 -41.78 12.39 -8.47
C THR B 391 -41.00 11.21 -9.04
N ILE B 392 -41.34 10.77 -10.26
CA ILE B 392 -40.65 9.64 -10.87
C ILE B 392 -39.20 9.96 -11.18
N VAL B 393 -38.84 11.25 -11.30
CA VAL B 393 -37.44 11.60 -11.53
C VAL B 393 -36.68 11.73 -10.20
N ARG B 394 -37.35 12.13 -9.12
CA ARG B 394 -36.66 12.39 -7.87
C ARG B 394 -36.51 11.16 -6.99
N GLU B 395 -37.40 10.18 -7.09
CA GLU B 395 -37.47 9.07 -6.14
C GLU B 395 -37.13 7.76 -6.83
N GLU B 396 -36.44 6.88 -6.09
CA GLU B 396 -36.14 5.56 -6.61
C GLU B 396 -37.42 4.72 -6.69
N ILE B 397 -37.67 4.12 -7.84
CA ILE B 397 -38.89 3.34 -8.07
C ILE B 397 -38.65 1.85 -7.86
N PHE B 398 -37.52 1.32 -8.30
CA PHE B 398 -37.22 -0.10 -8.09
C PHE B 398 -38.23 -0.97 -8.84
N GLY B 399 -38.59 -0.52 -10.03
CA GLY B 399 -39.34 -1.29 -10.97
C GLY B 399 -38.87 -0.85 -12.34
N PRO B 400 -39.47 -1.38 -13.39
CA PRO B 400 -38.98 -1.15 -14.76
C PRO B 400 -39.53 0.14 -15.36
N VAL B 401 -39.01 1.27 -14.88
CA VAL B 401 -39.51 2.60 -15.25
C VAL B 401 -38.32 3.50 -15.57
N MET B 402 -38.10 3.76 -16.86
CA MET B 402 -37.07 4.67 -17.34
C MET B 402 -37.65 6.06 -17.49
N SER B 403 -36.89 7.07 -17.04
CA SER B 403 -37.23 8.47 -17.25
C SER B 403 -36.22 9.10 -18.20
N ILE B 404 -36.70 9.62 -19.32
CA ILE B 404 -35.84 10.26 -20.33
C ILE B 404 -35.94 11.77 -20.17
N LEU B 405 -34.79 12.43 -20.05
CA LEU B 405 -34.72 13.86 -19.83
C LEU B 405 -33.85 14.49 -20.90
N SER B 406 -34.34 15.55 -21.52
CA SER B 406 -33.58 16.30 -22.51
CA SER B 406 -33.55 16.27 -22.50
C SER B 406 -32.64 17.28 -21.82
N TYR B 407 -31.50 17.55 -22.47
CA TYR B 407 -30.59 18.57 -21.99
C TYR B 407 -29.89 19.24 -23.17
N ASP B 408 -29.30 20.41 -22.91
CA ASP B 408 -28.69 21.25 -23.94
C ASP B 408 -27.18 21.34 -23.87
N ASP B 409 -26.56 21.38 -22.70
CA ASP B 409 -25.10 21.55 -22.67
C ASP B 409 -24.50 20.77 -21.50
N GLU B 410 -23.17 20.61 -21.57
CA GLU B 410 -22.48 19.73 -20.65
C GLU B 410 -22.53 20.26 -19.22
N ALA B 411 -22.33 21.57 -19.03
CA ALA B 411 -22.38 22.11 -17.67
C ALA B 411 -23.75 21.84 -17.07
N GLU B 412 -24.81 22.01 -17.86
CA GLU B 412 -26.15 21.79 -17.38
C GLU B 412 -26.36 20.35 -16.92
N VAL B 413 -25.99 19.40 -17.75
CA VAL B 413 -26.31 18.01 -17.42
C VAL B 413 -25.52 17.55 -16.21
N ILE B 414 -24.29 18.04 -16.03
CA ILE B 414 -23.54 17.68 -14.84
C ILE B 414 -24.24 18.21 -13.60
N ARG B 415 -24.69 19.46 -13.65
CA ARG B 415 -25.39 20.03 -12.50
CA ARG B 415 -25.38 20.03 -12.50
C ARG B 415 -26.65 19.24 -12.18
N ARG B 416 -27.44 18.91 -13.21
CA ARG B 416 -28.70 18.21 -13.00
C ARG B 416 -28.46 16.77 -12.58
N ALA B 417 -27.43 16.12 -13.14
CA ALA B 417 -27.10 14.77 -12.71
C ALA B 417 -26.78 14.73 -11.22
N ASN B 418 -26.09 15.76 -10.72
CA ASN B 418 -25.64 15.83 -9.33
C ASN B 418 -26.67 16.39 -8.38
N ALA B 419 -27.74 16.99 -8.89
CA ALA B 419 -28.71 17.69 -8.05
C ALA B 419 -29.68 16.65 -7.49
N THR B 420 -29.17 15.84 -6.57
CA THR B 420 -29.92 14.76 -5.98
C THR B 420 -29.28 14.42 -4.65
N GLU B 421 -30.10 13.91 -3.73
CA GLU B 421 -29.58 13.37 -2.49
C GLU B 421 -28.96 12.00 -2.68
N TYR B 422 -29.30 11.32 -3.77
CA TYR B 422 -28.72 10.02 -4.06
C TYR B 422 -27.31 10.19 -4.62
N GLY B 423 -26.53 9.12 -4.58
CA GLY B 423 -25.13 9.16 -5.01
C GLY B 423 -24.50 7.85 -5.40
N LEU B 424 -25.29 6.85 -5.81
CA LEU B 424 -24.76 5.50 -5.91
C LEU B 424 -23.91 5.31 -7.16
N ALA B 425 -24.51 5.47 -8.34
CA ALA B 425 -23.83 5.20 -9.60
C ALA B 425 -24.08 6.32 -10.60
N ALA B 426 -23.34 6.25 -11.71
CA ALA B 426 -23.47 7.20 -12.81
C ALA B 426 -22.77 6.61 -14.01
N GLY B 427 -23.05 7.16 -15.18
CA GLY B 427 -22.37 6.70 -16.37
C GLY B 427 -22.41 7.73 -17.49
N VAL B 428 -21.49 7.58 -18.43
CA VAL B 428 -21.43 8.45 -19.60
C VAL B 428 -21.19 7.59 -20.83
N VAL B 429 -21.84 7.95 -21.93
CA VAL B 429 -21.64 7.32 -23.23
C VAL B 429 -21.02 8.38 -24.13
N THR B 430 -19.75 8.18 -24.50
CA THR B 430 -19.05 9.10 -25.39
C THR B 430 -17.78 8.42 -25.88
N PRO B 431 -17.42 8.58 -27.15
CA PRO B 431 -16.16 8.05 -27.64
C PRO B 431 -14.98 9.00 -27.43
N ASP B 432 -15.21 10.18 -26.89
CA ASP B 432 -14.18 11.20 -26.77
C ASP B 432 -13.40 11.02 -25.47
N LEU B 433 -12.07 10.95 -25.58
CA LEU B 433 -11.23 10.75 -24.42
C LEU B 433 -11.48 11.82 -23.35
N ASN B 434 -11.37 13.08 -23.73
CA ASN B 434 -11.50 14.16 -22.76
C ASN B 434 -12.91 14.22 -22.19
N ARG B 435 -13.92 14.10 -23.03
CA ARG B 435 -15.27 14.20 -22.52
C ARG B 435 -15.54 13.12 -21.49
N ALA B 436 -15.09 11.89 -21.75
CA ALA B 436 -15.42 10.79 -20.83
C ALA B 436 -14.82 11.03 -19.45
N HIS B 437 -13.51 11.29 -19.38
CA HIS B 437 -12.90 11.45 -18.06
C HIS B 437 -13.34 12.75 -17.40
N ARG B 438 -13.46 13.82 -18.18
CA ARG B 438 -13.81 15.12 -17.63
C ARG B 438 -15.18 15.09 -16.97
N ILE B 439 -16.15 14.49 -17.64
CA ILE B 439 -17.49 14.44 -17.08
C ILE B 439 -17.52 13.52 -15.86
N ILE B 440 -16.95 12.32 -16.00
CA ILE B 440 -17.03 11.37 -14.90
C ILE B 440 -16.37 11.92 -13.65
N HIS B 441 -15.26 12.67 -13.81
CA HIS B 441 -14.60 13.21 -12.62
C HIS B 441 -15.47 14.20 -11.85
N GLN B 442 -16.45 14.79 -12.50
CA GLN B 442 -17.32 15.76 -11.85
C GLN B 442 -18.60 15.18 -11.27
N LEU B 443 -18.90 13.90 -11.49
CA LEU B 443 -20.16 13.33 -11.02
C LEU B 443 -20.01 12.84 -9.59
N GLU B 444 -21.04 13.10 -8.78
CA GLU B 444 -21.03 12.78 -7.35
C GLU B 444 -21.66 11.39 -7.15
N ALA B 445 -20.90 10.37 -7.54
CA ALA B 445 -21.33 8.99 -7.39
C ALA B 445 -20.12 8.10 -7.18
N GLY B 446 -20.31 6.99 -6.45
CA GLY B 446 -19.20 6.10 -6.13
C GLY B 446 -18.87 5.07 -7.19
N ILE B 447 -19.81 4.80 -8.10
CA ILE B 447 -19.70 3.75 -9.09
C ILE B 447 -19.97 4.37 -10.47
N CYS B 448 -18.95 4.45 -11.31
CA CYS B 448 -19.05 5.16 -12.57
C CYS B 448 -18.64 4.28 -13.74
N TRP B 449 -19.49 4.26 -14.76
CA TRP B 449 -19.28 3.41 -15.93
C TRP B 449 -19.18 4.27 -17.18
N ILE B 450 -18.14 4.01 -17.98
CA ILE B 450 -17.93 4.68 -19.24
C ILE B 450 -18.19 3.68 -20.36
N ASN B 451 -19.20 3.99 -21.17
CA ASN B 451 -19.58 3.17 -22.33
C ASN B 451 -19.94 1.74 -21.94
N SER B 452 -20.54 1.59 -20.75
CA SER B 452 -21.06 0.31 -20.31
CA SER B 452 -21.02 0.32 -20.27
C SER B 452 -21.99 0.58 -19.13
N TRP B 453 -22.47 -0.48 -18.51
CA TRP B 453 -23.28 -0.35 -17.30
C TRP B 453 -23.31 -1.70 -16.60
N GLY B 454 -23.28 -1.68 -15.26
CA GLY B 454 -23.66 -2.82 -14.45
C GLY B 454 -22.54 -3.74 -13.98
N GLU B 455 -21.39 -3.75 -14.66
CA GLU B 455 -20.34 -4.69 -14.28
C GLU B 455 -19.73 -4.26 -12.94
N SER B 456 -19.54 -5.22 -12.04
CA SER B 456 -19.09 -4.93 -10.68
C SER B 456 -18.01 -5.93 -10.29
N PRO B 457 -16.79 -5.77 -10.82
CA PRO B 457 -15.73 -6.74 -10.55
C PRO B 457 -15.43 -6.86 -9.06
N ALA B 458 -15.01 -8.07 -8.63
CA ALA B 458 -14.69 -8.26 -7.22
C ALA B 458 -13.63 -7.29 -6.74
N GLU B 459 -12.74 -6.86 -7.64
CA GLU B 459 -11.63 -5.98 -7.31
C GLU B 459 -12.06 -4.54 -7.11
N MET B 460 -13.27 -4.19 -7.55
CA MET B 460 -13.68 -2.79 -7.64
C MET B 460 -14.52 -2.39 -6.44
N PRO B 461 -14.04 -1.50 -5.57
CA PRO B 461 -14.86 -1.06 -4.46
C PRO B 461 -16.09 -0.35 -4.98
N VAL B 462 -17.23 -0.66 -4.39
CA VAL B 462 -18.52 -0.09 -4.80
C VAL B 462 -19.33 0.37 -3.58
N GLY B 463 -19.96 1.54 -3.71
CA GLY B 463 -20.83 2.06 -2.67
C GLY B 463 -21.22 3.48 -3.05
N GLY B 464 -22.00 4.11 -2.17
CA GLY B 464 -22.68 5.35 -2.50
C GLY B 464 -22.07 6.58 -1.84
N TYR B 465 -22.15 7.69 -2.55
CA TYR B 465 -22.03 9.05 -2.01
C TYR B 465 -23.34 9.48 -1.35
N LYS B 466 -23.25 10.48 -0.47
CA LYS B 466 -24.43 11.16 0.07
C LYS B 466 -25.40 10.16 0.68
N HIS B 467 -26.69 10.22 0.36
CA HIS B 467 -27.66 9.36 1.01
C HIS B 467 -27.65 7.93 0.51
N SER B 468 -26.83 7.58 -0.47
CA SER B 468 -26.85 6.23 -1.01
C SER B 468 -25.96 5.24 -0.27
N GLY B 469 -25.13 5.69 0.67
CA GLY B 469 -24.41 4.68 1.44
C GLY B 469 -23.36 5.24 2.37
N ILE B 470 -22.86 4.33 3.20
CA ILE B 470 -21.72 4.49 4.09
C ILE B 470 -20.78 3.34 3.82
N GLY B 471 -19.51 3.63 3.61
CA GLY B 471 -18.57 2.56 3.36
C GLY B 471 -18.70 1.98 1.97
N ARG B 472 -18.00 0.86 1.76
CA ARG B 472 -17.88 0.23 0.46
C ARG B 472 -17.92 -1.29 0.62
N GLU B 473 -18.20 -1.96 -0.49
CA GLU B 473 -18.06 -3.41 -0.61
C GLU B 473 -17.12 -3.73 -1.76
N ASN B 474 -16.52 -4.92 -1.68
CA ASN B 474 -15.57 -5.43 -2.67
C ASN B 474 -14.27 -4.63 -2.63
N GLY B 475 -13.28 -5.09 -3.40
CA GLY B 475 -11.96 -4.49 -3.35
C GLY B 475 -11.17 -4.90 -2.12
N VAL B 476 -9.87 -4.57 -2.15
CA VAL B 476 -9.01 -4.86 -1.00
CA VAL B 476 -9.03 -4.87 -1.00
C VAL B 476 -9.48 -4.09 0.22
N MET B 477 -9.95 -2.85 0.03
CA MET B 477 -10.30 -2.03 1.18
C MET B 477 -11.39 -2.65 2.03
N THR B 478 -12.28 -3.41 1.42
CA THR B 478 -13.38 -3.95 2.23
C THR B 478 -12.93 -5.10 3.12
N LEU B 479 -11.93 -5.88 2.69
CA LEU B 479 -11.31 -6.83 3.61
C LEU B 479 -10.74 -6.11 4.84
N GLN B 480 -10.00 -5.03 4.61
CA GLN B 480 -9.45 -4.27 5.72
C GLN B 480 -10.54 -3.67 6.61
N SER B 481 -11.67 -3.24 6.04
CA SER B 481 -12.73 -2.63 6.82
C SER B 481 -13.46 -3.63 7.73
N TYR B 482 -13.24 -4.93 7.56
CA TYR B 482 -13.73 -5.94 8.48
C TYR B 482 -12.69 -6.35 9.51
N THR B 483 -11.61 -5.59 9.63
CA THR B 483 -10.69 -5.68 10.75
C THR B 483 -10.67 -4.35 11.47
N GLN B 484 -10.12 -4.36 12.68
CA GLN B 484 -9.87 -3.15 13.45
C GLN B 484 -8.39 -3.05 13.73
N VAL B 485 -7.86 -1.82 13.70
CA VAL B 485 -6.44 -1.59 13.90
C VAL B 485 -6.15 -1.50 15.39
N LYS B 486 -5.14 -2.24 15.84
CA LYS B 486 -4.54 -2.06 17.16
C LYS B 486 -3.13 -1.53 16.93
N SER B 487 -2.82 -0.38 17.53
CA SER B 487 -1.46 0.17 17.50
C SER B 487 -0.73 -0.19 18.78
N ILE B 488 0.51 -0.68 18.64
CA ILE B 488 1.31 -1.15 19.76
C ILE B 488 2.64 -0.41 19.71
N GLN B 489 2.97 0.33 20.77
CA GLN B 489 4.27 0.98 20.89
C GLN B 489 5.16 0.18 21.83
N VAL B 490 6.35 -0.20 21.34
CA VAL B 490 7.38 -0.81 22.15
C VAL B 490 8.36 0.29 22.54
N GLU B 491 8.39 0.64 23.83
CA GLU B 491 9.32 1.63 24.35
C GLU B 491 10.47 0.87 25.02
N MET B 492 11.64 0.92 24.39
CA MET B 492 12.84 0.28 24.92
C MET B 492 13.74 1.24 25.70
N GLY B 493 13.47 2.53 25.66
CA GLY B 493 14.20 3.50 26.43
C GLY B 493 13.58 3.69 27.80
N PRO B 494 14.28 4.40 28.67
CA PRO B 494 13.76 4.61 30.03
C PRO B 494 12.60 5.60 30.03
N PHE B 495 11.50 5.21 30.69
CA PHE B 495 10.33 6.05 30.76
C PHE B 495 10.55 7.17 31.76
N GLN B 496 10.20 8.39 31.36
CA GLN B 496 10.39 9.59 32.18
C GLN B 496 9.04 10.08 32.67
N SER B 497 8.89 10.19 33.97
CA SER B 497 7.71 10.78 34.58
C SER B 497 8.05 12.21 35.01
N ILE B 498 7.08 13.10 34.87
CA ILE B 498 7.24 14.46 35.36
C ILE B 498 6.86 14.58 36.83
N PHE B 499 6.34 13.53 37.44
CA PHE B 499 5.94 13.55 38.83
C PHE B 499 7.03 12.94 39.71
N ARG C 12 18.53 -46.96 -13.00
CA ARG C 12 18.76 -45.74 -13.76
C ARG C 12 17.52 -45.33 -14.57
N MET C 13 17.55 -44.09 -15.05
CA MET C 13 16.46 -43.48 -15.79
C MET C 13 16.86 -43.38 -17.26
N ALA C 14 15.86 -43.15 -18.12
CA ALA C 14 16.15 -42.88 -19.52
C ALA C 14 16.78 -41.49 -19.66
N GLU C 15 17.46 -41.29 -20.78
CA GLU C 15 18.10 -39.99 -21.02
C GLU C 15 17.05 -38.90 -20.90
N GLN C 16 17.32 -37.93 -20.02
CA GLN C 16 16.35 -36.90 -19.70
C GLN C 16 16.45 -35.80 -20.73
N GLN C 17 15.30 -35.39 -21.25
CA GLN C 17 15.25 -34.42 -22.32
C GLN C 17 14.92 -33.05 -21.79
N LEU C 18 14.98 -32.07 -22.68
CA LEU C 18 14.56 -30.72 -22.36
C LEU C 18 13.04 -30.67 -22.27
N TYR C 19 12.52 -29.63 -21.62
CA TYR C 19 11.07 -29.39 -21.60
C TYR C 19 10.78 -28.02 -22.20
N ILE C 20 10.22 -28.02 -23.41
CA ILE C 20 9.94 -26.80 -24.16
C ILE C 20 8.52 -26.88 -24.75
N HIS C 21 7.72 -25.85 -24.48
CA HIS C 21 6.38 -25.70 -25.07
C HIS C 21 5.47 -26.91 -24.76
N GLY C 22 5.40 -27.27 -23.48
CA GLY C 22 4.44 -28.27 -23.07
C GLY C 22 4.78 -29.70 -23.42
N LYS C 23 6.04 -29.99 -23.75
CA LYS C 23 6.42 -31.35 -24.06
C LYS C 23 7.92 -31.51 -23.86
N PHE C 24 8.35 -32.76 -23.64
CA PHE C 24 9.77 -33.09 -23.67
C PHE C 24 10.27 -33.12 -25.10
N VAL C 25 11.44 -32.53 -25.33
CA VAL C 25 12.02 -32.46 -26.65
C VAL C 25 13.52 -32.71 -26.52
N ALA C 26 14.08 -33.39 -27.51
CA ALA C 26 15.52 -33.65 -27.52
C ALA C 26 16.31 -32.37 -27.74
N ALA C 27 17.42 -32.23 -27.01
CA ALA C 27 18.36 -31.16 -27.27
C ALA C 27 19.05 -31.35 -28.61
N THR C 28 19.43 -30.24 -29.23
CA THR C 28 20.20 -30.23 -30.46
C THR C 28 21.68 -29.96 -30.21
N SER C 29 22.10 -29.90 -28.95
CA SER C 29 23.48 -29.58 -28.62
C SER C 29 24.43 -30.74 -28.81
N GLY C 30 23.92 -31.98 -28.78
CA GLY C 30 24.82 -33.13 -28.80
C GLY C 30 25.60 -33.35 -27.52
N LYS C 31 25.22 -32.70 -26.42
CA LYS C 31 25.93 -32.76 -25.15
C LYS C 31 25.04 -33.29 -24.06
N THR C 32 25.63 -34.02 -23.12
CA THR C 32 24.92 -34.57 -21.99
C THR C 32 25.78 -34.48 -20.74
N PHE C 33 25.15 -34.69 -19.58
CA PHE C 33 25.88 -34.77 -18.32
C PHE C 33 25.16 -35.79 -17.42
N GLU C 34 25.83 -36.18 -16.35
CA GLU C 34 25.31 -37.19 -15.45
C GLU C 34 25.05 -36.57 -14.09
N THR C 35 23.99 -37.01 -13.44
CA THR C 35 23.74 -36.67 -12.04
C THR C 35 23.95 -37.93 -11.21
N ILE C 36 24.67 -37.79 -10.10
CA ILE C 36 25.12 -38.90 -9.28
C ILE C 36 24.28 -38.95 -8.02
N ASN C 37 23.98 -40.15 -7.57
CA ASN C 37 23.35 -40.35 -6.26
C ASN C 37 24.44 -40.22 -5.20
N PRO C 38 24.42 -39.18 -4.36
CA PRO C 38 25.52 -39.01 -3.40
C PRO C 38 25.55 -40.06 -2.30
N ALA C 39 24.51 -40.86 -2.13
CA ALA C 39 24.55 -41.90 -1.11
C ALA C 39 25.28 -43.15 -1.57
N THR C 40 25.36 -43.39 -2.87
CA THR C 40 25.93 -44.60 -3.43
C THR C 40 27.02 -44.38 -4.46
N GLY C 41 27.11 -43.19 -5.06
CA GLY C 41 28.02 -42.95 -6.17
C GLY C 41 27.50 -43.37 -7.52
N GLU C 42 26.34 -44.03 -7.58
CA GLU C 42 25.79 -44.50 -8.85
C GLU C 42 25.26 -43.34 -9.68
N VAL C 43 25.21 -43.56 -10.99
CA VAL C 43 24.59 -42.63 -11.92
C VAL C 43 23.07 -42.76 -11.79
N LEU C 44 22.41 -41.65 -11.44
CA LEU C 44 20.95 -41.60 -11.44
C LEU C 44 20.40 -41.52 -12.86
N ALA C 45 20.98 -40.64 -13.68
CA ALA C 45 20.45 -40.45 -15.03
C ALA C 45 21.47 -39.69 -15.86
N THR C 46 21.39 -39.88 -17.17
CA THR C 46 22.06 -39.05 -18.15
C THR C 46 21.07 -37.98 -18.58
N VAL C 47 21.52 -36.73 -18.65
CA VAL C 47 20.64 -35.58 -18.86
C VAL C 47 21.17 -34.79 -20.05
N GLN C 48 20.28 -34.46 -20.97
CA GLN C 48 20.65 -33.64 -22.12
C GLN C 48 20.87 -32.20 -21.70
N ALA C 49 21.83 -31.54 -22.33
CA ALA C 49 22.20 -30.16 -22.04
C ALA C 49 21.69 -29.25 -23.14
N ALA C 50 21.01 -28.17 -22.76
CA ALA C 50 20.46 -27.25 -23.74
C ALA C 50 21.57 -26.45 -24.41
N GLY C 51 21.54 -26.40 -25.75
CA GLY C 51 22.47 -25.60 -26.50
C GLY C 51 21.94 -24.21 -26.82
N ARG C 52 22.78 -23.43 -27.50
CA ARG C 52 22.41 -22.05 -27.81
C ARG C 52 21.12 -22.01 -28.62
N GLU C 53 20.99 -22.90 -29.60
CA GLU C 53 19.77 -22.96 -30.41
C GLU C 53 18.59 -23.43 -29.57
N ASP C 54 18.83 -24.35 -28.63
CA ASP C 54 17.76 -24.81 -27.75
C ASP C 54 17.24 -23.67 -26.89
N VAL C 55 18.13 -22.81 -26.40
CA VAL C 55 17.73 -21.66 -25.60
C VAL C 55 16.87 -20.72 -26.43
N ASP C 56 17.28 -20.47 -27.68
CA ASP C 56 16.48 -19.58 -28.52
C ASP C 56 15.10 -20.15 -28.78
N ARG C 57 15.00 -21.46 -29.02
CA ARG C 57 13.69 -22.10 -29.17
C ARG C 57 12.84 -21.90 -27.93
N ALA C 58 13.44 -22.11 -26.75
CA ALA C 58 12.74 -21.98 -25.49
C ALA C 58 12.25 -20.54 -25.27
N VAL C 59 13.05 -19.55 -25.70
CA VAL C 59 12.63 -18.16 -25.55
C VAL C 59 11.45 -17.86 -26.47
N LYS C 60 11.51 -18.33 -27.72
CA LYS C 60 10.41 -18.08 -28.65
C LYS C 60 9.15 -18.81 -28.20
N SER C 61 9.30 -20.02 -27.66
CA SER C 61 8.18 -20.71 -27.04
C SER C 61 7.61 -19.90 -25.87
N ALA C 62 8.50 -19.38 -25.01
CA ALA C 62 8.07 -18.60 -23.86
C ALA C 62 7.35 -17.32 -24.27
N GLN C 63 7.82 -16.66 -25.33
CA GLN C 63 7.14 -15.44 -25.77
C GLN C 63 5.72 -15.73 -26.20
N GLN C 64 5.51 -16.85 -26.90
CA GLN C 64 4.18 -17.19 -27.36
C GLN C 64 3.27 -17.56 -26.20
N GLY C 65 3.76 -18.38 -25.26
CA GLY C 65 2.94 -18.73 -24.12
C GLY C 65 2.63 -17.55 -23.21
N GLN C 66 3.60 -16.66 -23.02
CA GLN C 66 3.38 -15.54 -22.12
C GLN C 66 2.21 -14.69 -22.59
N LYS C 67 2.06 -14.53 -23.91
CA LYS C 67 0.97 -13.70 -24.44
C LYS C 67 -0.39 -14.31 -24.13
N VAL C 68 -0.51 -15.63 -24.29
CA VAL C 68 -1.75 -16.32 -23.94
C VAL C 68 -2.01 -16.18 -22.44
N TRP C 69 -0.98 -16.43 -21.63
CA TRP C 69 -1.12 -16.38 -20.17
C TRP C 69 -1.52 -14.99 -19.69
N ALA C 70 -0.90 -13.95 -20.25
CA ALA C 70 -1.19 -12.60 -19.77
C ALA C 70 -2.57 -12.15 -20.18
N ALA C 71 -3.08 -12.68 -21.29
CA ALA C 71 -4.39 -12.28 -21.80
C ALA C 71 -5.54 -12.88 -21.01
N MET C 72 -5.29 -13.96 -20.27
CA MET C 72 -6.31 -14.55 -19.42
C MET C 72 -6.70 -13.60 -18.29
N SER C 73 -7.82 -13.90 -17.66
CA SER C 73 -8.18 -13.13 -16.48
C SER C 73 -7.25 -13.45 -15.30
N ALA C 74 -7.19 -12.53 -14.36
CA ALA C 74 -6.40 -12.76 -13.17
C ALA C 74 -6.87 -14.02 -12.44
N MET C 75 -8.19 -14.21 -12.29
CA MET C 75 -8.65 -15.38 -11.55
C MET C 75 -8.41 -16.67 -12.33
N ALA C 76 -8.40 -16.60 -13.68
CA ALA C 76 -8.05 -17.79 -14.48
C ALA C 76 -6.61 -18.21 -14.22
N ARG C 77 -5.69 -17.25 -14.12
CA ARG C 77 -4.31 -17.59 -13.75
C ARG C 77 -4.25 -18.19 -12.34
N SER C 78 -4.99 -17.60 -11.41
CA SER C 78 -5.00 -18.10 -10.04
CA SER C 78 -5.00 -18.11 -10.04
C SER C 78 -5.46 -19.55 -9.98
N ARG C 79 -6.53 -19.89 -10.69
CA ARG C 79 -7.07 -21.25 -10.62
C ARG C 79 -6.06 -22.26 -11.16
N ILE C 80 -5.33 -21.89 -12.22
CA ILE C 80 -4.38 -22.83 -12.80
C ILE C 80 -3.22 -23.07 -11.83
N LEU C 81 -2.70 -22.01 -11.21
CA LEU C 81 -1.63 -22.23 -10.23
C LEU C 81 -2.14 -23.02 -9.03
N ARG C 82 -3.40 -22.81 -8.64
CA ARG C 82 -3.97 -23.59 -7.54
CA ARG C 82 -3.96 -23.59 -7.54
C ARG C 82 -4.10 -25.06 -7.88
N LYS C 83 -4.42 -25.39 -9.13
CA LYS C 83 -4.42 -26.79 -9.54
C LYS C 83 -3.04 -27.41 -9.45
N ALA C 84 -2.00 -26.65 -9.80
CA ALA C 84 -0.64 -27.15 -9.64
C ALA C 84 -0.32 -27.41 -8.18
N VAL C 85 -0.75 -26.52 -7.30
CA VAL C 85 -0.60 -26.74 -5.87
C VAL C 85 -1.23 -28.06 -5.46
N ASP C 86 -2.45 -28.31 -5.93
CA ASP C 86 -3.13 -29.55 -5.54
C ASP C 86 -2.36 -30.77 -6.00
N ILE C 87 -1.81 -30.74 -7.21
CA ILE C 87 -1.03 -31.87 -7.70
C ILE C 87 0.22 -32.04 -6.86
N LEU C 88 0.86 -30.93 -6.49
CA LEU C 88 2.07 -31.01 -5.67
C LEU C 88 1.78 -31.63 -4.30
N ARG C 89 0.66 -31.26 -3.68
CA ARG C 89 0.30 -31.88 -2.40
C ARG C 89 0.09 -33.37 -2.59
N GLU C 90 -0.59 -33.77 -3.67
CA GLU C 90 -0.87 -35.17 -3.94
C GLU C 90 0.41 -35.98 -4.15
N ARG C 91 1.36 -35.42 -4.90
CA ARG C 91 2.56 -36.13 -5.28
C ARG C 91 3.74 -35.82 -4.37
N ASN C 92 3.46 -35.27 -3.19
CA ASN C 92 4.52 -34.87 -2.29
C ASN C 92 5.52 -36.01 -2.05
N ASP C 93 5.02 -37.18 -1.68
CA ASP C 93 5.94 -38.26 -1.30
C ASP C 93 6.77 -38.74 -2.49
N GLU C 94 6.16 -38.87 -3.66
CA GLU C 94 6.92 -39.28 -4.85
C GLU C 94 8.00 -38.26 -5.18
N LEU C 95 7.66 -36.97 -5.16
CA LEU C 95 8.64 -35.96 -5.47
C LEU C 95 9.74 -35.90 -4.41
N ALA C 96 9.38 -36.07 -3.13
CA ALA C 96 10.37 -36.05 -2.07
C ALA C 96 11.38 -37.19 -2.23
N ARG C 97 10.90 -38.37 -2.59
CA ARG C 97 11.81 -39.49 -2.78
C ARG C 97 12.81 -39.22 -3.90
N LEU C 98 12.34 -38.65 -5.00
CA LEU C 98 13.25 -38.28 -6.09
C LEU C 98 14.23 -37.22 -5.64
N GLU C 99 13.76 -36.23 -4.88
CA GLU C 99 14.66 -35.18 -4.37
C GLU C 99 15.74 -35.79 -3.49
N THR C 100 15.37 -36.75 -2.65
CA THR C 100 16.36 -37.44 -1.81
C THR C 100 17.37 -38.20 -2.66
N LEU C 101 16.93 -38.87 -3.70
CA LEU C 101 17.87 -39.56 -4.58
C LEU C 101 18.85 -38.58 -5.22
N ASP C 102 18.34 -37.42 -5.64
CA ASP C 102 19.16 -36.46 -6.38
C ASP C 102 20.07 -35.63 -5.48
N THR C 103 19.64 -35.35 -4.24
CA THR C 103 20.35 -34.40 -3.39
C THR C 103 21.10 -35.04 -2.23
N GLY C 104 20.71 -36.24 -1.82
CA GLY C 104 21.21 -36.84 -0.61
C GLY C 104 20.56 -36.36 0.65
N LYS C 105 19.55 -35.49 0.57
CA LYS C 105 18.91 -35.07 1.81
C LYS C 105 17.94 -36.15 2.31
N PRO C 106 17.88 -36.37 3.62
CA PRO C 106 17.00 -37.41 4.16
C PRO C 106 15.55 -37.18 3.76
N LEU C 107 14.84 -38.29 3.55
CA LEU C 107 13.41 -38.24 3.26
C LEU C 107 12.65 -37.57 4.39
N SER C 108 13.11 -37.72 5.63
CA SER C 108 12.50 -37.02 6.76
C SER C 108 12.48 -35.52 6.53
N GLU C 109 13.44 -34.99 5.76
CA GLU C 109 13.40 -33.58 5.39
C GLU C 109 12.57 -33.33 4.13
N THR C 110 12.87 -34.06 3.05
CA THR C 110 12.30 -33.71 1.76
C THR C 110 10.80 -33.90 1.76
N ALA C 111 10.30 -34.91 2.46
CA ALA C 111 8.86 -35.14 2.49
C ALA C 111 8.12 -34.17 3.39
N ALA C 112 8.83 -33.47 4.28
CA ALA C 112 8.20 -32.53 5.20
C ALA C 112 8.43 -31.07 4.85
N VAL C 113 9.46 -30.76 4.05
CA VAL C 113 9.87 -29.38 3.84
C VAL C 113 9.90 -28.98 2.38
N ASP C 114 10.65 -29.71 1.55
CA ASP C 114 11.00 -29.22 0.22
C ASP C 114 9.78 -28.91 -0.64
N ILE C 115 8.89 -29.89 -0.81
CA ILE C 115 7.72 -29.66 -1.66
C ILE C 115 6.66 -28.90 -0.88
N VAL C 116 6.50 -29.19 0.41
CA VAL C 116 5.48 -28.52 1.20
C VAL C 116 5.68 -27.01 1.16
N THR C 117 6.91 -26.54 1.41
CA THR C 117 7.12 -25.08 1.45
C THR C 117 7.22 -24.48 0.05
N GLY C 118 7.66 -25.23 -0.95
CA GLY C 118 7.57 -24.77 -2.32
C GLY C 118 6.13 -24.55 -2.74
N ALA C 119 5.28 -25.53 -2.45
CA ALA C 119 3.88 -25.40 -2.78
C ALA C 119 3.21 -24.33 -1.94
N ASP C 120 3.66 -24.13 -0.69
CA ASP C 120 3.11 -23.05 0.12
C ASP C 120 3.27 -21.72 -0.58
N VAL C 121 4.44 -21.48 -1.20
CA VAL C 121 4.69 -20.21 -1.87
C VAL C 121 3.86 -20.09 -3.13
N LEU C 122 3.75 -21.17 -3.91
CA LEU C 122 2.92 -21.13 -5.11
C LEU C 122 1.46 -20.85 -4.76
N GLU C 123 0.98 -21.48 -3.68
CA GLU C 123 -0.38 -21.27 -3.20
C GLU C 123 -0.59 -19.82 -2.78
N TYR C 124 0.38 -19.25 -2.07
CA TYR C 124 0.32 -17.84 -1.67
C TYR C 124 0.22 -16.93 -2.88
N TYR C 125 1.12 -17.06 -3.85
CA TYR C 125 1.08 -16.12 -4.98
C TYR C 125 -0.16 -16.35 -5.85
N ALA C 126 -0.65 -17.57 -5.93
CA ALA C 126 -1.88 -17.81 -6.70
C ALA C 126 -3.03 -16.94 -6.18
N GLY C 127 -3.15 -16.81 -4.87
CA GLY C 127 -4.22 -16.01 -4.31
C GLY C 127 -4.03 -14.52 -4.45
N LEU C 128 -2.78 -14.07 -4.61
CA LEU C 128 -2.52 -12.63 -4.70
C LEU C 128 -2.69 -12.07 -6.10
N ILE C 129 -2.81 -12.88 -7.13
CA ILE C 129 -2.85 -12.36 -8.50
C ILE C 129 -3.93 -11.29 -8.65
N PRO C 130 -5.15 -11.47 -8.15
CA PRO C 130 -6.17 -10.43 -8.34
C PRO C 130 -5.89 -9.14 -7.60
N ALA C 131 -5.00 -9.13 -6.61
CA ALA C 131 -4.69 -7.93 -5.83
C ALA C 131 -3.56 -7.10 -6.44
N LEU C 132 -2.97 -7.54 -7.54
CA LEU C 132 -1.92 -6.77 -8.21
C LEU C 132 -2.54 -5.57 -8.91
N GLU C 133 -2.27 -4.37 -8.40
CA GLU C 133 -2.90 -3.14 -8.87
C GLU C 133 -1.85 -2.08 -9.17
N GLY C 134 -2.15 -1.23 -10.14
CA GLY C 134 -1.42 0.01 -10.34
C GLY C 134 -2.01 1.11 -9.48
N SER C 135 -1.65 2.35 -9.82
CA SER C 135 -2.03 3.52 -9.05
CA SER C 135 -2.04 3.52 -9.06
C SER C 135 -2.67 4.54 -9.99
N GLN C 136 -3.29 5.56 -9.38
CA GLN C 136 -3.85 6.69 -10.10
C GLN C 136 -3.50 7.93 -9.28
N ILE C 137 -3.05 8.96 -9.98
CA ILE C 137 -2.52 10.16 -9.37
C ILE C 137 -3.13 11.37 -10.05
N PRO C 138 -3.95 12.17 -9.36
CA PRO C 138 -4.48 13.40 -9.97
C PRO C 138 -3.39 14.46 -10.00
N LEU C 139 -3.22 15.11 -11.14
CA LEU C 139 -2.29 16.22 -11.21
C LEU C 139 -3.02 17.55 -11.08
N ARG C 140 -4.12 17.68 -11.81
CA ARG C 140 -4.92 18.89 -11.88
C ARG C 140 -6.24 18.48 -12.53
N ASP C 141 -7.21 19.38 -12.53
CA ASP C 141 -8.50 19.00 -13.07
C ASP C 141 -8.38 18.47 -14.50
N SER C 142 -7.42 18.96 -15.28
CA SER C 142 -7.32 18.62 -16.69
C SER C 142 -6.29 17.54 -17.00
N SER C 143 -5.71 16.90 -16.00
CA SER C 143 -4.73 15.84 -16.28
C SER C 143 -4.58 14.93 -15.09
N PHE C 144 -4.40 13.63 -15.38
CA PHE C 144 -4.12 12.66 -14.34
C PHE C 144 -3.18 11.60 -14.90
N VAL C 145 -2.58 10.87 -13.97
CA VAL C 145 -1.66 9.78 -14.26
C VAL C 145 -2.24 8.50 -13.71
N TYR C 146 -2.07 7.40 -14.44
CA TYR C 146 -2.31 6.09 -13.88
C TYR C 146 -1.16 5.17 -14.28
N THR C 147 -0.96 4.14 -13.48
CA THR C 147 0.13 3.22 -13.72
C THR C 147 -0.43 1.82 -13.91
N ARG C 148 0.30 1.05 -14.70
CA ARG C 148 0.09 -0.37 -14.91
C ARG C 148 1.29 -1.14 -14.44
N ARG C 149 1.04 -2.26 -13.77
CA ARG C 149 2.09 -3.21 -13.39
CA ARG C 149 2.09 -3.21 -13.40
C ARG C 149 2.11 -4.30 -14.46
N GLU C 150 2.94 -4.12 -15.44
CA GLU C 150 2.94 -5.00 -16.60
C GLU C 150 3.93 -6.15 -16.43
N PRO C 151 3.65 -7.30 -17.04
CA PRO C 151 4.66 -8.37 -17.02
C PRO C 151 5.97 -7.91 -17.63
N LEU C 152 7.05 -8.46 -17.10
CA LEU C 152 8.35 -8.24 -17.73
C LEU C 152 8.43 -8.96 -19.08
N GLY C 153 7.70 -10.07 -19.23
CA GLY C 153 7.72 -10.83 -20.45
C GLY C 153 8.26 -12.22 -20.20
N VAL C 154 9.46 -12.49 -20.71
CA VAL C 154 10.15 -13.75 -20.48
C VAL C 154 11.25 -13.51 -19.45
N VAL C 155 11.26 -14.30 -18.39
CA VAL C 155 12.30 -14.21 -17.37
C VAL C 155 13.00 -15.56 -17.27
N ALA C 156 14.21 -15.54 -16.73
CA ALA C 156 14.96 -16.77 -16.51
C ALA C 156 15.29 -16.93 -15.03
N GLY C 157 15.13 -18.15 -14.55
CA GLY C 157 15.53 -18.52 -13.21
C GLY C 157 16.62 -19.55 -13.28
N ILE C 158 17.66 -19.36 -12.47
CA ILE C 158 18.81 -20.27 -12.44
C ILE C 158 18.93 -20.78 -11.01
N GLY C 159 18.76 -22.10 -10.84
CA GLY C 159 18.63 -22.69 -9.54
C GLY C 159 19.92 -23.27 -8.97
N ALA C 160 19.90 -23.48 -7.67
CA ALA C 160 20.99 -24.11 -6.95
C ALA C 160 20.58 -25.53 -6.57
N TRP C 161 21.53 -26.25 -6.00
CA TRP C 161 21.36 -27.68 -5.81
C TRP C 161 20.92 -28.09 -4.42
N ASN C 162 20.85 -27.17 -3.47
CA ASN C 162 20.54 -27.62 -2.11
C ASN C 162 19.04 -27.82 -1.89
N TYR C 163 18.19 -27.00 -2.50
CA TYR C 163 16.73 -27.15 -2.43
C TYR C 163 16.16 -27.05 -3.84
N PRO C 164 16.38 -28.08 -4.68
CA PRO C 164 16.10 -27.93 -6.11
C PRO C 164 14.67 -27.55 -6.45
N ILE C 165 13.72 -28.33 -5.99
CA ILE C 165 12.35 -28.04 -6.42
C ILE C 165 11.80 -26.85 -5.64
N GLN C 166 12.22 -26.67 -4.38
CA GLN C 166 11.76 -25.51 -3.62
C GLN C 166 12.19 -24.22 -4.30
N ILE C 167 13.45 -24.15 -4.72
CA ILE C 167 13.94 -22.98 -5.43
C ILE C 167 13.18 -22.77 -6.74
N ALA C 168 12.96 -23.83 -7.50
CA ALA C 168 12.20 -23.69 -8.75
C ALA C 168 10.80 -23.13 -8.47
N LEU C 169 10.18 -23.53 -7.36
CA LEU C 169 8.85 -23.01 -7.05
C LEU C 169 8.91 -21.58 -6.55
N TRP C 170 9.90 -21.26 -5.71
CA TRP C 170 10.00 -19.90 -5.20
C TRP C 170 10.32 -18.89 -6.31
N LYS C 171 10.99 -19.32 -7.37
CA LYS C 171 11.23 -18.40 -8.48
C LYS C 171 10.06 -18.38 -9.46
N SER C 172 9.51 -19.56 -9.80
CA SER C 172 8.48 -19.61 -10.83
C SER C 172 7.14 -19.08 -10.34
N ALA C 173 6.83 -19.26 -9.06
CA ALA C 173 5.52 -18.84 -8.55
C ALA C 173 5.30 -17.34 -8.69
N PRO C 174 6.14 -16.45 -8.15
CA PRO C 174 5.87 -15.01 -8.35
C PRO C 174 6.01 -14.61 -9.81
N ALA C 175 6.91 -15.24 -10.55
CA ALA C 175 7.09 -14.91 -11.95
C ALA C 175 5.83 -15.21 -12.76
N LEU C 176 5.28 -16.42 -12.61
CA LEU C 176 4.06 -16.80 -13.31
C LEU C 176 2.87 -15.98 -12.82
N ALA C 177 2.76 -15.79 -11.49
CA ALA C 177 1.64 -15.03 -10.95
C ALA C 177 1.65 -13.59 -11.47
N ALA C 178 2.83 -13.04 -11.76
CA ALA C 178 2.93 -11.70 -12.27
C ALA C 178 2.64 -11.61 -13.77
N GLY C 179 2.37 -12.74 -14.43
CA GLY C 179 2.00 -12.76 -15.82
C GLY C 179 3.13 -13.03 -16.78
N ASN C 180 4.30 -13.43 -16.28
CA ASN C 180 5.45 -13.75 -17.10
C ASN C 180 5.50 -15.24 -17.44
N ALA C 181 6.31 -15.55 -18.45
CA ALA C 181 6.81 -16.90 -18.65
C ALA C 181 8.22 -16.97 -18.08
N MET C 182 8.58 -18.12 -17.52
CA MET C 182 9.91 -18.33 -16.99
C MET C 182 10.57 -19.52 -17.68
N ILE C 183 11.83 -19.34 -18.08
CA ILE C 183 12.70 -20.45 -18.47
C ILE C 183 13.60 -20.76 -17.28
N PHE C 184 13.55 -21.99 -16.78
CA PHE C 184 14.25 -22.36 -15.56
C PHE C 184 15.40 -23.29 -15.87
N LYS C 185 16.59 -22.97 -15.38
CA LYS C 185 17.76 -23.83 -15.53
C LYS C 185 18.13 -24.40 -14.17
N PRO C 186 17.83 -25.65 -13.88
CA PRO C 186 18.21 -26.23 -12.59
C PRO C 186 19.72 -26.41 -12.54
N SER C 187 20.24 -26.59 -11.33
CA SER C 187 21.66 -26.94 -11.18
C SER C 187 21.98 -28.25 -11.87
N GLU C 188 23.14 -28.33 -12.53
CA GLU C 188 23.56 -29.60 -13.11
C GLU C 188 23.75 -30.66 -12.05
N VAL C 189 23.90 -30.28 -10.78
CA VAL C 189 24.02 -31.30 -9.73
C VAL C 189 22.68 -31.97 -9.47
N THR C 190 21.56 -31.26 -9.61
CA THR C 190 20.25 -31.73 -9.19
C THR C 190 19.19 -31.29 -10.20
N PRO C 191 19.21 -31.86 -11.40
CA PRO C 191 18.29 -31.39 -12.46
C PRO C 191 16.92 -32.07 -12.52
N LEU C 192 16.68 -33.14 -11.75
CA LEU C 192 15.56 -34.03 -12.04
C LEU C 192 14.19 -33.47 -11.62
N THR C 193 14.07 -32.90 -10.41
CA THR C 193 12.72 -32.53 -9.96
C THR C 193 12.17 -31.32 -10.73
N ALA C 194 13.04 -30.49 -11.28
CA ALA C 194 12.57 -29.37 -12.09
C ALA C 194 11.83 -29.87 -13.33
N LEU C 195 12.28 -30.99 -13.89
CA LEU C 195 11.57 -31.56 -15.04
C LEU C 195 10.20 -32.09 -14.64
N LYS C 196 10.07 -32.72 -13.47
CA LYS C 196 8.76 -33.15 -13.00
C LYS C 196 7.84 -31.96 -12.78
N LEU C 197 8.38 -30.87 -12.25
CA LEU C 197 7.56 -29.68 -12.02
C LEU C 197 7.01 -29.13 -13.34
N ALA C 198 7.82 -29.16 -14.40
CA ALA C 198 7.34 -28.67 -15.68
C ALA C 198 6.12 -29.46 -16.16
N GLU C 199 6.16 -30.79 -16.01
CA GLU C 199 5.00 -31.61 -16.37
C GLU C 199 3.80 -31.30 -15.50
N ILE C 200 4.02 -31.08 -14.20
CA ILE C 200 2.93 -30.80 -13.27
C ILE C 200 2.24 -29.50 -13.65
N TYR C 201 3.01 -28.46 -13.92
CA TYR C 201 2.42 -27.20 -14.36
C TYR C 201 1.57 -27.42 -15.60
N ARG C 202 2.08 -28.17 -16.58
CA ARG C 202 1.29 -28.39 -17.79
C ARG C 202 0.01 -29.15 -17.48
N GLU C 203 0.09 -30.16 -16.60
CA GLU C 203 -1.11 -30.91 -16.21
C GLU C 203 -2.14 -29.99 -15.55
N ALA C 204 -1.70 -28.99 -14.81
CA ALA C 204 -2.61 -28.05 -14.16
C ALA C 204 -3.26 -27.08 -15.14
N GLY C 205 -2.81 -27.06 -16.39
CA GLY C 205 -3.36 -26.17 -17.39
C GLY C 205 -2.51 -24.98 -17.73
N LEU C 206 -1.28 -24.94 -17.27
CA LEU C 206 -0.43 -23.81 -17.61
C LEU C 206 -0.24 -23.82 -19.13
N PRO C 207 -0.39 -22.69 -19.81
CA PRO C 207 -0.20 -22.68 -21.27
C PRO C 207 1.19 -23.14 -21.70
N ASP C 208 1.24 -23.81 -22.85
CA ASP C 208 2.53 -24.25 -23.39
C ASP C 208 3.46 -23.05 -23.50
N GLY C 209 4.69 -23.24 -23.05
CA GLY C 209 5.71 -22.23 -23.12
C GLY C 209 5.87 -21.38 -21.88
N VAL C 210 4.90 -21.40 -20.96
CA VAL C 210 4.99 -20.47 -19.83
C VAL C 210 6.04 -20.93 -18.81
N PHE C 211 6.28 -22.23 -18.69
CA PHE C 211 7.34 -22.76 -17.85
C PHE C 211 8.10 -23.82 -18.64
N ASN C 212 9.28 -23.45 -19.13
CA ASN C 212 10.20 -24.33 -19.84
C ASN C 212 11.40 -24.61 -18.94
N VAL C 213 11.93 -25.83 -19.01
CA VAL C 213 13.04 -26.24 -18.16
C VAL C 213 14.18 -26.71 -19.05
N LEU C 214 15.36 -26.11 -18.87
CA LEU C 214 16.54 -26.38 -19.69
C LEU C 214 17.70 -26.83 -18.81
N PRO C 215 17.87 -28.13 -18.60
CA PRO C 215 19.08 -28.60 -17.91
C PRO C 215 20.32 -28.23 -18.71
N GLY C 216 21.42 -28.12 -18.00
CA GLY C 216 22.69 -27.81 -18.63
C GLY C 216 23.67 -27.29 -17.61
N ILE C 217 24.86 -26.97 -18.08
CA ILE C 217 25.94 -26.51 -17.23
C ILE C 217 25.96 -24.98 -17.22
N GLY C 218 26.47 -24.40 -16.14
CA GLY C 218 26.39 -22.96 -15.98
C GLY C 218 27.15 -22.21 -17.07
N ALA C 219 28.36 -22.68 -17.39
CA ALA C 219 29.20 -22.00 -18.37
C ALA C 219 28.60 -21.99 -19.77
N GLU C 220 27.68 -22.91 -20.08
CA GLU C 220 27.06 -22.92 -21.40
C GLU C 220 25.58 -22.59 -21.33
N THR C 221 24.75 -23.47 -20.79
CA THR C 221 23.31 -23.20 -20.80
C THR C 221 22.99 -21.96 -19.98
N GLY C 222 23.55 -21.88 -18.78
CA GLY C 222 23.28 -20.70 -17.96
C GLY C 222 23.70 -19.41 -18.64
N GLN C 223 24.89 -19.40 -19.23
CA GLN C 223 25.38 -18.18 -19.89
C GLN C 223 24.51 -17.80 -21.08
N TYR C 224 24.07 -18.80 -21.85
CA TYR C 224 23.22 -18.49 -23.00
C TYR C 224 21.94 -17.78 -22.57
N LEU C 225 21.40 -18.14 -21.40
CA LEU C 225 20.22 -17.46 -20.88
C LEU C 225 20.57 -16.04 -20.44
N THR C 226 21.69 -15.86 -19.73
CA THR C 226 22.04 -14.53 -19.26
C THR C 226 22.35 -13.60 -20.42
N GLU C 227 22.72 -14.15 -21.58
CA GLU C 227 23.07 -13.34 -22.73
C GLU C 227 21.93 -13.06 -23.69
N HIS C 228 20.83 -13.79 -23.59
CA HIS C 228 19.82 -13.72 -24.63
C HIS C 228 19.17 -12.34 -24.65
N PRO C 229 19.00 -11.72 -25.82
CA PRO C 229 18.50 -10.33 -25.84
C PRO C 229 17.02 -10.19 -25.50
N ASP C 230 16.26 -11.27 -25.50
CA ASP C 230 14.80 -11.19 -25.31
C ASP C 230 14.35 -11.68 -23.94
N ILE C 231 15.27 -11.96 -23.03
CA ILE C 231 14.97 -12.30 -21.65
C ILE C 231 15.10 -11.02 -20.82
N ALA C 232 14.05 -10.66 -20.08
CA ALA C 232 14.01 -9.35 -19.45
C ALA C 232 14.57 -9.34 -18.05
N LYS C 233 14.68 -10.49 -17.41
CA LYS C 233 15.13 -10.56 -16.03
C LYS C 233 15.77 -11.91 -15.76
N ILE C 234 16.81 -11.91 -14.91
CA ILE C 234 17.45 -13.13 -14.44
C ILE C 234 17.32 -13.18 -12.94
N SER C 235 16.85 -14.30 -12.42
CA SER C 235 16.84 -14.54 -10.98
C SER C 235 17.74 -15.74 -10.70
N PHE C 236 18.77 -15.52 -9.88
CA PHE C 236 19.85 -16.46 -9.65
C PHE C 236 19.97 -16.79 -8.18
N THR C 237 20.12 -18.08 -7.88
CA THR C 237 20.46 -18.54 -6.55
C THR C 237 21.73 -19.38 -6.65
N GLY C 238 22.70 -19.11 -5.79
CA GLY C 238 23.97 -19.82 -5.87
C GLY C 238 25.03 -19.13 -5.06
N GLY C 239 26.28 -19.36 -5.46
CA GLY C 239 27.40 -18.83 -4.72
C GLY C 239 27.69 -17.38 -5.06
N VAL C 240 28.35 -16.71 -4.10
CA VAL C 240 28.69 -15.30 -4.27
C VAL C 240 29.49 -15.10 -5.56
N ALA C 241 30.44 -15.99 -5.82
CA ALA C 241 31.32 -15.85 -6.98
C ALA C 241 30.57 -15.98 -8.29
N SER C 242 29.86 -17.10 -8.48
CA SER C 242 29.11 -17.29 -9.74
C SER C 242 28.07 -16.19 -9.93
N GLY C 243 27.44 -15.73 -8.84
CA GLY C 243 26.49 -14.65 -8.97
C GLY C 243 27.13 -13.39 -9.55
N LYS C 244 28.31 -13.03 -9.05
CA LYS C 244 28.99 -11.86 -9.60
C LYS C 244 29.20 -12.02 -11.10
N LYS C 245 29.51 -13.23 -11.56
CA LYS C 245 29.66 -13.45 -13.00
C LYS C 245 28.33 -13.31 -13.73
N VAL C 246 27.28 -13.92 -13.19
CA VAL C 246 25.95 -13.87 -13.82
C VAL C 246 25.50 -12.42 -13.97
N MET C 247 25.61 -11.63 -12.90
CA MET C 247 25.11 -10.27 -12.95
C MET C 247 25.88 -9.45 -13.97
N ALA C 248 27.18 -9.70 -14.09
CA ALA C 248 28.00 -8.99 -15.07
C ALA C 248 27.59 -9.34 -16.51
N ASN C 249 27.43 -10.63 -16.82
CA ASN C 249 27.09 -11.03 -18.18
C ASN C 249 25.67 -10.61 -18.55
N SER C 250 24.77 -10.59 -17.57
CA SER C 250 23.40 -10.15 -17.85
C SER C 250 23.38 -8.68 -18.22
N ALA C 251 24.27 -7.89 -17.61
CA ALA C 251 24.36 -6.47 -17.91
C ALA C 251 24.98 -6.23 -19.27
N ALA C 252 26.12 -6.86 -19.54
CA ALA C 252 26.82 -6.64 -20.81
C ALA C 252 25.96 -7.04 -21.99
N SER C 253 25.06 -8.00 -21.83
CA SER C 253 24.27 -8.48 -22.96
C SER C 253 23.09 -7.58 -23.27
N SER C 254 22.15 -7.46 -22.33
CA SER C 254 20.88 -6.80 -22.63
C SER C 254 20.36 -5.95 -21.47
N LEU C 255 21.21 -5.60 -20.51
CA LEU C 255 20.79 -4.80 -19.36
C LEU C 255 19.54 -5.39 -18.69
N LYS C 256 19.66 -6.63 -18.24
CA LYS C 256 18.52 -7.30 -17.62
C LYS C 256 18.33 -6.84 -16.17
N GLU C 257 17.07 -6.83 -15.72
CA GLU C 257 16.82 -6.78 -14.28
C GLU C 257 17.38 -8.05 -13.64
N VAL C 258 17.78 -7.96 -12.38
CA VAL C 258 18.50 -9.03 -11.70
C VAL C 258 18.00 -9.20 -10.27
N THR C 259 17.89 -10.46 -9.84
CA THR C 259 17.71 -10.84 -8.45
C THR C 259 18.79 -11.87 -8.14
N MET C 260 19.44 -11.77 -6.99
CA MET C 260 20.48 -12.71 -6.60
C MET C 260 20.27 -13.08 -5.14
N GLU C 261 20.20 -14.38 -4.89
CA GLU C 261 20.11 -14.96 -3.55
C GLU C 261 21.39 -15.78 -3.40
N LEU C 262 22.35 -15.25 -2.65
CA LEU C 262 23.67 -15.86 -2.55
C LEU C 262 23.85 -16.42 -1.14
N GLY C 263 25.05 -16.84 -0.82
CA GLY C 263 25.31 -17.44 0.46
C GLY C 263 25.50 -16.41 1.55
N GLY C 264 25.87 -16.91 2.73
CA GLY C 264 26.13 -16.06 3.87
C GLY C 264 27.12 -16.68 4.84
N LYS C 265 27.43 -15.93 5.87
CA LYS C 265 28.14 -16.41 7.04
C LYS C 265 27.40 -15.85 8.26
N SER C 266 26.17 -16.31 8.44
CA SER C 266 25.23 -15.63 9.31
C SER C 266 25.55 -15.87 10.79
N PRO C 267 25.45 -14.83 11.61
CA PRO C 267 25.75 -14.96 13.03
C PRO C 267 24.52 -15.29 13.87
N LEU C 268 24.73 -16.17 14.84
CA LEU C 268 23.77 -16.50 15.88
C LEU C 268 24.32 -15.95 17.19
N ILE C 269 23.64 -14.98 17.77
CA ILE C 269 24.11 -14.31 18.98
C ILE C 269 23.36 -14.91 20.17
N ILE C 270 24.11 -15.52 21.09
CA ILE C 270 23.56 -16.03 22.33
C ILE C 270 23.77 -14.96 23.39
N ALA C 271 22.68 -14.43 23.94
CA ALA C 271 22.79 -13.37 24.92
C ALA C 271 23.15 -13.94 26.29
N GLU C 272 23.65 -13.07 27.16
CA GLU C 272 24.09 -13.50 28.49
C GLU C 272 22.93 -14.03 29.33
N ASP C 273 21.69 -13.67 29.02
CA ASP C 273 20.53 -14.14 29.76
C ASP C 273 19.81 -15.27 29.04
N ALA C 274 20.42 -15.88 28.02
CA ALA C 274 19.78 -16.95 27.28
C ALA C 274 19.79 -18.27 28.05
N ASN C 275 18.71 -19.04 27.91
CA ASN C 275 18.72 -20.43 28.35
C ASN C 275 19.58 -21.25 27.39
N LEU C 276 20.59 -21.94 27.92
CA LEU C 276 21.58 -22.56 27.05
C LEU C 276 21.08 -23.83 26.38
N ASP C 277 20.06 -24.50 26.93
CA ASP C 277 19.45 -25.61 26.21
C ASP C 277 18.73 -25.10 24.96
N LEU C 278 18.00 -23.99 25.08
CA LEU C 278 17.38 -23.39 23.90
C LEU C 278 18.45 -22.94 22.90
N ALA C 279 19.47 -22.25 23.38
CA ALA C 279 20.52 -21.76 22.48
C ALA C 279 21.18 -22.91 21.75
N ALA C 280 21.47 -24.01 22.45
CA ALA C 280 22.08 -25.17 21.80
C ALA C 280 21.16 -25.77 20.75
N ASP C 281 19.86 -25.87 21.06
CA ASP C 281 18.91 -26.40 20.09
C ASP C 281 18.86 -25.52 18.84
N ILE C 282 18.84 -24.20 19.01
CA ILE C 282 18.79 -23.29 17.86
C ILE C 282 20.09 -23.42 17.06
N ALA C 283 21.22 -23.45 17.75
CA ALA C 283 22.51 -23.58 17.08
C ALA C 283 22.58 -24.89 16.29
N MET C 284 22.04 -25.98 16.84
CA MET C 284 22.02 -27.24 16.11
C MET C 284 21.20 -27.12 14.84
N MET C 285 19.98 -26.57 14.95
CA MET C 285 19.12 -26.46 13.78
C MET C 285 19.65 -25.46 12.79
N ALA C 286 20.45 -24.51 13.25
CA ALA C 286 21.04 -23.53 12.36
C ALA C 286 22.29 -24.03 11.67
N ASN C 287 22.78 -25.24 12.00
CA ASN C 287 24.04 -25.70 11.44
C ASN C 287 24.00 -27.05 10.76
N PHE C 288 23.12 -27.96 11.18
CA PHE C 288 23.18 -29.34 10.73
C PHE C 288 21.95 -29.80 9.96
N TYR C 289 20.98 -28.94 9.73
CA TYR C 289 19.89 -29.29 8.83
C TYR C 289 20.42 -29.37 7.41
N SER C 290 19.89 -30.31 6.63
CA SER C 290 20.36 -30.53 5.25
C SER C 290 21.88 -30.67 5.21
N SER C 291 22.42 -31.33 6.23
CA SER C 291 23.87 -31.57 6.33
C SER C 291 24.67 -30.28 6.21
N GLY C 292 24.07 -29.16 6.67
CA GLY C 292 24.74 -27.88 6.66
C GLY C 292 24.71 -27.16 5.32
N GLN C 293 23.90 -27.62 4.38
CA GLN C 293 23.88 -27.04 3.03
C GLN C 293 22.71 -26.08 2.86
N VAL C 294 22.63 -25.07 3.72
CA VAL C 294 21.55 -24.09 3.73
C VAL C 294 22.17 -22.70 3.74
N CYS C 295 21.76 -21.85 2.79
CA CYS C 295 22.43 -20.57 2.65
C CYS C 295 22.33 -19.74 3.91
N THR C 296 21.22 -19.86 4.64
CA THR C 296 20.94 -19.04 5.81
C THR C 296 21.54 -19.60 7.11
N ASN C 297 22.34 -20.65 7.05
CA ASN C 297 22.78 -21.28 8.29
C ASN C 297 23.56 -20.32 9.17
N GLY C 298 23.35 -20.44 10.48
CA GLY C 298 24.02 -19.63 11.47
C GLY C 298 25.35 -20.24 11.87
N THR C 299 26.33 -20.10 10.99
CA THR C 299 27.58 -20.82 11.09
C THR C 299 28.63 -20.13 11.95
N ARG C 300 28.37 -18.91 12.41
CA ARG C 300 29.18 -18.25 13.43
C ARG C 300 28.32 -18.13 14.67
N VAL C 301 28.61 -18.93 15.69
CA VAL C 301 27.82 -18.96 16.92
C VAL C 301 28.60 -18.21 17.98
N PHE C 302 28.09 -17.03 18.39
CA PHE C 302 28.74 -16.20 19.40
C PHE C 302 28.15 -16.55 20.77
N VAL C 303 29.02 -16.95 21.69
CA VAL C 303 28.59 -17.33 23.03
C VAL C 303 29.35 -16.53 24.08
N PRO C 304 28.69 -16.06 25.13
CA PRO C 304 29.43 -15.34 26.19
C PRO C 304 30.53 -16.22 26.77
N ALA C 305 31.67 -15.60 27.06
CA ALA C 305 32.80 -16.34 27.60
C ALA C 305 32.41 -17.15 28.82
N LYS C 306 31.60 -16.57 29.70
CA LYS C 306 31.24 -17.26 30.94
C LYS C 306 30.41 -18.51 30.71
N PHE C 307 29.76 -18.64 29.55
CA PHE C 307 28.91 -19.79 29.24
C PHE C 307 29.55 -20.75 28.24
N LYS C 308 30.75 -20.45 27.75
CA LYS C 308 31.28 -21.17 26.60
C LYS C 308 31.47 -22.64 26.89
N ALA C 309 32.08 -22.97 28.03
CA ALA C 309 32.36 -24.36 28.37
C ALA C 309 31.06 -25.17 28.50
N GLU C 310 30.06 -24.62 29.19
CA GLU C 310 28.79 -25.32 29.33
C GLU C 310 28.10 -25.49 27.98
N PHE C 311 28.14 -24.45 27.15
CA PHE C 311 27.53 -24.52 25.82
C PHE C 311 28.21 -25.58 24.97
N GLU C 312 29.54 -25.63 25.00
CA GLU C 312 30.25 -26.67 24.25
C GLU C 312 29.78 -28.05 24.69
N HIS C 313 29.63 -28.27 25.99
CA HIS C 313 29.15 -29.58 26.45
CA HIS C 313 29.15 -29.58 26.45
C HIS C 313 27.74 -29.86 25.94
N LYS C 314 26.88 -28.83 25.92
CA LYS C 314 25.54 -29.04 25.41
C LYS C 314 25.54 -29.32 23.91
N ILE C 315 26.45 -28.69 23.15
CA ILE C 315 26.54 -29.02 21.73
C ILE C 315 27.03 -30.45 21.53
N LEU C 316 28.07 -30.85 22.27
CA LEU C 316 28.60 -32.22 22.09
C LEU C 316 27.54 -33.26 22.33
N GLU C 317 26.74 -33.06 23.35
CA GLU C 317 25.66 -33.97 23.67
C GLU C 317 24.67 -34.10 22.52
N ARG C 318 24.26 -32.97 21.94
CA ARG C 318 23.27 -32.99 20.88
C ARG C 318 23.85 -33.51 19.57
N VAL C 319 25.12 -33.19 19.29
CA VAL C 319 25.75 -33.76 18.10
C VAL C 319 25.76 -35.27 18.18
N GLY C 320 25.97 -35.82 19.38
CA GLY C 320 25.94 -37.27 19.54
C GLY C 320 24.60 -37.89 19.22
N ARG C 321 23.54 -37.11 19.24
CA ARG C 321 22.21 -37.62 18.94
C ARG C 321 21.92 -37.66 17.45
N ILE C 322 22.77 -37.03 16.62
CA ILE C 322 22.49 -36.99 15.19
C ILE C 322 22.46 -38.41 14.65
N ARG C 323 21.51 -38.71 13.77
CA ARG C 323 21.31 -40.06 13.27
C ARG C 323 21.53 -40.08 11.76
N ALA C 324 22.75 -40.38 11.35
CA ALA C 324 23.06 -40.65 9.95
C ALA C 324 22.71 -42.10 9.61
N GLY C 325 22.30 -42.33 8.38
CA GLY C 325 22.01 -43.68 7.90
C GLY C 325 21.16 -43.67 6.63
N ASP C 326 20.44 -44.77 6.44
CA ASP C 326 19.54 -44.92 5.29
C ASP C 326 18.66 -43.70 5.11
N LEU C 327 18.78 -43.05 3.96
CA LEU C 327 18.07 -41.79 3.76
C LEU C 327 16.56 -41.97 3.69
N PHE C 328 16.08 -43.21 3.51
CA PHE C 328 14.66 -43.49 3.51
C PHE C 328 14.16 -44.03 4.85
N ALA C 329 15.05 -44.23 5.81
CA ALA C 329 14.62 -44.67 7.14
C ALA C 329 13.98 -43.51 7.89
N ASP C 330 12.96 -43.83 8.69
CA ASP C 330 12.20 -42.81 9.39
C ASP C 330 13.08 -41.98 10.31
N ASP C 331 14.00 -42.62 11.02
CA ASP C 331 14.77 -41.95 12.06
C ASP C 331 16.02 -41.23 11.54
N THR C 332 16.37 -41.38 10.27
CA THR C 332 17.52 -40.67 9.73
C THR C 332 17.25 -39.18 9.63
N ASN C 333 18.18 -38.37 10.17
CA ASN C 333 18.05 -36.91 10.12
C ASN C 333 19.34 -36.22 9.68
N PHE C 334 20.24 -36.95 9.03
CA PHE C 334 21.50 -36.38 8.56
C PHE C 334 21.89 -37.16 7.32
N GLY C 335 22.29 -36.47 6.27
CA GLY C 335 22.66 -37.13 5.03
C GLY C 335 24.08 -36.85 4.59
N PRO C 336 24.48 -37.47 3.49
CA PRO C 336 25.75 -37.11 2.86
C PRO C 336 25.59 -35.73 2.22
N LEU C 337 26.70 -35.16 1.83
CA LEU C 337 26.68 -33.93 1.04
C LEU C 337 26.20 -34.23 -0.38
N VAL C 338 25.88 -33.17 -1.13
CA VAL C 338 25.22 -33.32 -2.41
C VAL C 338 26.09 -34.00 -3.46
N SER C 339 27.41 -33.97 -3.30
CA SER C 339 28.30 -34.54 -4.32
C SER C 339 29.65 -34.81 -3.70
N PHE C 340 30.43 -35.62 -4.40
CA PHE C 340 31.76 -35.94 -3.90
C PHE C 340 32.70 -34.75 -4.06
N PRO C 341 32.64 -34.01 -5.18
CA PRO C 341 33.46 -32.79 -5.27
C PRO C 341 33.14 -31.79 -4.16
N HIS C 342 31.87 -31.67 -3.77
CA HIS C 342 31.54 -30.76 -2.69
C HIS C 342 32.09 -31.24 -1.37
N ARG C 343 32.09 -32.56 -1.12
CA ARG C 343 32.70 -33.05 0.11
C ARG C 343 34.19 -32.70 0.15
N GLN C 344 34.88 -32.82 -0.99
CA GLN C 344 36.30 -32.47 -0.99
C GLN C 344 36.53 -31.02 -0.57
N ASN C 345 35.70 -30.10 -1.03
CA ASN C 345 35.88 -28.71 -0.64
C ASN C 345 35.63 -28.52 0.85
N VAL C 346 34.60 -29.18 1.38
CA VAL C 346 34.31 -29.08 2.80
C VAL C 346 35.48 -29.62 3.62
N LEU C 347 36.06 -30.75 3.18
CA LEU C 347 37.21 -31.31 3.89
C LEU C 347 38.39 -30.35 3.86
N ARG C 348 38.55 -29.60 2.77
CA ARG C 348 39.63 -28.63 2.72
CA ARG C 348 39.61 -28.60 2.69
C ARG C 348 39.40 -27.52 3.74
N TYR C 349 38.16 -27.09 3.94
CA TYR C 349 37.89 -26.08 4.97
C TYR C 349 38.19 -26.62 6.36
N ILE C 350 37.83 -27.87 6.61
CA ILE C 350 38.10 -28.47 7.91
C ILE C 350 39.60 -28.49 8.18
N GLU C 351 40.39 -28.88 7.18
CA GLU C 351 41.84 -28.91 7.35
C GLU C 351 42.40 -27.51 7.59
N SER C 352 41.82 -26.51 6.93
CA SER C 352 42.19 -25.13 7.15
C SER C 352 41.96 -24.73 8.60
N GLY C 353 40.83 -25.13 9.17
CA GLY C 353 40.55 -24.85 10.58
C GLY C 353 41.59 -25.48 11.50
N LYS C 354 41.96 -26.73 11.22
CA LYS C 354 42.98 -27.38 12.02
C LYS C 354 44.32 -26.67 11.89
N SER C 355 44.72 -26.29 10.68
CA SER C 355 46.05 -25.71 10.46
C SER C 355 46.17 -24.31 11.04
N GLU C 356 45.08 -23.60 11.23
CA GLU C 356 45.06 -22.28 11.84
C GLU C 356 44.82 -22.36 13.34
N GLY C 357 44.70 -23.56 13.89
CA GLY C 357 44.68 -23.69 15.33
C GLY C 357 43.33 -23.65 15.98
N ALA C 358 42.24 -23.67 15.21
CA ALA C 358 40.94 -23.80 15.83
C ALA C 358 40.84 -25.16 16.49
N ARG C 359 40.07 -25.24 17.58
CA ARG C 359 39.99 -26.47 18.35
C ARG C 359 38.83 -27.31 17.86
N LEU C 360 39.13 -28.54 17.45
CA LEU C 360 38.10 -29.43 16.92
C LEU C 360 37.36 -30.01 18.12
N LEU C 361 36.09 -29.68 18.24
CA LEU C 361 35.31 -30.19 19.37
C LEU C 361 34.76 -31.58 19.05
N CYS C 362 34.32 -31.80 17.83
CA CYS C 362 33.85 -33.10 17.39
C CYS C 362 33.84 -33.13 15.88
N GLY C 363 33.76 -34.33 15.33
CA GLY C 363 33.72 -34.51 13.89
C GLY C 363 35.05 -34.24 13.24
N GLY C 364 34.99 -33.70 12.03
CA GLY C 364 36.19 -33.35 11.29
C GLY C 364 36.69 -34.38 10.31
N ASP C 365 35.96 -35.49 10.14
CA ASP C 365 36.37 -36.56 9.23
C ASP C 365 35.16 -37.09 8.48
N VAL C 366 35.42 -37.87 7.43
CA VAL C 366 34.37 -38.58 6.72
C VAL C 366 33.80 -39.69 7.61
N LEU C 367 32.57 -40.13 7.29
CA LEU C 367 32.01 -41.31 7.94
C LEU C 367 32.46 -42.56 7.20
N LYS C 368 32.67 -43.64 7.95
CA LYS C 368 33.24 -44.87 7.43
C LYS C 368 32.37 -46.05 7.86
N GLY C 369 32.49 -47.15 7.13
CA GLY C 369 31.79 -48.37 7.49
C GLY C 369 30.67 -48.68 6.53
N GLU C 370 29.99 -49.79 6.83
CA GLU C 370 28.91 -50.27 5.98
C GLU C 370 27.85 -49.19 5.80
N GLY C 371 27.51 -48.90 4.56
CA GLY C 371 26.49 -47.91 4.27
C GLY C 371 27.00 -46.49 4.19
N PHE C 372 28.27 -46.25 4.50
CA PHE C 372 28.85 -44.92 4.40
C PHE C 372 30.01 -44.83 3.43
N ASP C 373 30.75 -45.92 3.21
CA ASP C 373 31.95 -45.86 2.40
C ASP C 373 31.68 -45.41 0.98
N ASN C 374 30.46 -45.62 0.48
CA ASN C 374 30.10 -45.26 -0.89
C ASN C 374 29.35 -43.94 -1.01
N GLY C 375 29.13 -43.23 0.09
CA GLY C 375 28.43 -41.96 0.04
C GLY C 375 29.32 -40.79 0.39
N ALA C 376 28.91 -39.56 0.05
CA ALA C 376 29.75 -38.39 0.27
C ALA C 376 29.53 -37.82 1.67
N TRP C 377 29.80 -38.64 2.68
CA TRP C 377 29.48 -38.28 4.06
C TRP C 377 30.59 -37.48 4.72
N VAL C 378 30.21 -36.42 5.43
CA VAL C 378 31.08 -35.70 6.35
C VAL C 378 30.43 -35.72 7.72
N ALA C 379 31.22 -36.01 8.76
CA ALA C 379 30.70 -36.03 10.11
C ALA C 379 30.27 -34.63 10.55
N PRO C 380 29.23 -34.52 11.39
CA PRO C 380 28.92 -33.21 12.00
C PRO C 380 30.14 -32.70 12.75
N THR C 381 30.56 -31.48 12.43
CA THR C 381 31.82 -30.94 12.89
C THR C 381 31.58 -29.61 13.60
N VAL C 382 32.26 -29.45 14.74
CA VAL C 382 32.20 -28.24 15.52
C VAL C 382 33.63 -27.83 15.85
N PHE C 383 33.98 -26.58 15.52
CA PHE C 383 35.23 -25.97 15.93
C PHE C 383 34.91 -24.95 17.01
N THR C 384 35.76 -24.83 18.01
CA THR C 384 35.60 -23.80 19.03
C THR C 384 36.94 -23.07 19.22
N ASP C 385 36.96 -22.11 20.14
CA ASP C 385 38.11 -21.21 20.29
C ASP C 385 38.40 -20.47 18.98
N CYS C 386 37.36 -20.20 18.20
CA CYS C 386 37.51 -19.58 16.89
C CYS C 386 37.69 -18.07 17.03
N THR C 387 38.34 -17.47 16.02
CA THR C 387 38.57 -16.04 15.96
C THR C 387 38.15 -15.50 14.59
N ASP C 388 37.94 -14.18 14.55
CA ASP C 388 37.28 -13.55 13.41
C ASP C 388 38.10 -13.62 12.12
N ASP C 389 39.42 -13.82 12.21
CA ASP C 389 40.30 -13.86 11.05
C ASP C 389 40.49 -15.24 10.46
N MET C 390 40.01 -16.29 11.12
CA MET C 390 40.20 -17.63 10.59
C MET C 390 39.43 -17.83 9.30
N THR C 391 39.99 -18.66 8.42
CA THR C 391 39.35 -18.92 7.14
C THR C 391 37.98 -19.54 7.33
N ILE C 392 37.85 -20.52 8.24
CA ILE C 392 36.54 -21.14 8.46
C ILE C 392 35.52 -20.15 9.02
N VAL C 393 35.98 -19.08 9.66
CA VAL C 393 35.06 -18.09 10.19
C VAL C 393 34.68 -17.05 9.13
N ARG C 394 35.58 -16.76 8.20
CA ARG C 394 35.33 -15.71 7.20
C ARG C 394 34.58 -16.21 5.98
N GLU C 395 34.72 -17.49 5.63
CA GLU C 395 34.24 -18.00 4.35
C GLU C 395 33.10 -19.00 4.56
N GLU C 396 32.13 -18.96 3.64
CA GLU C 396 31.02 -19.90 3.67
C GLU C 396 31.50 -21.29 3.28
N ILE C 397 31.18 -22.27 4.12
CA ILE C 397 31.62 -23.64 3.91
C ILE C 397 30.55 -24.49 3.23
N PHE C 398 29.29 -24.28 3.57
CA PHE C 398 28.20 -25.04 2.94
C PHE C 398 28.37 -26.53 3.22
N GLY C 399 28.74 -26.82 4.46
CA GLY C 399 28.76 -28.16 4.97
C GLY C 399 28.48 -28.10 6.45
N PRO C 400 28.54 -29.24 7.10
CA PRO C 400 28.17 -29.30 8.53
C PRO C 400 29.34 -28.89 9.42
N VAL C 401 29.62 -27.59 9.45
CA VAL C 401 30.77 -27.09 10.21
C VAL C 401 30.35 -25.86 11.00
N MET C 402 30.18 -26.03 12.31
CA MET C 402 29.85 -24.92 13.22
C MET C 402 31.14 -24.31 13.75
N SER C 403 31.19 -22.99 13.81
CA SER C 403 32.28 -22.25 14.44
C SER C 403 31.75 -21.53 15.67
N ILE C 404 32.32 -21.80 16.83
CA ILE C 404 31.92 -21.18 18.08
C ILE C 404 32.93 -20.11 18.47
N LEU C 405 32.43 -18.90 18.75
CA LEU C 405 33.24 -17.73 19.06
C LEU C 405 32.82 -17.15 20.41
N SER C 406 33.80 -16.95 21.28
CA SER C 406 33.56 -16.33 22.58
CA SER C 406 33.53 -16.34 22.57
C SER C 406 33.45 -14.82 22.43
N TYR C 407 32.67 -14.20 23.31
CA TYR C 407 32.58 -12.74 23.34
C TYR C 407 32.26 -12.29 24.75
N ASP C 408 32.49 -10.99 25.00
CA ASP C 408 32.37 -10.41 26.32
C ASP C 408 31.20 -9.45 26.49
N ASP C 409 30.91 -8.57 25.51
CA ASP C 409 29.86 -7.57 25.73
C ASP C 409 29.05 -7.33 24.46
N GLU C 410 27.89 -6.69 24.64
CA GLU C 410 26.90 -6.57 23.58
C GLU C 410 27.42 -5.72 22.42
N ALA C 411 28.02 -4.57 22.71
CA ALA C 411 28.55 -3.74 21.63
C ALA C 411 29.59 -4.51 20.81
N GLU C 412 30.46 -5.26 21.49
CA GLU C 412 31.48 -6.04 20.79
C GLU C 412 30.86 -7.05 19.84
N VAL C 413 29.88 -7.82 20.31
CA VAL C 413 29.35 -8.90 19.48
C VAL C 413 28.59 -8.33 18.29
N ILE C 414 27.92 -7.18 18.45
CA ILE C 414 27.24 -6.58 17.30
C ILE C 414 28.25 -6.19 16.23
N ARG C 415 29.36 -5.58 16.63
CA ARG C 415 30.40 -5.18 15.67
CA ARG C 415 30.38 -5.18 15.67
C ARG C 415 30.96 -6.39 14.93
N ARG C 416 31.25 -7.46 15.67
CA ARG C 416 31.88 -8.62 15.07
C ARG C 416 30.90 -9.40 14.19
N ALA C 417 29.65 -9.47 14.62
CA ALA C 417 28.62 -10.07 13.77
C ALA C 417 28.52 -9.35 12.44
N ASN C 418 28.65 -8.02 12.47
CA ASN C 418 28.46 -7.21 11.27
C ASN C 418 29.71 -7.09 10.42
N ALA C 419 30.88 -7.46 10.93
CA ALA C 419 32.15 -7.25 10.24
C ALA C 419 32.36 -8.40 9.26
N THR C 420 31.60 -8.36 8.19
CA THR C 420 31.64 -9.38 7.16
C THR C 420 31.11 -8.75 5.89
N GLU C 421 31.57 -9.28 4.75
CA GLU C 421 30.97 -8.91 3.48
C GLU C 421 29.62 -9.59 3.26
N TYR C 422 29.34 -10.66 3.99
CA TYR C 422 28.05 -11.34 3.87
C TYR C 422 26.97 -10.59 4.65
N GLY C 423 25.72 -10.91 4.33
CA GLY C 423 24.60 -10.18 4.92
C GLY C 423 23.26 -10.91 4.90
N LEU C 424 23.25 -12.24 4.87
CA LEU C 424 22.01 -12.93 4.54
C LEU C 424 21.07 -13.00 5.75
N ALA C 425 21.50 -13.66 6.81
CA ALA C 425 20.66 -13.89 7.98
C ALA C 425 21.41 -13.58 9.26
N ALA C 426 20.67 -13.61 10.36
CA ALA C 426 21.19 -13.41 11.71
C ALA C 426 20.12 -13.81 12.70
N GLY C 427 20.55 -14.02 13.96
CA GLY C 427 19.59 -14.35 15.00
C GLY C 427 20.11 -14.01 16.37
N VAL C 428 19.19 -13.89 17.32
CA VAL C 428 19.55 -13.63 18.70
C VAL C 428 18.71 -14.53 19.57
N VAL C 429 19.31 -15.04 20.65
CA VAL C 429 18.62 -15.82 21.67
C VAL C 429 18.65 -15.00 22.94
N THR C 430 17.47 -14.55 23.38
CA THR C 430 17.35 -13.79 24.63
C THR C 430 15.89 -13.73 25.02
N PRO C 431 15.57 -13.87 26.31
CA PRO C 431 14.19 -13.69 26.75
C PRO C 431 13.81 -12.23 26.99
N ASP C 432 14.77 -11.32 26.86
CA ASP C 432 14.58 -9.92 27.23
C ASP C 432 13.99 -9.14 26.05
N LEU C 433 12.87 -8.43 26.31
CA LEU C 433 12.20 -7.63 25.28
C LEU C 433 13.14 -6.60 24.64
N ASN C 434 13.74 -5.75 25.46
CA ASN C 434 14.57 -4.69 24.92
C ASN C 434 15.79 -5.27 24.20
N ARG C 435 16.43 -6.28 24.79
CA ARG C 435 17.63 -6.84 24.18
C ARG C 435 17.32 -7.46 22.83
N ALA C 436 16.20 -8.16 22.71
CA ALA C 436 15.91 -8.85 21.45
C ALA C 436 15.77 -7.85 20.31
N HIS C 437 14.90 -6.85 20.48
CA HIS C 437 14.68 -5.89 19.41
C HIS C 437 15.89 -4.97 19.23
N ARG C 438 16.52 -4.57 20.34
CA ARG C 438 17.65 -3.64 20.26
C ARG C 438 18.80 -4.22 19.44
N ILE C 439 19.14 -5.48 19.68
CA ILE C 439 20.24 -6.10 18.98
C ILE C 439 19.87 -6.33 17.52
N ILE C 440 18.68 -6.89 17.27
CA ILE C 440 18.31 -7.26 15.92
C ILE C 440 18.30 -6.03 15.02
N HIS C 441 17.84 -4.89 15.54
CA HIS C 441 17.76 -3.69 14.74
C HIS C 441 19.14 -3.21 14.29
N GLN C 442 20.20 -3.61 14.98
CA GLN C 442 21.55 -3.20 14.61
C GLN C 442 22.27 -4.19 13.71
N LEU C 443 21.71 -5.37 13.44
CA LEU C 443 22.43 -6.36 12.64
C LEU C 443 22.22 -6.11 11.14
N GLU C 444 23.30 -6.25 10.37
CA GLU C 444 23.25 -5.96 8.93
C GLU C 444 22.93 -7.24 8.15
N ALA C 445 21.68 -7.67 8.26
CA ALA C 445 21.22 -8.89 7.59
C ALA C 445 19.77 -8.72 7.22
N GLY C 446 19.36 -9.40 6.13
CA GLY C 446 17.98 -9.26 5.65
C GLY C 446 16.97 -10.15 6.33
N ILE C 447 17.43 -11.23 6.96
CA ILE C 447 16.58 -12.29 7.53
C ILE C 447 17.02 -12.47 8.98
N CYS C 448 16.16 -12.11 9.92
CA CYS C 448 16.52 -12.09 11.34
C CYS C 448 15.54 -12.90 12.16
N TRP C 449 16.06 -13.79 13.01
CA TRP C 449 15.25 -14.69 13.83
C TRP C 449 15.50 -14.41 15.30
N ILE C 450 14.43 -14.27 16.07
CA ILE C 450 14.53 -14.10 17.50
C ILE C 450 14.03 -15.39 18.15
N ASN C 451 14.92 -16.07 18.85
CA ASN C 451 14.62 -17.30 19.59
C ASN C 451 14.10 -18.41 18.68
N SER C 452 14.66 -18.51 17.48
CA SER C 452 14.30 -19.57 16.54
CA SER C 452 14.28 -19.54 16.53
C SER C 452 15.31 -19.51 15.40
N TRP C 453 15.13 -20.37 14.41
CA TRP C 453 15.96 -20.28 13.22
C TRP C 453 15.28 -21.02 12.09
N GLY C 454 15.38 -20.44 10.89
CA GLY C 454 15.12 -21.17 9.66
C GLY C 454 13.74 -21.00 9.07
N GLU C 455 12.75 -20.60 9.85
CA GLU C 455 11.41 -20.53 9.30
C GLU C 455 11.35 -19.38 8.30
N SER C 456 10.77 -19.65 7.13
CA SER C 456 10.75 -18.71 6.02
C SER C 456 9.35 -18.68 5.42
N PRO C 457 8.40 -18.04 6.11
CA PRO C 457 7.01 -18.01 5.64
C PRO C 457 6.85 -17.39 4.26
N ALA C 458 5.84 -17.86 3.52
CA ALA C 458 5.60 -17.32 2.19
C ALA C 458 5.40 -15.80 2.22
N GLU C 459 4.86 -15.29 3.32
CA GLU C 459 4.57 -13.85 3.43
C GLU C 459 5.81 -13.01 3.68
N MET C 460 6.92 -13.65 4.06
CA MET C 460 8.06 -12.93 4.60
C MET C 460 9.12 -12.73 3.54
N PRO C 461 9.39 -11.49 3.09
CA PRO C 461 10.46 -11.29 2.11
C PRO C 461 11.82 -11.69 2.68
N VAL C 462 12.61 -12.35 1.86
CA VAL C 462 13.92 -12.84 2.30
C VAL C 462 14.97 -12.55 1.24
N GLY C 463 16.15 -12.15 1.70
CA GLY C 463 17.28 -11.93 0.83
C GLY C 463 18.38 -11.24 1.61
N GLY C 464 19.47 -10.95 0.90
CA GLY C 464 20.71 -10.55 1.54
C GLY C 464 21.04 -9.08 1.44
N TYR C 465 21.69 -8.57 2.48
CA TYR C 465 22.45 -7.34 2.48
C TYR C 465 23.83 -7.58 1.88
N LYS C 466 24.48 -6.50 1.45
CA LYS C 466 25.92 -6.51 1.05
C LYS C 466 26.14 -7.61 0.00
N HIS C 467 27.15 -8.45 0.14
CA HIS C 467 27.47 -9.41 -0.91
C HIS C 467 26.54 -10.61 -0.92
N SER C 468 25.57 -10.71 0.00
CA SER C 468 24.72 -11.90 0.01
C SER C 468 23.54 -11.78 -0.96
N GLY C 469 23.28 -10.62 -1.56
CA GLY C 469 22.22 -10.65 -2.56
C GLY C 469 21.83 -9.30 -3.10
N ILE C 470 20.97 -9.38 -4.12
CA ILE C 470 20.26 -8.26 -4.72
C ILE C 470 18.78 -8.62 -4.72
N GLY C 471 17.93 -7.73 -4.25
CA GLY C 471 16.50 -8.03 -4.28
C GLY C 471 16.09 -9.05 -3.22
N ARG C 472 14.84 -9.49 -3.35
CA ARG C 472 14.20 -10.36 -2.37
C ARG C 472 13.35 -11.41 -3.08
N GLU C 473 13.03 -12.47 -2.33
CA GLU C 473 12.04 -13.46 -2.70
C GLU C 473 10.98 -13.52 -1.61
N ASN C 474 9.79 -14.01 -2.00
CA ASN C 474 8.64 -14.16 -1.11
C ASN C 474 8.10 -12.79 -0.71
N GLY C 475 6.94 -12.79 -0.05
CA GLY C 475 6.26 -11.55 0.28
C GLY C 475 5.54 -10.93 -0.91
N VAL C 476 4.66 -9.96 -0.59
CA VAL C 476 3.96 -9.24 -1.64
CA VAL C 476 3.96 -9.25 -1.65
C VAL C 476 4.94 -8.51 -2.54
N MET C 477 6.06 -8.04 -1.99
CA MET C 477 6.97 -7.24 -2.78
C MET C 477 7.56 -8.02 -3.95
N THR C 478 7.70 -9.33 -3.81
CA THR C 478 8.32 -10.10 -4.88
C THR C 478 7.35 -10.33 -6.03
N LEU C 479 6.04 -10.40 -5.75
CA LEU C 479 5.09 -10.38 -6.86
C LEU C 479 5.26 -9.11 -7.67
N GLN C 480 5.36 -7.97 -6.99
CA GLN C 480 5.54 -6.69 -7.68
C GLN C 480 6.86 -6.61 -8.44
N SER C 481 7.93 -7.18 -7.88
CA SER C 481 9.23 -7.09 -8.52
C SER C 481 9.32 -7.91 -9.80
N TYR C 482 8.33 -8.77 -10.06
CA TYR C 482 8.24 -9.45 -11.34
C TYR C 482 7.30 -8.75 -12.30
N THR C 483 6.92 -7.51 -11.98
CA THR C 483 6.29 -6.63 -12.93
C THR C 483 7.17 -5.42 -13.13
N GLN C 484 6.87 -4.70 -14.19
CA GLN C 484 7.51 -3.42 -14.46
C GLN C 484 6.41 -2.36 -14.54
N VAL C 485 6.72 -1.17 -14.02
CA VAL C 485 5.77 -0.08 -13.94
C VAL C 485 5.79 0.71 -15.23
N LYS C 486 4.59 0.92 -15.79
CA LYS C 486 4.36 1.85 -16.89
C LYS C 486 3.53 3.00 -16.33
N SER C 487 4.04 4.22 -16.47
CA SER C 487 3.29 5.41 -16.09
C SER C 487 2.66 6.03 -17.32
N ILE C 488 1.38 6.38 -17.22
CA ILE C 488 0.60 6.93 -18.32
C ILE C 488 0.00 8.26 -17.89
N GLN C 489 0.32 9.32 -18.62
CA GLN C 489 -0.31 10.62 -18.38
C GLN C 489 -1.39 10.89 -19.41
N VAL C 490 -2.59 11.19 -18.94
CA VAL C 490 -3.68 11.63 -19.78
C VAL C 490 -3.72 13.15 -19.65
N GLU C 491 -3.37 13.85 -20.71
CA GLU C 491 -3.45 15.31 -20.76
C GLU C 491 -4.72 15.68 -21.50
N MET C 492 -5.70 16.22 -20.78
CA MET C 492 -6.95 16.67 -21.36
C MET C 492 -6.97 18.16 -21.66
N GLY C 493 -6.00 18.93 -21.19
CA GLY C 493 -5.93 20.33 -21.52
C GLY C 493 -5.16 20.54 -22.81
N PRO C 494 -5.18 21.77 -23.33
CA PRO C 494 -4.49 22.05 -24.59
C PRO C 494 -2.98 22.04 -24.39
N PHE C 495 -2.27 21.31 -25.26
CA PHE C 495 -0.82 21.23 -25.16
C PHE C 495 -0.17 22.52 -25.66
N GLN C 496 0.80 23.02 -24.90
CA GLN C 496 1.47 24.29 -25.21
C GLN C 496 2.91 23.99 -25.66
N SER C 497 3.22 24.40 -26.87
CA SER C 497 4.58 24.34 -27.38
C SER C 497 5.20 25.72 -27.30
N ILE C 498 6.47 25.77 -26.94
CA ILE C 498 7.19 27.04 -26.90
C ILE C 498 7.75 27.43 -28.26
N PHE C 499 7.59 26.59 -29.29
CA PHE C 499 8.11 26.88 -30.62
C PHE C 499 7.02 27.48 -31.51
N MET D 13 -11.49 39.85 28.29
CA MET D 13 -11.30 39.87 26.84
C MET D 13 -12.54 40.43 26.14
N ALA D 14 -12.38 40.77 24.86
CA ALA D 14 -13.50 41.22 24.05
C ALA D 14 -14.46 40.07 23.75
N GLU D 15 -15.73 40.43 23.49
CA GLU D 15 -16.73 39.44 23.14
C GLU D 15 -16.35 38.67 21.87
N GLN D 16 -16.34 37.35 21.96
CA GLN D 16 -15.83 36.51 20.88
C GLN D 16 -16.92 36.19 19.86
N GLN D 17 -16.57 36.33 18.58
CA GLN D 17 -17.50 36.15 17.47
C GLN D 17 -17.28 34.80 16.78
N LEU D 18 -18.17 34.49 15.84
CA LEU D 18 -17.98 33.35 14.95
C LEU D 18 -16.89 33.67 13.93
N TYR D 19 -16.32 32.63 13.32
CA TYR D 19 -15.35 32.80 12.24
C TYR D 19 -15.89 32.13 10.98
N ILE D 20 -16.31 32.94 10.01
CA ILE D 20 -16.91 32.42 8.79
C ILE D 20 -16.30 33.13 7.60
N HIS D 21 -15.76 32.34 6.67
CA HIS D 21 -15.23 32.84 5.41
C HIS D 21 -14.12 33.86 5.62
N GLY D 22 -13.17 33.50 6.48
CA GLY D 22 -11.96 34.29 6.60
C GLY D 22 -12.11 35.58 7.38
N LYS D 23 -13.15 35.70 8.19
CA LYS D 23 -13.33 36.93 8.97
C LYS D 23 -14.18 36.59 10.20
N PHE D 24 -14.03 37.37 11.27
CA PHE D 24 -14.94 37.28 12.39
C PHE D 24 -16.27 37.93 12.03
N VAL D 25 -17.37 37.29 12.41
CA VAL D 25 -18.70 37.76 12.09
C VAL D 25 -19.59 37.59 13.30
N ALA D 26 -20.52 38.53 13.48
CA ALA D 26 -21.48 38.42 14.56
C ALA D 26 -22.41 37.25 14.29
N ALA D 27 -22.75 36.50 15.35
CA ALA D 27 -23.76 35.46 15.27
C ALA D 27 -25.15 36.05 15.02
N THR D 28 -26.00 35.26 14.36
CA THR D 28 -27.39 35.64 14.12
C THR D 28 -28.34 34.98 15.11
N SER D 29 -27.82 34.30 16.11
CA SER D 29 -28.67 33.61 17.07
C SER D 29 -29.31 34.53 18.09
N GLY D 30 -28.69 35.68 18.35
CA GLY D 30 -29.06 36.50 19.49
C GLY D 30 -28.68 35.91 20.83
N LYS D 31 -27.85 34.86 20.84
CA LYS D 31 -27.52 34.12 22.06
C LYS D 31 -26.03 34.12 22.27
N THR D 32 -25.63 34.09 23.55
CA THR D 32 -24.23 34.02 23.94
C THR D 32 -24.08 33.07 25.12
N PHE D 33 -22.84 32.71 25.42
CA PHE D 33 -22.52 31.91 26.59
C PHE D 33 -21.17 32.37 27.11
N GLU D 34 -20.86 31.95 28.32
CA GLU D 34 -19.65 32.37 29.01
C GLU D 34 -18.71 31.18 29.20
N THR D 35 -17.42 31.44 29.08
CA THR D 35 -16.40 30.48 29.45
C THR D 35 -15.71 31.00 30.71
N ILE D 36 -15.54 30.11 31.69
CA ILE D 36 -15.07 30.46 33.02
C ILE D 36 -13.61 30.07 33.13
N ASN D 37 -12.81 30.89 33.78
CA ASN D 37 -11.45 30.49 34.11
C ASN D 37 -11.50 29.54 35.31
N PRO D 38 -11.15 28.26 35.13
CA PRO D 38 -11.30 27.30 36.24
C PRO D 38 -10.38 27.56 37.42
N ALA D 39 -9.38 28.42 37.26
CA ALA D 39 -8.49 28.72 38.38
C ALA D 39 -9.02 29.82 39.28
N THR D 40 -9.90 30.69 38.77
CA THR D 40 -10.38 31.82 39.54
C THR D 40 -11.90 31.90 39.64
N GLY D 41 -12.64 31.19 38.81
CA GLY D 41 -14.08 31.33 38.77
C GLY D 41 -14.55 32.52 37.98
N GLU D 42 -13.64 33.38 37.55
CA GLU D 42 -13.99 34.57 36.79
C GLU D 42 -14.42 34.21 35.38
N VAL D 43 -15.23 35.08 34.77
CA VAL D 43 -15.58 34.92 33.37
C VAL D 43 -14.39 35.33 32.52
N LEU D 44 -13.88 34.40 31.70
CA LEU D 44 -12.84 34.74 30.74
C LEU D 44 -13.38 35.55 29.58
N ALA D 45 -14.52 35.14 29.03
CA ALA D 45 -15.03 35.84 27.86
C ALA D 45 -16.48 35.44 27.63
N THR D 46 -17.21 36.35 27.02
CA THR D 46 -18.52 36.06 26.47
C THR D 46 -18.36 35.72 24.99
N VAL D 47 -19.04 34.66 24.57
CA VAL D 47 -18.84 34.07 23.26
C VAL D 47 -20.17 33.97 22.56
N GLN D 48 -20.22 34.42 21.31
CA GLN D 48 -21.44 34.30 20.54
C GLN D 48 -21.67 32.85 20.11
N ALA D 49 -22.93 32.44 20.12
CA ALA D 49 -23.30 31.06 19.82
C ALA D 49 -23.95 30.99 18.44
N ALA D 50 -23.45 30.09 17.61
CA ALA D 50 -23.98 29.95 16.25
C ALA D 50 -25.37 29.31 16.27
N GLY D 51 -26.30 29.94 15.58
CA GLY D 51 -27.63 29.40 15.42
C GLY D 51 -27.76 28.63 14.10
N ARG D 52 -28.97 28.15 13.87
CA ARG D 52 -29.21 27.32 12.70
C ARG D 52 -28.92 28.10 11.41
N GLU D 53 -29.21 29.41 11.42
CA GLU D 53 -28.89 30.23 10.26
C GLU D 53 -27.38 30.41 10.11
N ASP D 54 -26.67 30.53 11.22
CA ASP D 54 -25.21 30.64 11.17
C ASP D 54 -24.59 29.35 10.61
N VAL D 55 -25.11 28.19 11.00
CA VAL D 55 -24.59 26.94 10.47
C VAL D 55 -24.79 26.89 8.96
N ASP D 56 -25.98 27.28 8.48
CA ASP D 56 -26.19 27.24 7.04
C ASP D 56 -25.25 28.21 6.32
N ARG D 57 -24.95 29.35 6.95
N ARG D 57 -25.00 29.37 6.92
CA ARG D 57 -24.03 30.34 6.33
CA ARG D 57 -24.04 30.31 6.34
C ARG D 57 -22.62 29.74 6.30
C ARG D 57 -22.64 29.71 6.29
N ALA D 58 -22.24 29.05 7.38
CA ALA D 58 -20.94 28.40 7.41
C ALA D 58 -20.82 27.31 6.35
N VAL D 59 -21.89 26.56 6.12
CA VAL D 59 -21.84 25.50 5.13
C VAL D 59 -21.70 26.07 3.74
N LYS D 60 -22.44 27.14 3.42
CA LYS D 60 -22.34 27.72 2.10
C LYS D 60 -20.98 28.34 1.89
N SER D 61 -20.43 28.96 2.94
CA SER D 61 -19.07 29.45 2.88
C SER D 61 -18.08 28.31 2.64
N ALA D 62 -18.25 27.20 3.37
CA ALA D 62 -17.36 26.06 3.23
C ALA D 62 -17.47 25.43 1.83
N GLN D 63 -18.69 25.39 1.28
CA GLN D 63 -18.83 24.81 -0.05
C GLN D 63 -18.02 25.61 -1.07
N GLN D 64 -18.03 26.94 -0.93
CA GLN D 64 -17.30 27.82 -1.82
C GLN D 64 -15.80 27.66 -1.64
N GLY D 65 -15.32 27.67 -0.39
CA GLY D 65 -13.89 27.52 -0.17
C GLY D 65 -13.35 26.16 -0.58
N GLN D 66 -14.12 25.10 -0.33
CA GLN D 66 -13.62 23.76 -0.65
C GLN D 66 -13.33 23.63 -2.13
N LYS D 67 -14.16 24.26 -2.98
CA LYS D 67 -13.92 24.13 -4.41
C LYS D 67 -12.62 24.81 -4.81
N VAL D 68 -12.33 25.97 -4.23
CA VAL D 68 -11.05 26.63 -4.50
C VAL D 68 -9.89 25.77 -4.00
N TRP D 69 -10.02 25.25 -2.78
CA TRP D 69 -8.99 24.44 -2.14
C TRP D 69 -8.70 23.17 -2.93
N ALA D 70 -9.75 22.46 -3.37
CA ALA D 70 -9.55 21.20 -4.06
C ALA D 70 -8.99 21.39 -5.46
N ALA D 71 -9.25 22.56 -6.07
CA ALA D 71 -8.77 22.83 -7.41
C ALA D 71 -7.28 23.13 -7.43
N MET D 72 -6.70 23.53 -6.30
CA MET D 72 -5.25 23.75 -6.22
C MET D 72 -4.49 22.44 -6.41
N SER D 73 -3.20 22.55 -6.71
CA SER D 73 -2.37 21.35 -6.76
C SER D 73 -2.16 20.79 -5.36
N ALA D 74 -1.77 19.51 -5.30
CA ALA D 74 -1.49 18.89 -4.01
C ALA D 74 -0.38 19.62 -3.27
N MET D 75 0.68 20.00 -3.99
CA MET D 75 1.79 20.67 -3.32
C MET D 75 1.40 22.10 -2.92
N ALA D 76 0.49 22.75 -3.64
CA ALA D 76 0.02 24.06 -3.18
C ALA D 76 -0.68 23.93 -1.82
N ARG D 77 -1.52 22.89 -1.67
CA ARG D 77 -2.15 22.63 -0.37
C ARG D 77 -1.11 22.31 0.70
N SER D 78 -0.13 21.46 0.36
CA SER D 78 0.92 21.12 1.32
CA SER D 78 0.92 21.12 1.33
C SER D 78 1.62 22.37 1.84
N ARG D 79 1.99 23.27 0.93
CA ARG D 79 2.76 24.45 1.34
C ARG D 79 1.97 25.34 2.29
N ILE D 80 0.68 25.48 2.04
CA ILE D 80 -0.17 26.32 2.87
C ILE D 80 -0.30 25.72 4.27
N LEU D 81 -0.54 24.41 4.38
CA LEU D 81 -0.61 23.81 5.71
C LEU D 81 0.73 23.92 6.42
N ARG D 82 1.84 23.80 5.68
CA ARG D 82 3.16 23.96 6.28
CA ARG D 82 3.15 23.95 6.30
C ARG D 82 3.37 25.37 6.80
N LYS D 83 2.84 26.39 6.11
CA LYS D 83 2.96 27.76 6.62
C LYS D 83 2.20 27.90 7.93
N ALA D 84 1.03 27.25 8.03
CA ALA D 84 0.30 27.27 9.29
C ALA D 84 1.11 26.60 10.39
N VAL D 85 1.79 25.50 10.07
CA VAL D 85 2.69 24.89 11.06
C VAL D 85 3.73 25.90 11.54
N ASP D 86 4.33 26.64 10.61
CA ASP D 86 5.38 27.59 11.01
C ASP D 86 4.82 28.66 11.95
N ILE D 87 3.62 29.16 11.66
CA ILE D 87 3.00 30.16 12.54
C ILE D 87 2.70 29.55 13.91
N LEU D 88 2.23 28.30 13.93
CA LEU D 88 1.92 27.65 15.21
C LEU D 88 3.17 27.48 16.06
N ARG D 89 4.30 27.09 15.46
CA ARG D 89 5.54 27.00 16.22
C ARG D 89 5.94 28.34 16.82
N GLU D 90 5.84 29.41 16.02
CA GLU D 90 6.23 30.73 16.49
C GLU D 90 5.35 31.22 17.64
N ARG D 91 4.06 30.95 17.58
CA ARG D 91 3.12 31.43 18.59
CA ARG D 91 3.12 31.43 18.59
C ARG D 91 2.78 30.37 19.62
N ASN D 92 3.62 29.34 19.75
CA ASN D 92 3.36 28.26 20.70
C ASN D 92 3.06 28.81 22.09
N ASP D 93 3.93 29.70 22.59
CA ASP D 93 3.80 30.17 23.97
C ASP D 93 2.53 31.01 24.16
N GLU D 94 2.25 31.88 23.20
CA GLU D 94 1.05 32.71 23.26
C GLU D 94 -0.22 31.86 23.25
N LEU D 95 -0.28 30.86 22.37
CA LEU D 95 -1.43 29.98 22.32
C LEU D 95 -1.56 29.15 23.59
N ALA D 96 -0.43 28.68 24.11
CA ALA D 96 -0.43 27.86 25.31
C ALA D 96 -0.97 28.63 26.51
N ARG D 97 -0.59 29.90 26.66
CA ARG D 97 -1.11 30.69 27.77
C ARG D 97 -2.63 30.84 27.66
N LEU D 98 -3.12 31.07 26.44
CA LEU D 98 -4.57 31.14 26.26
C LEU D 98 -5.22 29.79 26.58
N GLU D 99 -4.60 28.69 26.16
CA GLU D 99 -5.14 27.37 26.48
C GLU D 99 -5.19 27.13 27.98
N THR D 100 -4.15 27.54 28.70
CA THR D 100 -4.13 27.40 30.17
C THR D 100 -5.23 28.22 30.83
N LEU D 101 -5.47 29.45 30.38
CA LEU D 101 -6.55 30.23 30.96
C LEU D 101 -7.90 29.55 30.75
N ASP D 102 -8.11 28.95 29.56
CA ASP D 102 -9.41 28.39 29.22
C ASP D 102 -9.63 27.01 29.83
N THR D 103 -8.57 26.23 30.01
CA THR D 103 -8.69 24.82 30.43
C THR D 103 -8.26 24.54 31.86
N GLY D 104 -7.43 25.38 32.47
CA GLY D 104 -6.85 25.09 33.76
C GLY D 104 -5.66 24.15 33.73
N LYS D 105 -5.26 23.71 32.57
CA LYS D 105 -4.08 22.85 32.51
C LYS D 105 -2.82 23.70 32.71
N PRO D 106 -1.82 23.19 33.44
CA PRO D 106 -0.61 23.99 33.68
C PRO D 106 0.06 24.43 32.38
N LEU D 107 0.67 25.62 32.41
CA LEU D 107 1.46 26.06 31.26
C LEU D 107 2.58 25.07 30.96
N SER D 108 3.12 24.42 32.00
CA SER D 108 4.16 23.42 31.78
C SER D 108 3.70 22.32 30.84
N GLU D 109 2.39 22.04 30.80
CA GLU D 109 1.84 21.12 29.81
C GLU D 109 1.51 21.82 28.50
N THR D 110 0.74 22.92 28.53
CA THR D 110 0.22 23.47 27.29
C THR D 110 1.34 23.97 26.39
N ALA D 111 2.41 24.51 26.97
CA ALA D 111 3.52 25.00 26.16
C ALA D 111 4.41 23.89 25.62
N ALA D 112 4.29 22.69 26.17
CA ALA D 112 5.12 21.57 25.73
C ALA D 112 4.37 20.52 24.92
N VAL D 113 3.05 20.45 25.03
CA VAL D 113 2.32 19.33 24.44
C VAL D 113 1.23 19.80 23.50
N ASP D 114 0.32 20.65 23.97
CA ASP D 114 -0.94 20.87 23.25
C ASP D 114 -0.68 21.39 21.83
N ILE D 115 0.09 22.46 21.69
CA ILE D 115 0.32 23.00 20.35
C ILE D 115 1.39 22.19 19.63
N VAL D 116 2.40 21.74 20.36
CA VAL D 116 3.49 20.99 19.73
C VAL D 116 2.96 19.77 19.00
N THR D 117 2.15 18.95 19.69
CA THR D 117 1.65 17.74 19.06
C THR D 117 0.48 18.03 18.12
N GLY D 118 -0.25 19.11 18.36
CA GLY D 118 -1.23 19.52 17.37
C GLY D 118 -0.57 19.86 16.05
N ALA D 119 0.49 20.68 16.09
CA ALA D 119 1.23 21.06 14.90
C ALA D 119 1.97 19.89 14.30
N ASP D 120 2.45 18.95 15.12
CA ASP D 120 3.10 17.76 14.59
C ASP D 120 2.18 17.00 13.65
N VAL D 121 0.89 16.89 14.01
CA VAL D 121 -0.04 16.15 13.17
C VAL D 121 -0.33 16.93 11.89
N LEU D 122 -0.50 18.25 12.00
CA LEU D 122 -0.72 19.05 10.79
C LEU D 122 0.47 18.92 9.85
N GLU D 123 1.68 18.99 10.41
CA GLU D 123 2.91 18.90 9.63
C GLU D 123 3.03 17.55 8.96
N TYR D 124 2.70 16.49 9.68
CA TYR D 124 2.68 15.15 9.10
C TYR D 124 1.75 15.08 7.90
N TYR D 125 0.49 15.50 8.06
CA TYR D 125 -0.44 15.36 6.96
C TYR D 125 -0.09 16.28 5.80
N ALA D 126 0.47 17.45 6.08
CA ALA D 126 0.87 18.33 5.00
C ALA D 126 1.81 17.61 4.04
N GLY D 127 2.74 16.83 4.58
CA GLY D 127 3.70 16.12 3.74
C GLY D 127 3.11 14.93 2.99
N LEU D 128 2.01 14.36 3.46
CA LEU D 128 1.42 13.19 2.82
C LEU D 128 0.47 13.55 1.68
N ILE D 129 0.06 14.82 1.54
CA ILE D 129 -0.95 15.16 0.52
C ILE D 129 -0.56 14.62 -0.86
N PRO D 130 0.68 14.80 -1.32
CA PRO D 130 1.03 14.32 -2.67
C PRO D 130 1.06 12.83 -2.79
N ALA D 131 1.06 12.09 -1.68
CA ALA D 131 1.09 10.64 -1.72
C ALA D 131 -0.31 10.03 -1.75
N LEU D 132 -1.34 10.85 -1.67
CA LEU D 132 -2.72 10.35 -1.73
C LEU D 132 -3.04 9.94 -3.16
N GLU D 133 -3.21 8.64 -3.38
CA GLU D 133 -3.33 8.05 -4.69
C GLU D 133 -4.53 7.11 -4.72
N GLY D 134 -5.15 7.01 -5.89
CA GLY D 134 -6.11 5.97 -6.18
C GLY D 134 -5.42 4.74 -6.71
N SER D 135 -6.20 3.87 -7.34
CA SER D 135 -5.72 2.59 -7.83
CA SER D 135 -5.74 2.58 -7.83
C SER D 135 -6.09 2.41 -9.30
N GLN D 136 -5.48 1.39 -9.90
CA GLN D 136 -5.80 0.99 -11.26
C GLN D 136 -5.80 -0.53 -11.30
N ILE D 137 -6.84 -1.08 -11.91
CA ILE D 137 -7.08 -2.53 -11.90
C ILE D 137 -7.36 -2.98 -13.33
N PRO D 138 -6.49 -3.76 -13.96
CA PRO D 138 -6.80 -4.30 -15.29
C PRO D 138 -7.82 -5.42 -15.17
N LEU D 139 -8.87 -5.37 -15.99
CA LEU D 139 -9.83 -6.47 -16.00
C LEU D 139 -9.55 -7.44 -17.14
N ARG D 140 -9.25 -6.89 -18.31
CA ARG D 140 -9.00 -7.63 -19.53
C ARG D 140 -8.38 -6.63 -20.50
N ASP D 141 -7.89 -7.13 -21.61
CA ASP D 141 -7.23 -6.24 -22.56
C ASP D 141 -8.13 -5.07 -22.92
N SER D 142 -9.45 -5.27 -22.93
CA SER D 142 -10.36 -4.25 -23.40
C SER D 142 -11.07 -3.44 -22.31
N SER D 143 -10.71 -3.62 -21.04
CA SER D 143 -11.39 -2.85 -19.99
C SER D 143 -10.50 -2.76 -18.76
N PHE D 144 -10.55 -1.60 -18.10
CA PHE D 144 -9.81 -1.44 -16.85
C PHE D 144 -10.60 -0.53 -15.95
N VAL D 145 -10.28 -0.59 -14.66
CA VAL D 145 -10.88 0.24 -13.64
C VAL D 145 -9.79 1.13 -13.06
N TYR D 146 -10.15 2.39 -12.77
CA TYR D 146 -9.30 3.20 -11.89
C TYR D 146 -10.17 3.87 -10.85
N THR D 147 -9.54 4.23 -9.72
CA THR D 147 -10.25 4.85 -8.63
C THR D 147 -9.67 6.21 -8.34
N ARG D 148 -10.54 7.09 -7.88
CA ARG D 148 -10.17 8.40 -7.36
C ARG D 148 -10.51 8.44 -5.88
N ARG D 149 -9.64 9.08 -5.10
CA ARG D 149 -9.91 9.36 -3.69
CA ARG D 149 -9.91 9.37 -3.69
C ARG D 149 -10.37 10.82 -3.65
N GLU D 150 -11.66 11.02 -3.65
CA GLU D 150 -12.19 12.36 -3.81
C GLU D 150 -12.51 12.98 -2.46
N PRO D 151 -12.47 14.32 -2.33
CA PRO D 151 -12.89 14.94 -1.08
C PRO D 151 -14.35 14.59 -0.77
N LEU D 152 -14.64 14.48 0.52
CA LEU D 152 -16.03 14.33 0.95
C LEU D 152 -16.81 15.61 0.71
N GLY D 153 -16.15 16.77 0.75
CA GLY D 153 -16.82 18.04 0.57
C GLY D 153 -16.66 18.92 1.80
N VAL D 154 -17.76 19.12 2.51
CA VAL D 154 -17.78 19.85 3.78
C VAL D 154 -17.95 18.82 4.88
N VAL D 155 -17.05 18.84 5.86
CA VAL D 155 -17.14 17.96 7.01
C VAL D 155 -17.19 18.83 8.25
N ALA D 156 -17.68 18.25 9.33
CA ALA D 156 -17.76 18.95 10.61
C ALA D 156 -16.98 18.18 11.67
N GLY D 157 -16.25 18.93 12.49
CA GLY D 157 -15.60 18.39 13.68
C GLY D 157 -16.24 19.01 14.92
N ILE D 158 -16.50 18.16 15.91
CA ILE D 158 -17.08 18.58 17.19
C ILE D 158 -16.06 18.19 18.26
N GLY D 159 -15.52 19.18 18.94
CA GLY D 159 -14.39 18.98 19.82
C GLY D 159 -14.73 18.83 21.28
N ALA D 160 -13.77 18.32 22.04
CA ALA D 160 -13.91 18.20 23.48
C ALA D 160 -13.08 19.28 24.17
N TRP D 161 -13.23 19.36 25.49
CA TRP D 161 -12.65 20.47 26.23
C TRP D 161 -11.31 20.17 26.86
N ASN D 162 -10.84 18.92 26.84
CA ASN D 162 -9.60 18.64 27.57
C ASN D 162 -8.35 19.02 26.77
N TYR D 163 -8.35 18.89 25.45
CA TYR D 163 -7.24 19.31 24.58
C TYR D 163 -7.79 20.15 23.43
N PRO D 164 -8.26 21.37 23.72
CA PRO D 164 -9.07 22.09 22.72
C PRO D 164 -8.35 22.30 21.39
N ILE D 165 -7.17 22.91 21.40
CA ILE D 165 -6.53 23.20 20.13
C ILE D 165 -5.92 21.95 19.51
N GLN D 166 -5.43 21.01 20.32
CA GLN D 166 -4.90 19.78 19.74
C GLN D 166 -5.99 19.02 19.00
N ILE D 167 -7.17 18.91 19.60
CA ILE D 167 -8.28 18.26 18.91
C ILE D 167 -8.64 19.01 17.63
N ALA D 168 -8.66 20.34 17.69
CA ALA D 168 -8.96 21.11 16.48
C ALA D 168 -7.96 20.79 15.36
N LEU D 169 -6.69 20.64 15.71
CA LEU D 169 -5.67 20.32 14.71
C LEU D 169 -5.75 18.85 14.26
N TRP D 170 -5.96 17.92 15.18
CA TRP D 170 -6.03 16.51 14.77
C TRP D 170 -7.23 16.22 13.88
N LYS D 171 -8.33 16.97 14.02
CA LYS D 171 -9.46 16.81 13.12
C LYS D 171 -9.29 17.61 11.84
N SER D 172 -8.85 18.86 11.93
CA SER D 172 -8.79 19.70 10.73
C SER D 172 -7.64 19.29 9.80
N ALA D 173 -6.52 18.82 10.37
CA ALA D 173 -5.36 18.50 9.54
C ALA D 173 -5.64 17.43 8.50
N PRO D 174 -6.08 16.22 8.87
CA PRO D 174 -6.42 15.26 7.80
C PRO D 174 -7.56 15.71 6.93
N ALA D 175 -8.55 16.40 7.50
CA ALA D 175 -9.69 16.83 6.71
C ALA D 175 -9.25 17.78 5.61
N LEU D 176 -8.49 18.82 6.00
CA LEU D 176 -7.98 19.78 5.02
C LEU D 176 -7.02 19.12 4.05
N ALA D 177 -6.13 18.28 4.56
CA ALA D 177 -5.15 17.63 3.69
C ALA D 177 -5.83 16.76 2.62
N ALA D 178 -7.01 16.21 2.91
CA ALA D 178 -7.75 15.39 1.96
C ALA D 178 -8.56 16.22 0.97
N GLY D 179 -8.53 17.54 1.09
CA GLY D 179 -9.22 18.40 0.15
C GLY D 179 -10.58 18.87 0.58
N ASN D 180 -10.95 18.67 1.84
CA ASN D 180 -12.23 19.09 2.36
C ASN D 180 -12.12 20.46 3.04
N ALA D 181 -13.27 21.09 3.21
CA ALA D 181 -13.42 22.16 4.17
C ALA D 181 -14.00 21.57 5.45
N MET D 182 -13.60 22.12 6.59
CA MET D 182 -14.14 21.69 7.87
C MET D 182 -14.77 22.86 8.61
N ILE D 183 -15.97 22.63 9.12
CA ILE D 183 -16.61 23.50 10.10
C ILE D 183 -16.36 22.88 11.47
N PHE D 184 -15.72 23.63 12.37
CA PHE D 184 -15.33 23.11 13.67
C PHE D 184 -16.14 23.76 14.77
N LYS D 185 -16.74 22.94 15.62
CA LYS D 185 -17.50 23.40 16.77
C LYS D 185 -16.71 23.03 18.02
N PRO D 186 -15.98 23.95 18.62
CA PRO D 186 -15.25 23.63 19.83
C PRO D 186 -16.23 23.45 20.98
N SER D 187 -15.75 22.79 22.03
CA SER D 187 -16.55 22.69 23.23
C SER D 187 -16.88 24.08 23.76
N GLU D 188 -18.10 24.23 24.28
CA GLU D 188 -18.51 25.51 24.89
C GLU D 188 -17.70 25.78 26.17
N VAL D 189 -17.10 24.75 26.74
CA VAL D 189 -16.26 24.95 27.92
C VAL D 189 -14.97 25.69 27.54
N THR D 190 -14.47 25.45 26.33
CA THR D 190 -13.13 25.91 25.94
C THR D 190 -13.11 26.32 24.48
N PRO D 191 -13.77 27.43 24.14
CA PRO D 191 -13.87 27.82 22.73
C PRO D 191 -12.76 28.69 22.17
N LEU D 192 -11.83 29.17 22.99
CA LEU D 192 -11.02 30.32 22.60
C LEU D 192 -9.90 29.99 21.62
N THR D 193 -9.17 28.90 21.81
CA THR D 193 -8.02 28.67 20.94
C THR D 193 -8.44 28.25 19.53
N ALA D 194 -9.63 27.66 19.37
CA ALA D 194 -10.07 27.27 18.04
C ALA D 194 -10.25 28.49 17.16
N LEU D 195 -10.73 29.59 17.74
CA LEU D 195 -10.86 30.84 17.00
C LEU D 195 -9.49 31.37 16.59
N LYS D 196 -8.50 31.24 17.48
CA LYS D 196 -7.16 31.66 17.12
C LYS D 196 -6.63 30.84 15.95
N LEU D 197 -6.87 29.52 15.97
CA LEU D 197 -6.42 28.67 14.88
C LEU D 197 -7.02 29.09 13.55
N ALA D 198 -8.30 29.48 13.58
CA ALA D 198 -8.94 29.93 12.34
C ALA D 198 -8.19 31.11 11.73
N GLU D 199 -7.79 32.07 12.57
CA GLU D 199 -7.01 33.22 12.08
C GLU D 199 -5.67 32.78 11.52
N ILE D 200 -5.00 31.85 12.21
CA ILE D 200 -3.69 31.38 11.75
C ILE D 200 -3.81 30.71 10.39
N TYR D 201 -4.81 29.87 10.19
CA TYR D 201 -4.99 29.23 8.89
C TYR D 201 -5.14 30.27 7.78
N ARG D 202 -5.98 31.29 8.01
CA ARG D 202 -6.14 32.32 7.00
C ARG D 202 -4.82 33.03 6.74
N GLU D 203 -4.08 33.34 7.82
CA GLU D 203 -2.79 33.99 7.66
C GLU D 203 -1.84 33.15 6.83
N ALA D 204 -1.95 31.83 6.93
CA ALA D 204 -1.09 30.92 6.18
C ALA D 204 -1.47 30.80 4.71
N GLY D 205 -2.61 31.35 4.31
CA GLY D 205 -3.08 31.27 2.93
C GLY D 205 -4.21 30.30 2.69
N LEU D 206 -4.81 29.75 3.73
CA LEU D 206 -5.94 28.86 3.54
C LEU D 206 -7.09 29.64 2.89
N PRO D 207 -7.72 29.11 1.85
CA PRO D 207 -8.83 29.85 1.24
C PRO D 207 -9.97 30.11 2.23
N ASP D 208 -10.61 31.26 2.08
CA ASP D 208 -11.74 31.62 2.92
C ASP D 208 -12.79 30.53 2.85
N GLY D 209 -13.32 30.15 4.01
CA GLY D 209 -14.36 29.15 4.11
C GLY D 209 -13.86 27.73 4.35
N VAL D 210 -12.57 27.48 4.17
CA VAL D 210 -12.09 26.10 4.29
C VAL D 210 -12.04 25.66 5.75
N PHE D 211 -11.81 26.59 6.68
CA PHE D 211 -11.86 26.29 8.12
C PHE D 211 -12.65 27.39 8.81
N ASN D 212 -13.91 27.07 9.09
CA ASN D 212 -14.84 27.94 9.79
C ASN D 212 -15.03 27.38 11.19
N VAL D 213 -15.17 28.29 12.16
CA VAL D 213 -15.30 27.91 13.57
C VAL D 213 -16.59 28.50 14.10
N LEU D 214 -17.44 27.64 14.65
CA LEU D 214 -18.76 28.02 15.15
C LEU D 214 -18.85 27.64 16.63
N PRO D 215 -18.46 28.53 17.54
CA PRO D 215 -18.73 28.26 18.97
C PRO D 215 -20.23 28.15 19.24
N GLY D 216 -20.57 27.42 20.29
CA GLY D 216 -21.95 27.24 20.70
C GLY D 216 -22.08 26.01 21.57
N ILE D 217 -23.32 25.75 22.02
CA ILE D 217 -23.54 24.64 22.94
C ILE D 217 -23.91 23.39 22.15
N GLY D 218 -23.65 22.23 22.74
CA GLY D 218 -23.83 20.98 22.00
C GLY D 218 -25.26 20.75 21.57
N ALA D 219 -26.20 21.04 22.47
CA ALA D 219 -27.61 20.79 22.20
C ALA D 219 -28.14 21.63 21.04
N GLU D 220 -27.51 22.76 20.72
CA GLU D 220 -27.97 23.61 19.62
C GLU D 220 -26.97 23.63 18.47
N THR D 221 -25.81 24.27 18.64
CA THR D 221 -24.90 24.40 17.52
C THR D 221 -24.44 23.03 17.05
N GLY D 222 -24.05 22.17 17.99
CA GLY D 222 -23.60 20.84 17.61
C GLY D 222 -24.68 20.06 16.88
N GLN D 223 -25.89 20.09 17.41
CA GLN D 223 -26.98 19.36 16.77
C GLN D 223 -27.27 19.91 15.38
N TYR D 224 -27.23 21.24 15.22
CA TYR D 224 -27.49 21.82 13.90
C TYR D 224 -26.47 21.33 12.88
N LEU D 225 -25.22 21.15 13.31
CA LEU D 225 -24.21 20.61 12.38
C LEU D 225 -24.54 19.18 12.00
N THR D 226 -24.92 18.35 12.98
CA THR D 226 -25.19 16.96 12.68
C THR D 226 -26.42 16.80 11.80
N GLU D 227 -27.32 17.76 11.82
CA GLU D 227 -28.56 17.67 11.06
C GLU D 227 -28.45 18.26 9.67
N HIS D 228 -27.41 19.03 9.38
CA HIS D 228 -27.42 19.79 8.13
C HIS D 228 -27.30 18.85 6.93
N PRO D 229 -28.11 19.04 5.89
CA PRO D 229 -28.13 18.05 4.79
C PRO D 229 -26.91 18.08 3.88
N ASP D 230 -26.07 19.13 3.91
CA ASP D 230 -24.94 19.26 3.01
C ASP D 230 -23.60 18.99 3.69
N ILE D 231 -23.61 18.47 4.91
CA ILE D 231 -22.39 18.07 5.61
C ILE D 231 -22.23 16.56 5.43
N ALA D 232 -21.07 16.14 4.93
CA ALA D 232 -20.87 14.76 4.49
C ALA D 232 -20.31 13.85 5.57
N LYS D 233 -19.68 14.40 6.60
CA LYS D 233 -19.05 13.59 7.64
C LYS D 233 -18.98 14.41 8.93
N ILE D 234 -19.15 13.71 10.05
CA ILE D 234 -19.00 14.29 11.38
C ILE D 234 -17.91 13.53 12.10
N SER D 235 -16.96 14.26 12.68
CA SER D 235 -15.94 13.69 13.54
C SER D 235 -16.15 14.27 14.93
N PHE D 236 -16.37 13.39 15.90
CA PHE D 236 -16.80 13.78 17.25
C PHE D 236 -15.82 13.24 18.29
N THR D 237 -15.44 14.09 19.24
CA THR D 237 -14.71 13.66 20.42
C THR D 237 -15.47 14.11 21.66
N GLY D 238 -15.66 13.19 22.60
CA GLY D 238 -16.43 13.50 23.80
C GLY D 238 -16.87 12.22 24.50
N GLY D 239 -17.96 12.36 25.26
CA GLY D 239 -18.52 11.27 26.04
C GLY D 239 -19.46 10.36 25.26
N VAL D 240 -19.61 9.15 25.80
CA VAL D 240 -20.41 8.11 25.15
C VAL D 240 -21.86 8.56 24.95
N ALA D 241 -22.46 9.20 25.95
CA ALA D 241 -23.86 9.60 25.84
C ALA D 241 -24.06 10.61 24.72
N SER D 242 -23.28 11.68 24.72
CA SER D 242 -23.37 12.65 23.63
C SER D 242 -23.04 12.00 22.29
N GLY D 243 -22.07 11.07 22.28
CA GLY D 243 -21.74 10.39 21.05
C GLY D 243 -22.91 9.64 20.45
N LYS D 244 -23.66 8.95 21.30
CA LYS D 244 -24.80 8.14 20.83
C LYS D 244 -25.83 9.08 20.20
N LYS D 245 -26.01 10.23 20.83
CA LYS D 245 -26.92 11.21 20.24
C LYS D 245 -26.38 11.73 18.90
N VAL D 246 -25.09 12.07 18.87
CA VAL D 246 -24.53 12.62 17.64
C VAL D 246 -24.69 11.63 16.48
N MET D 247 -24.27 10.37 16.71
CA MET D 247 -24.28 9.39 15.62
C MET D 247 -25.71 9.11 15.16
N ALA D 248 -26.66 9.08 16.09
CA ALA D 248 -28.05 8.87 15.73
C ALA D 248 -28.59 10.02 14.88
N ASN D 249 -28.39 11.27 15.32
CA ASN D 249 -28.94 12.41 14.59
C ASN D 249 -28.27 12.58 13.23
N SER D 250 -26.99 12.21 13.12
CA SER D 250 -26.31 12.27 11.83
C SER D 250 -26.89 11.27 10.85
N ALA D 251 -27.26 10.09 11.35
CA ALA D 251 -27.88 9.10 10.48
C ALA D 251 -29.30 9.52 10.12
N ALA D 252 -30.10 9.90 11.11
CA ALA D 252 -31.49 10.25 10.89
C ALA D 252 -31.63 11.41 9.91
N SER D 253 -30.65 12.32 9.89
CA SER D 253 -30.76 13.51 9.05
C SER D 253 -30.39 13.22 7.59
N SER D 254 -29.14 12.81 7.34
CA SER D 254 -28.67 12.72 5.97
C SER D 254 -27.71 11.56 5.71
N LEU D 255 -27.64 10.59 6.60
CA LEU D 255 -26.77 9.43 6.45
C LEU D 255 -25.30 9.86 6.32
N LYS D 256 -24.84 10.60 7.30
CA LYS D 256 -23.45 11.08 7.27
C LYS D 256 -22.48 9.99 7.69
N GLU D 257 -21.28 10.04 7.12
CA GLU D 257 -20.18 9.28 7.67
C GLU D 257 -19.86 9.85 9.06
N VAL D 258 -19.43 8.98 9.97
CA VAL D 258 -19.20 9.37 11.37
C VAL D 258 -17.93 8.72 11.88
N THR D 259 -17.14 9.51 12.61
CA THR D 259 -15.99 9.07 13.40
C THR D 259 -16.21 9.56 14.83
N MET D 260 -15.94 8.70 15.79
CA MET D 260 -16.14 9.03 17.18
C MET D 260 -14.95 8.56 18.00
N GLU D 261 -14.40 9.48 18.78
CA GLU D 261 -13.34 9.22 19.76
C GLU D 261 -13.98 9.48 21.13
N LEU D 262 -14.28 8.42 21.86
CA LEU D 262 -14.99 8.53 23.11
C LEU D 262 -14.02 8.24 24.25
N GLY D 263 -14.55 8.08 25.45
CA GLY D 263 -13.71 7.82 26.60
C GLY D 263 -13.33 6.36 26.68
N GLY D 264 -12.70 6.00 27.79
CA GLY D 264 -12.35 4.64 28.09
C GLY D 264 -12.24 4.43 29.59
N LYS D 265 -11.96 3.17 29.97
CA LYS D 265 -11.51 2.82 31.33
C LYS D 265 -10.32 1.89 31.09
N SER D 266 -9.19 2.48 30.74
CA SER D 266 -8.13 1.69 30.14
C SER D 266 -7.32 0.99 31.24
N PRO D 267 -6.95 -0.27 31.04
CA PRO D 267 -6.19 -1.00 32.06
C PRO D 267 -4.69 -0.87 31.84
N LEU D 268 -3.99 -0.72 32.96
CA LEU D 268 -2.53 -0.79 33.04
C LEU D 268 -2.16 -2.05 33.81
N ILE D 269 -1.52 -3.00 33.14
CA ILE D 269 -1.21 -4.30 33.70
C ILE D 269 0.26 -4.30 34.11
N ILE D 270 0.52 -4.42 35.40
CA ILE D 270 1.88 -4.53 35.91
C ILE D 270 2.18 -6.01 36.07
N ALA D 271 3.19 -6.51 35.35
CA ALA D 271 3.54 -7.91 35.37
C ALA D 271 4.35 -8.26 36.62
N GLU D 272 4.44 -9.57 36.89
CA GLU D 272 5.16 -10.07 38.06
C GLU D 272 6.64 -9.77 38.01
N ASP D 273 7.20 -9.55 36.82
CA ASP D 273 8.62 -9.25 36.69
C ASP D 273 8.89 -7.77 36.46
N ALA D 274 7.88 -6.93 36.67
CA ALA D 274 8.04 -5.51 36.43
C ALA D 274 8.87 -4.86 37.54
N ASN D 275 9.71 -3.91 37.14
CA ASN D 275 10.34 -3.01 38.09
C ASN D 275 9.30 -2.03 38.64
N LEU D 276 9.19 -1.97 39.97
CA LEU D 276 8.08 -1.23 40.56
C LEU D 276 8.29 0.27 40.51
N ASP D 277 9.53 0.75 40.44
CA ASP D 277 9.73 2.18 40.22
C ASP D 277 9.25 2.58 38.82
N LEU D 278 9.59 1.78 37.81
CA LEU D 278 9.09 2.05 36.46
C LEU D 278 7.58 1.96 36.42
N ALA D 279 7.01 0.91 37.01
CA ALA D 279 5.55 0.75 37.00
C ALA D 279 4.86 1.94 37.67
N ALA D 280 5.39 2.40 38.80
CA ALA D 280 4.80 3.52 39.51
C ALA D 280 4.87 4.79 38.69
N ASP D 281 5.99 5.03 38.00
CA ASP D 281 6.10 6.21 37.14
C ASP D 281 5.06 6.16 36.02
N ILE D 282 4.89 4.99 35.39
CA ILE D 282 3.92 4.86 34.30
C ILE D 282 2.50 5.09 34.81
N ALA D 283 2.16 4.50 35.96
CA ALA D 283 0.84 4.68 36.53
C ALA D 283 0.57 6.14 36.86
N MET D 284 1.59 6.85 37.37
CA MET D 284 1.44 8.27 37.66
C MET D 284 1.16 9.05 36.39
N MET D 285 1.94 8.81 35.34
CA MET D 285 1.73 9.54 34.09
C MET D 285 0.43 9.15 33.42
N ALA D 286 -0.07 7.94 33.68
CA ALA D 286 -1.30 7.46 33.08
C ALA D 286 -2.55 7.92 33.81
N ASN D 287 -2.40 8.60 34.94
CA ASN D 287 -3.53 8.97 35.77
C ASN D 287 -3.61 10.45 36.11
N PHE D 288 -2.49 11.15 36.24
CA PHE D 288 -2.55 12.49 36.80
C PHE D 288 -2.10 13.59 35.85
N TYR D 289 -1.74 13.25 34.61
CA TYR D 289 -1.46 14.28 33.62
C TYR D 289 -2.77 14.98 33.25
N SER D 290 -2.69 16.29 33.01
CA SER D 290 -3.87 17.10 32.74
C SER D 290 -4.93 16.90 33.81
N SER D 291 -4.46 16.73 35.04
CA SER D 291 -5.32 16.53 36.22
C SER D 291 -6.29 15.37 36.01
N GLY D 292 -5.83 14.36 35.26
CA GLY D 292 -6.62 13.17 35.00
C GLY D 292 -7.67 13.31 33.92
N GLN D 293 -7.66 14.39 33.14
CA GLN D 293 -8.69 14.63 32.13
C GLN D 293 -8.18 14.23 30.75
N VAL D 294 -7.79 12.95 30.61
CA VAL D 294 -7.22 12.42 29.38
C VAL D 294 -7.99 11.16 29.03
N CYS D 295 -8.51 11.09 27.79
CA CYS D 295 -9.38 9.98 27.42
C CYS D 295 -8.69 8.63 27.57
N THR D 296 -7.38 8.58 27.29
CA THR D 296 -6.63 7.34 27.28
C THR D 296 -6.06 6.96 28.64
N ASN D 297 -6.44 7.66 29.71
CA ASN D 297 -5.77 7.40 30.99
C ASN D 297 -5.97 5.95 31.42
N GLY D 298 -4.91 5.39 32.02
CA GLY D 298 -4.91 4.03 32.52
C GLY D 298 -5.41 4.00 33.94
N THR D 299 -6.72 4.17 34.09
CA THR D 299 -7.36 4.41 35.37
C THR D 299 -7.68 3.14 36.15
N ARG D 300 -7.50 1.95 35.54
CA ARG D 300 -7.54 0.68 36.25
C ARG D 300 -6.12 0.12 36.25
N VAL D 301 -5.46 0.16 37.40
CA VAL D 301 -4.08 -0.30 37.51
C VAL D 301 -4.11 -1.67 38.19
N PHE D 302 -3.76 -2.72 37.44
CA PHE D 302 -3.75 -4.08 37.95
C PHE D 302 -2.34 -4.39 38.43
N VAL D 303 -2.19 -4.75 39.70
CA VAL D 303 -0.88 -5.06 40.27
C VAL D 303 -0.91 -6.45 40.89
N PRO D 304 0.15 -7.25 40.75
CA PRO D 304 0.14 -8.56 41.41
C PRO D 304 -0.01 -8.40 42.90
N ALA D 305 -0.78 -9.30 43.51
CA ALA D 305 -1.00 -9.24 44.95
C ALA D 305 0.32 -9.21 45.70
N LYS D 306 1.31 -9.99 45.25
CA LYS D 306 2.54 -10.11 46.03
C LYS D 306 3.31 -8.79 46.14
N PHE D 307 3.12 -7.85 45.23
CA PHE D 307 3.80 -6.56 45.23
C PHE D 307 2.87 -5.42 45.61
N LYS D 308 1.61 -5.72 45.94
CA LYS D 308 0.61 -4.67 46.04
C LYS D 308 1.04 -3.62 47.04
N ALA D 309 1.50 -4.06 48.21
CA ALA D 309 1.86 -3.13 49.28
C ALA D 309 3.02 -2.22 48.85
N GLU D 310 4.05 -2.79 48.24
CA GLU D 310 5.19 -1.98 47.80
C GLU D 310 4.76 -1.00 46.71
N PHE D 311 3.93 -1.45 45.79
CA PHE D 311 3.48 -0.53 44.74
C PHE D 311 2.72 0.64 45.34
N GLU D 312 1.82 0.37 46.29
CA GLU D 312 1.08 1.46 46.94
C GLU D 312 2.03 2.47 47.58
N HIS D 313 3.08 1.98 48.25
CA HIS D 313 4.06 2.88 48.86
C HIS D 313 4.73 3.75 47.79
N LYS D 314 5.10 3.14 46.67
CA LYS D 314 5.78 3.91 45.64
C LYS D 314 4.84 4.93 45.00
N ILE D 315 3.57 4.60 44.87
CA ILE D 315 2.59 5.55 44.35
C ILE D 315 2.44 6.74 45.30
N LEU D 316 2.33 6.46 46.60
CA LEU D 316 2.16 7.52 47.59
C LEU D 316 3.35 8.48 47.58
N GLU D 317 4.56 7.94 47.47
CA GLU D 317 5.74 8.78 47.43
C GLU D 317 5.71 9.72 46.22
N ARG D 318 5.28 9.21 45.06
CA ARG D 318 5.26 10.06 43.87
C ARG D 318 4.11 11.07 43.93
N VAL D 319 2.98 10.68 44.51
CA VAL D 319 1.88 11.62 44.67
C VAL D 319 2.29 12.80 45.54
N GLY D 320 3.13 12.56 46.56
CA GLY D 320 3.58 13.63 47.44
C GLY D 320 4.40 14.71 46.75
N ARG D 321 5.00 14.40 45.61
CA ARG D 321 5.79 15.35 44.84
C ARG D 321 4.94 16.19 43.89
N ILE D 322 3.66 15.86 43.72
CA ILE D 322 2.81 16.61 42.79
C ILE D 322 2.72 18.06 43.28
N ARG D 323 2.84 19.00 42.35
CA ARG D 323 2.92 20.43 42.65
C ARG D 323 1.72 21.15 42.05
N ALA D 324 0.69 21.34 42.86
CA ALA D 324 -0.42 22.21 42.49
C ALA D 324 -0.05 23.65 42.81
N GLY D 325 -0.54 24.57 41.98
CA GLY D 325 -0.29 25.98 42.28
C GLY D 325 -0.51 26.85 41.05
N ASP D 326 0.16 28.00 41.06
CA ASP D 326 0.08 28.97 39.96
C ASP D 326 0.29 28.28 38.63
N LEU D 327 -0.73 28.32 37.76
CA LEU D 327 -0.66 27.56 36.52
C LEU D 327 0.40 28.08 35.56
N PHE D 328 0.90 29.29 35.79
CA PHE D 328 1.98 29.86 34.99
C PHE D 328 3.36 29.71 35.62
N ALA D 329 3.46 29.10 36.81
CA ALA D 329 4.75 28.82 37.44
C ALA D 329 5.41 27.62 36.78
N ASP D 330 6.74 27.69 36.68
CA ASP D 330 7.51 26.66 35.98
C ASP D 330 7.36 25.29 36.63
N ASP D 331 7.36 25.22 37.96
CA ASP D 331 7.36 23.95 38.65
C ASP D 331 5.95 23.37 38.85
N THR D 332 4.91 24.10 38.49
CA THR D 332 3.55 23.55 38.60
C THR D 332 3.31 22.45 37.57
N ASN D 333 2.81 21.29 38.05
CA ASN D 333 2.49 20.18 37.17
C ASN D 333 1.11 19.58 37.44
N PHE D 334 0.24 20.32 38.12
CA PHE D 334 -1.12 19.84 38.42
C PHE D 334 -2.04 21.04 38.46
N GLY D 335 -3.18 20.94 37.79
CA GLY D 335 -4.10 22.05 37.72
C GLY D 335 -5.48 21.73 38.27
N PRO D 336 -6.34 22.75 38.29
CA PRO D 336 -7.75 22.50 38.60
C PRO D 336 -8.41 21.78 37.43
N LEU D 337 -9.60 21.25 37.68
CA LEU D 337 -10.39 20.68 36.61
C LEU D 337 -10.95 21.79 35.72
N VAL D 338 -11.44 21.37 34.55
CA VAL D 338 -11.79 22.34 33.52
C VAL D 338 -12.94 23.24 33.92
N SER D 339 -13.77 22.82 34.87
CA SER D 339 -14.95 23.58 35.24
C SER D 339 -15.46 23.09 36.59
N PHE D 340 -16.28 23.93 37.22
CA PHE D 340 -16.80 23.57 38.54
C PHE D 340 -17.87 22.48 38.44
N PRO D 341 -18.76 22.52 37.45
CA PRO D 341 -19.67 21.38 37.27
C PRO D 341 -18.92 20.08 37.04
N HIS D 342 -17.81 20.09 36.32
CA HIS D 342 -17.06 18.86 36.12
C HIS D 342 -16.50 18.34 37.45
N ARG D 343 -16.06 19.24 38.32
CA ARG D 343 -15.57 18.81 39.63
C ARG D 343 -16.66 18.14 40.47
N GLN D 344 -17.87 18.70 40.49
CA GLN D 344 -18.93 18.05 41.27
C GLN D 344 -19.16 16.63 40.77
N ASN D 345 -19.13 16.42 39.45
CA ASN D 345 -19.30 15.06 38.95
C ASN D 345 -18.13 14.18 39.42
N VAL D 346 -16.90 14.71 39.39
CA VAL D 346 -15.78 13.91 39.88
C VAL D 346 -15.94 13.60 41.36
N LEU D 347 -16.35 14.60 42.16
CA LEU D 347 -16.55 14.34 43.58
C LEU D 347 -17.66 13.32 43.80
N ARG D 348 -18.69 13.33 42.93
CA ARG D 348 -19.71 12.30 43.04
C ARG D 348 -19.11 10.91 42.94
N TYR D 349 -18.20 10.71 41.98
CA TYR D 349 -17.56 9.41 41.83
C TYR D 349 -16.68 9.07 43.02
N ILE D 350 -15.95 10.05 43.55
CA ILE D 350 -15.08 9.77 44.70
C ILE D 350 -15.91 9.33 45.89
N GLU D 351 -17.04 9.99 46.13
CA GLU D 351 -17.89 9.57 47.24
C GLU D 351 -18.48 8.19 47.01
N SER D 352 -18.72 7.83 45.74
CA SER D 352 -19.14 6.47 45.43
C SER D 352 -18.06 5.46 45.78
N GLY D 353 -16.80 5.77 45.50
CA GLY D 353 -15.72 4.87 45.86
C GLY D 353 -15.64 4.63 47.36
N LYS D 354 -15.78 5.69 48.15
CA LYS D 354 -15.74 5.52 49.60
C LYS D 354 -16.89 4.64 50.08
N SER D 355 -18.10 4.89 49.59
CA SER D 355 -19.28 4.20 50.13
C SER D 355 -19.36 2.75 49.68
N GLU D 356 -18.71 2.38 48.58
CA GLU D 356 -18.70 1.00 48.10
C GLU D 356 -17.55 0.18 48.66
N GLY D 357 -16.79 0.72 49.61
CA GLY D 357 -15.81 -0.05 50.33
C GLY D 357 -14.41 -0.04 49.77
N ALA D 358 -14.12 0.78 48.76
CA ALA D 358 -12.75 0.95 48.33
C ALA D 358 -11.97 1.70 49.41
N ARG D 359 -10.68 1.36 49.54
CA ARG D 359 -9.81 1.97 50.55
C ARG D 359 -9.15 3.21 49.96
N LEU D 360 -9.33 4.35 50.62
CA LEU D 360 -8.77 5.61 50.16
C LEU D 360 -7.30 5.68 50.56
N LEU D 361 -6.41 5.70 49.56
CA LEU D 361 -4.98 5.78 49.82
C LEU D 361 -4.51 7.22 49.99
N CYS D 362 -5.07 8.16 49.25
CA CYS D 362 -4.71 9.56 49.38
C CYS D 362 -5.76 10.40 48.66
N GLY D 363 -5.75 11.69 48.95
CA GLY D 363 -6.63 12.62 48.26
C GLY D 363 -8.09 12.45 48.63
N GLY D 364 -8.97 12.65 47.65
CA GLY D 364 -10.38 12.43 47.85
C GLY D 364 -11.18 13.66 48.23
N ASP D 365 -10.55 14.82 48.29
CA ASP D 365 -11.22 16.05 48.70
C ASP D 365 -10.77 17.17 47.77
N VAL D 366 -11.48 18.29 47.81
CA VAL D 366 -11.00 19.49 47.14
C VAL D 366 -9.75 20.03 47.86
N LEU D 367 -8.98 20.83 47.13
CA LEU D 367 -7.87 21.56 47.72
C LEU D 367 -8.38 22.90 48.26
N LYS D 368 -7.80 23.33 49.39
CA LYS D 368 -8.23 24.52 50.12
C LYS D 368 -7.03 25.41 50.44
N GLY D 369 -7.34 26.65 50.77
CA GLY D 369 -6.35 27.63 51.16
C GLY D 369 -6.17 28.71 50.11
N GLU D 370 -5.27 29.64 50.42
CA GLU D 370 -5.01 30.75 49.52
C GLU D 370 -4.58 30.22 48.15
N GLY D 371 -5.24 30.70 47.11
CA GLY D 371 -4.95 30.30 45.76
C GLY D 371 -5.67 29.06 45.27
N PHE D 372 -6.39 28.36 46.13
CA PHE D 372 -7.15 27.18 45.74
C PHE D 372 -8.64 27.32 45.97
N ASP D 373 -9.06 28.14 46.93
CA ASP D 373 -10.47 28.22 47.29
C ASP D 373 -11.33 28.69 46.12
N ASN D 374 -10.76 29.47 45.21
CA ASN D 374 -11.51 30.03 44.09
C ASN D 374 -11.36 29.22 42.80
N GLY D 375 -10.66 28.09 42.83
CA GLY D 375 -10.47 27.27 41.64
C GLY D 375 -11.13 25.91 41.75
N ALA D 376 -11.34 25.21 40.64
CA ALA D 376 -12.05 23.93 40.67
C ALA D 376 -11.10 22.77 40.91
N TRP D 377 -10.39 22.81 42.05
CA TRP D 377 -9.36 21.83 42.33
C TRP D 377 -9.91 20.57 43.01
N VAL D 378 -9.43 19.42 42.55
CA VAL D 378 -9.59 18.16 43.25
C VAL D 378 -8.19 17.59 43.48
N ALA D 379 -7.94 17.13 44.70
CA ALA D 379 -6.64 16.57 45.04
C ALA D 379 -6.41 15.27 44.26
N PRO D 380 -5.15 14.96 43.94
CA PRO D 380 -4.85 13.64 43.36
C PRO D 380 -5.32 12.55 44.31
N THR D 381 -6.13 11.64 43.79
CA THR D 381 -6.85 10.65 44.59
C THR D 381 -6.51 9.26 44.08
N VAL D 382 -6.27 8.33 45.02
CA VAL D 382 -5.96 6.94 44.72
C VAL D 382 -6.83 6.04 45.59
N PHE D 383 -7.55 5.11 44.96
CA PHE D 383 -8.27 4.05 45.66
C PHE D 383 -7.56 2.71 45.43
N THR D 384 -7.53 1.87 46.45
CA THR D 384 -7.03 0.51 46.34
C THR D 384 -8.04 -0.44 46.99
N ASP D 385 -7.71 -1.73 47.02
CA ASP D 385 -8.64 -2.77 47.43
C ASP D 385 -9.90 -2.72 46.58
N CYS D 386 -9.75 -2.32 45.32
CA CYS D 386 -10.88 -2.17 44.43
C CYS D 386 -11.29 -3.52 43.85
N THR D 387 -12.57 -3.63 43.51
CA THR D 387 -13.13 -4.84 42.91
C THR D 387 -13.91 -4.43 41.66
N ASP D 388 -14.10 -5.41 40.78
CA ASP D 388 -14.58 -5.13 39.43
C ASP D 388 -16.00 -4.60 39.39
N ASP D 389 -16.76 -4.76 40.47
CA ASP D 389 -18.16 -4.32 40.50
C ASP D 389 -18.34 -2.88 40.94
N MET D 390 -17.28 -2.24 41.42
CA MET D 390 -17.39 -0.88 41.94
C MET D 390 -17.62 0.13 40.82
N THR D 391 -18.41 1.17 41.16
CA THR D 391 -18.71 2.21 40.19
C THR D 391 -17.45 2.93 39.70
N ILE D 392 -16.53 3.25 40.61
CA ILE D 392 -15.29 3.93 40.20
C ILE D 392 -14.45 3.06 39.28
N VAL D 393 -14.63 1.74 39.35
CA VAL D 393 -13.86 0.85 38.49
C VAL D 393 -14.51 0.67 37.13
N ARG D 394 -15.83 0.73 37.06
CA ARG D 394 -16.54 0.44 35.83
C ARG D 394 -16.73 1.67 34.94
N GLU D 395 -16.79 2.86 35.51
CA GLU D 395 -17.20 4.05 34.78
C GLU D 395 -16.05 5.06 34.67
N GLU D 396 -15.98 5.73 33.52
CA GLU D 396 -14.95 6.74 33.32
C GLU D 396 -15.22 7.95 34.19
N ILE D 397 -14.21 8.36 34.95
CA ILE D 397 -14.33 9.47 35.88
C ILE D 397 -13.84 10.78 35.27
N PHE D 398 -12.76 10.71 34.49
CA PHE D 398 -12.23 11.91 33.84
C PHE D 398 -11.83 12.94 34.88
N GLY D 399 -11.24 12.45 35.96
CA GLY D 399 -10.61 13.28 36.94
C GLY D 399 -9.44 12.50 37.50
N PRO D 400 -8.73 13.09 38.45
CA PRO D 400 -7.49 12.45 38.98
C PRO D 400 -7.83 11.40 40.04
N VAL D 401 -8.32 10.25 39.57
CA VAL D 401 -8.75 9.18 40.46
C VAL D 401 -8.23 7.86 39.91
N MET D 402 -7.17 7.33 40.52
CA MET D 402 -6.60 6.05 40.17
C MET D 402 -7.24 4.95 40.99
N SER D 403 -7.58 3.84 40.33
CA SER D 403 -8.11 2.64 40.99
C SER D 403 -7.09 1.52 40.87
N ILE D 404 -6.63 0.98 42.00
CA ILE D 404 -5.65 -0.11 42.05
C ILE D 404 -6.37 -1.41 42.34
N LEU D 405 -6.10 -2.43 41.53
CA LEU D 405 -6.75 -3.74 41.66
C LEU D 405 -5.69 -4.84 41.73
N SER D 406 -5.84 -5.76 42.68
CA SER D 406 -4.91 -6.89 42.81
CA SER D 406 -4.91 -6.88 42.80
C SER D 406 -5.33 -8.03 41.90
N TYR D 407 -4.35 -8.81 41.45
CA TYR D 407 -4.60 -9.98 40.64
C TYR D 407 -3.55 -11.03 40.93
N ASP D 408 -3.84 -12.28 40.56
CA ASP D 408 -3.01 -13.43 40.90
C ASP D 408 -2.31 -14.09 39.72
N ASP D 409 -2.95 -14.18 38.55
CA ASP D 409 -2.34 -14.89 37.43
C ASP D 409 -2.66 -14.17 36.11
N GLU D 410 -1.90 -14.54 35.08
CA GLU D 410 -1.94 -13.82 33.81
C GLU D 410 -3.28 -13.97 33.10
N ALA D 411 -3.83 -15.19 33.08
CA ALA D 411 -5.13 -15.39 32.44
C ALA D 411 -6.20 -14.53 33.09
N GLU D 412 -6.17 -14.46 34.42
CA GLU D 412 -7.17 -13.68 35.14
C GLU D 412 -7.10 -12.21 34.75
N VAL D 413 -5.91 -11.64 34.78
CA VAL D 413 -5.80 -10.20 34.58
C VAL D 413 -6.22 -9.84 33.15
N ILE D 414 -5.92 -10.72 32.18
CA ILE D 414 -6.36 -10.48 30.81
C ILE D 414 -7.88 -10.49 30.72
N ARG D 415 -8.52 -11.50 31.34
CA ARG D 415 -9.99 -11.53 31.34
C ARG D 415 -10.56 -10.26 31.96
N ARG D 416 -10.00 -9.85 33.11
CA ARG D 416 -10.54 -8.70 33.81
C ARG D 416 -10.24 -7.41 33.06
N ALA D 417 -9.05 -7.29 32.47
CA ALA D 417 -8.76 -6.11 31.66
C ALA D 417 -9.78 -5.96 30.53
N ASN D 418 -10.20 -7.08 29.93
CA ASN D 418 -11.11 -7.07 28.79
C ASN D 418 -12.57 -7.00 29.18
N ALA D 419 -12.91 -7.18 30.45
CA ALA D 419 -14.30 -7.26 30.90
C ALA D 419 -14.85 -5.85 31.11
N THR D 420 -15.03 -5.16 29.98
CA THR D 420 -15.49 -3.78 30.01
C THR D 420 -16.14 -3.50 28.67
N GLU D 421 -17.08 -2.57 28.67
CA GLU D 421 -17.65 -2.08 27.40
C GLU D 421 -16.70 -1.12 26.68
N TYR D 422 -15.75 -0.53 27.40
CA TYR D 422 -14.76 0.40 26.85
C TYR D 422 -13.65 -0.38 26.13
N GLY D 423 -12.90 0.35 25.30
CA GLY D 423 -11.89 -0.29 24.48
C GLY D 423 -10.78 0.61 23.97
N LEU D 424 -10.49 1.72 24.65
CA LEU D 424 -9.67 2.76 24.03
C LEU D 424 -8.20 2.39 24.06
N ALA D 425 -7.64 2.24 25.25
CA ALA D 425 -6.20 2.03 25.39
C ALA D 425 -5.96 0.93 26.40
N ALA D 426 -4.69 0.52 26.51
CA ALA D 426 -4.24 -0.51 27.44
C ALA D 426 -2.72 -0.46 27.46
N GLY D 427 -2.13 -1.09 28.49
CA GLY D 427 -0.69 -1.15 28.54
C GLY D 427 -0.22 -2.26 29.46
N VAL D 428 1.04 -2.68 29.26
CA VAL D 428 1.65 -3.70 30.08
C VAL D 428 3.06 -3.23 30.45
N VAL D 429 3.48 -3.50 31.67
CA VAL D 429 4.85 -3.20 32.11
C VAL D 429 5.51 -4.53 32.40
N THR D 430 6.52 -4.89 31.59
CA THR D 430 7.26 -6.14 31.77
C THR D 430 8.54 -6.09 30.96
N PRO D 431 9.65 -6.62 31.48
CA PRO D 431 10.87 -6.72 30.67
C PRO D 431 10.94 -7.95 29.77
N ASP D 432 9.97 -8.86 29.86
CA ASP D 432 10.03 -10.13 29.17
C ASP D 432 9.48 -10.00 27.75
N LEU D 433 10.26 -10.49 26.79
CA LEU D 433 9.85 -10.43 25.38
C LEU D 433 8.50 -11.09 25.15
N ASN D 434 8.37 -12.35 25.56
CA ASN D 434 7.16 -13.10 25.26
C ASN D 434 5.97 -12.51 25.98
N ARG D 435 6.14 -12.14 27.24
CA ARG D 435 5.03 -11.64 28.03
C ARG D 435 4.48 -10.33 27.46
N ALA D 436 5.36 -9.44 27.02
CA ALA D 436 4.88 -8.15 26.52
C ALA D 436 4.01 -8.34 25.29
N HIS D 437 4.52 -9.06 24.28
CA HIS D 437 3.75 -9.23 23.05
C HIS D 437 2.55 -10.15 23.27
N ARG D 438 2.74 -11.23 24.04
CA ARG D 438 1.66 -12.19 24.25
C ARG D 438 0.46 -11.55 24.93
N ILE D 439 0.70 -10.76 25.97
CA ILE D 439 -0.40 -10.12 26.67
C ILE D 439 -1.06 -9.05 25.80
N ILE D 440 -0.26 -8.21 25.15
CA ILE D 440 -0.83 -7.11 24.38
C ILE D 440 -1.71 -7.63 23.26
N HIS D 441 -1.31 -8.73 22.63
CA HIS D 441 -2.10 -9.26 21.52
C HIS D 441 -3.48 -9.70 21.98
N GLN D 442 -3.66 -9.98 23.27
CA GLN D 442 -4.93 -10.46 23.78
C GLN D 442 -5.84 -9.35 24.33
N LEU D 443 -5.38 -8.11 24.43
CA LEU D 443 -6.16 -7.03 25.00
C LEU D 443 -7.05 -6.41 23.93
N GLU D 444 -8.28 -6.11 24.31
CA GLU D 444 -9.28 -5.57 23.40
C GLU D 444 -9.29 -4.05 23.49
N ALA D 445 -8.22 -3.44 22.94
CA ALA D 445 -8.07 -2.00 22.96
C ALA D 445 -7.32 -1.58 21.70
N GLY D 446 -7.60 -0.36 21.24
CA GLY D 446 -7.01 0.12 19.99
C GLY D 446 -5.63 0.73 20.15
N ILE D 447 -5.28 1.15 21.36
CA ILE D 447 -4.04 1.88 21.62
C ILE D 447 -3.33 1.17 22.75
N CYS D 448 -2.17 0.57 22.46
CA CYS D 448 -1.47 -0.27 23.42
C CYS D 448 -0.03 0.18 23.60
N TRP D 449 0.37 0.35 24.86
CA TRP D 449 1.71 0.83 25.22
C TRP D 449 2.42 -0.23 26.03
N ILE D 450 3.65 -0.53 25.66
CA ILE D 450 4.53 -1.46 26.36
C ILE D 450 5.62 -0.65 27.04
N ASN D 451 5.66 -0.69 28.37
CA ASN D 451 6.66 -0.02 29.20
C ASN D 451 6.68 1.50 28.96
N SER D 452 5.50 2.07 28.79
CA SER D 452 5.34 3.51 28.61
CA SER D 452 5.35 3.52 28.63
C SER D 452 3.86 3.83 28.69
N TRP D 453 3.52 5.10 28.50
CA TRP D 453 2.13 5.48 28.42
C TRP D 453 2.03 6.85 27.75
N GLY D 454 1.00 7.03 26.93
CA GLY D 454 0.55 8.34 26.52
C GLY D 454 1.09 8.84 25.20
N GLU D 455 2.21 8.31 24.71
CA GLU D 455 2.76 8.87 23.49
C GLU D 455 1.86 8.50 22.32
N SER D 456 1.56 9.48 21.46
CA SER D 456 0.59 9.33 20.38
C SER D 456 1.18 9.91 19.10
N PRO D 457 2.14 9.21 18.49
CA PRO D 457 2.82 9.75 17.31
C PRO D 457 1.83 10.01 16.18
N ALA D 458 2.14 11.02 15.36
CA ALA D 458 1.28 11.37 14.24
C ALA D 458 1.08 10.17 13.30
N GLU D 459 2.08 9.29 13.21
CA GLU D 459 2.04 8.14 12.33
C GLU D 459 1.15 7.02 12.83
N MET D 460 0.78 7.04 14.10
CA MET D 460 0.17 5.88 14.74
C MET D 460 -1.34 6.04 14.77
N PRO D 461 -2.10 5.24 14.05
CA PRO D 461 -3.57 5.35 14.17
C PRO D 461 -4.04 5.07 15.59
N VAL D 462 -4.99 5.89 16.07
CA VAL D 462 -5.51 5.74 17.43
C VAL D 462 -7.03 5.87 17.42
N GLY D 463 -7.66 5.02 18.22
CA GLY D 463 -9.10 5.06 18.40
C GLY D 463 -9.51 3.82 19.17
N GLY D 464 -10.82 3.71 19.39
CA GLY D 464 -11.35 2.74 20.35
C GLY D 464 -11.99 1.51 19.74
N TYR D 465 -11.83 0.39 20.47
CA TYR D 465 -12.66 -0.78 20.30
C TYR D 465 -13.99 -0.57 21.03
N LYS D 466 -15.01 -1.35 20.63
CA LYS D 466 -16.28 -1.46 21.38
C LYS D 466 -16.87 -0.08 21.61
N HIS D 467 -17.29 0.27 22.82
CA HIS D 467 -17.98 1.53 23.06
C HIS D 467 -17.05 2.73 23.08
N SER D 468 -15.75 2.54 22.87
CA SER D 468 -14.83 3.66 22.95
C SER D 468 -14.66 4.43 21.66
N GLY D 469 -15.16 3.93 20.54
CA GLY D 469 -15.08 4.74 19.34
C GLY D 469 -15.51 4.02 18.10
N ILE D 470 -15.60 4.82 17.03
CA ILE D 470 -15.79 4.39 15.66
C ILE D 470 -14.69 5.06 14.86
N GLY D 471 -13.97 4.28 14.05
CA GLY D 471 -12.90 4.86 13.25
C GLY D 471 -11.63 5.17 14.06
N ARG D 472 -10.71 5.87 13.38
CA ARG D 472 -9.41 6.17 13.92
C ARG D 472 -9.05 7.61 13.56
N GLU D 473 -8.09 8.13 14.29
CA GLU D 473 -7.42 9.38 14.01
C GLU D 473 -5.93 9.10 13.90
N ASN D 474 -5.25 9.99 13.16
CA ASN D 474 -3.82 9.93 12.87
C ASN D 474 -3.46 8.75 11.99
N GLY D 475 -2.21 8.71 11.53
CA GLY D 475 -1.75 7.73 10.56
C GLY D 475 -2.22 8.01 9.15
N VAL D 476 -1.65 7.22 8.22
CA VAL D 476 -2.01 7.38 6.81
CA VAL D 476 -2.01 7.39 6.81
C VAL D 476 -3.48 7.04 6.59
N MET D 477 -4.00 6.06 7.34
CA MET D 477 -5.38 5.64 7.11
C MET D 477 -6.37 6.75 7.38
N THR D 478 -6.06 7.67 8.31
CA THR D 478 -7.02 8.72 8.59
C THR D 478 -7.08 9.76 7.49
N LEU D 479 -5.96 10.01 6.78
CA LEU D 479 -6.03 10.84 5.59
C LEU D 479 -6.97 10.21 4.56
N GLN D 480 -6.83 8.90 4.36
CA GLN D 480 -7.70 8.20 3.42
C GLN D 480 -9.15 8.25 3.85
N SER D 481 -9.40 8.17 5.16
CA SER D 481 -10.78 8.14 5.64
C SER D 481 -11.50 9.47 5.48
N TYR D 482 -10.79 10.55 5.13
CA TYR D 482 -11.42 11.81 4.78
C TYR D 482 -11.57 12.00 3.28
N THR D 483 -11.40 10.94 2.51
CA THR D 483 -11.78 10.89 1.12
C THR D 483 -12.82 9.81 0.92
N GLN D 484 -13.47 9.85 -0.23
CA GLN D 484 -14.39 8.80 -0.63
C GLN D 484 -13.90 8.24 -1.95
N VAL D 485 -14.04 6.93 -2.10
CA VAL D 485 -13.58 6.25 -3.29
C VAL D 485 -14.64 6.35 -4.39
N LYS D 486 -14.20 6.78 -5.57
CA LYS D 486 -14.99 6.68 -6.77
C LYS D 486 -14.30 5.65 -7.66
N SER D 487 -15.05 4.61 -8.04
CA SER D 487 -14.55 3.61 -8.97
C SER D 487 -15.05 3.93 -10.37
N ILE D 488 -14.13 3.87 -11.34
CA ILE D 488 -14.45 4.21 -12.72
C ILE D 488 -14.03 3.07 -13.62
N GLN D 489 -14.99 2.51 -14.36
CA GLN D 489 -14.70 1.46 -15.34
C GLN D 489 -14.68 2.05 -16.74
N VAL D 490 -13.59 1.82 -17.46
CA VAL D 490 -13.46 2.17 -18.87
C VAL D 490 -13.68 0.89 -19.68
N GLU D 491 -14.81 0.81 -20.40
CA GLU D 491 -15.11 -0.32 -21.27
C GLU D 491 -14.74 0.10 -22.68
N MET D 492 -13.65 -0.47 -23.21
CA MET D 492 -13.24 -0.19 -24.58
C MET D 492 -13.75 -1.20 -25.57
N GLY D 493 -14.33 -2.29 -25.09
CA GLY D 493 -14.92 -3.28 -25.96
C GLY D 493 -16.35 -2.93 -26.28
N PRO D 494 -16.95 -3.65 -27.22
CA PRO D 494 -18.36 -3.36 -27.58
C PRO D 494 -19.30 -3.85 -26.48
N PHE D 495 -20.19 -2.96 -26.03
CA PHE D 495 -21.14 -3.32 -24.99
C PHE D 495 -22.24 -4.22 -25.55
N GLN D 496 -22.58 -5.28 -24.80
CA GLN D 496 -23.55 -6.27 -25.23
C GLN D 496 -24.82 -6.11 -24.40
N SER D 497 -25.94 -5.85 -25.05
CA SER D 497 -27.22 -5.85 -24.38
C SER D 497 -27.92 -7.17 -24.67
N ILE D 498 -28.59 -7.72 -23.65
CA ILE D 498 -29.38 -8.93 -23.82
C ILE D 498 -30.79 -8.62 -24.33
N PHE D 499 -31.14 -7.35 -24.45
CA PHE D 499 -32.51 -7.00 -24.91
C PHE D 499 -32.50 -6.71 -26.41
PA FAD E . 28.57 9.08 -20.43
O1A FAD E . 29.60 8.10 -20.87
O2A FAD E . 27.15 8.67 -20.65
O5B FAD E . 28.86 9.48 -18.91
C5B FAD E . 27.74 9.66 -18.02
C4B FAD E . 28.27 9.74 -16.60
O4B FAD E . 28.92 8.49 -16.31
C3B FAD E . 29.32 10.84 -16.37
O3B FAD E . 29.29 11.30 -15.02
C2B FAD E . 30.63 10.08 -16.64
O2B FAD E . 31.76 10.65 -16.02
C1B FAD E . 30.28 8.74 -16.00
N9A FAD E . 31.10 7.63 -16.49
C8A FAD E . 31.60 7.40 -17.75
N7A FAD E . 32.31 6.30 -17.84
C5A FAD E . 32.26 5.78 -16.55
C6A FAD E . 32.83 4.61 -15.99
N6A FAD E . 33.55 3.74 -16.67
N1A FAD E . 32.58 4.39 -14.67
C2A FAD E . 31.85 5.27 -13.99
N3A FAD E . 31.28 6.40 -14.41
C4A FAD E . 31.52 6.59 -15.72
O5' FAD E . 29.54 12.28 -19.30
P FAD E . 29.80 11.80 -20.68
O1P FAD E . 31.27 11.20 -20.80
O2P FAD E . 29.73 12.81 -21.77
O3P FAD E . 28.94 10.49 -21.12
PA FAD F . -36.11 -2.99 3.47
O1A FAD F . -35.21 -2.10 2.68
O2A FAD F . -37.20 -2.40 4.27
O5B FAD F . -35.21 -3.86 4.46
C5B FAD F . -34.10 -4.58 3.88
C4B FAD F . -33.57 -5.53 4.93
O4B FAD F . -33.52 -4.83 6.20
C3B FAD F . -34.42 -6.77 5.19
O3B FAD F . -33.60 -7.86 5.60
C2B FAD F . -35.35 -6.29 6.31
O2B FAD F . -35.88 -7.32 7.11
C1B FAD F . -34.36 -5.48 7.14
N9A FAD F . -35.00 -4.46 7.97
C8A FAD F . -36.13 -3.71 7.73
N7A FAD F . -36.43 -2.90 8.71
C5A FAD F . -35.44 -3.14 9.66
C6A FAD F . -35.21 -2.60 10.94
N6A FAD F . -35.98 -1.66 11.50
N1A FAD F . -34.14 -3.05 11.63
C2A FAD F . -33.36 -3.98 11.06
N3A FAD F . -33.49 -4.57 9.87
C4A FAD F . -34.56 -4.09 9.21
N1 FAD F . -42.73 -8.83 4.97
C2 FAD F . -43.02 -9.91 4.20
O2 FAD F . -42.54 -10.07 3.08
N3 FAD F . -43.88 -10.89 4.71
C4 FAD F . -44.51 -10.87 5.93
O4 FAD F . -45.25 -11.76 6.30
C4X FAD F . -44.19 -9.74 6.70
N5 FAD F . -44.75 -9.65 7.88
C5X FAD F . -44.46 -8.55 8.64
C6 FAD F . -45.06 -8.44 9.91
C7 FAD F . -44.82 -7.37 10.73
C7M FAD F . -45.48 -7.29 12.08
C8 FAD F . -43.95 -6.35 10.29
C8M FAD F . -43.67 -5.16 11.18
C9 FAD F . -43.34 -6.44 9.06
C9A FAD F . -43.59 -7.53 8.21
N10 FAD F . -43.02 -7.65 6.95
C10 FAD F . -43.28 -8.75 6.16
C1' FAD F . -42.07 -6.63 6.47
C2' FAD F . -42.60 -5.40 5.77
O2' FAD F . -43.05 -5.74 4.46
C3' FAD F . -41.50 -4.35 5.69
O3' FAD F . -41.72 -3.53 4.54
C4' FAD F . -40.06 -4.88 5.66
O4' FAD F . -39.16 -3.87 6.13
C5' FAD F . -39.60 -5.31 4.28
O5' FAD F . -38.15 -5.31 4.17
P FAD F . -37.53 -5.48 2.72
O1P FAD F . -36.59 -6.63 2.72
O2P FAD F . -38.66 -5.51 1.77
O3P FAD F . -36.72 -4.12 2.52
PA FAD G . 27.11 -22.44 -8.82
O1A FAD G . 28.31 -22.11 -9.62
O2A FAD G . 26.72 -21.60 -7.65
O5B FAD G . 25.87 -22.61 -9.82
C5B FAD G . 24.55 -22.21 -9.37
C4B FAD G . 23.68 -22.16 -10.61
O4B FAD G . 24.24 -21.18 -11.52
C3B FAD G . 23.61 -23.46 -11.42
O3B FAD G . 22.40 -23.58 -12.16
C2B FAD G . 24.83 -23.32 -12.35
O2B FAD G . 24.79 -24.17 -13.46
C1B FAD G . 24.63 -21.84 -12.73
N9A FAD G . 25.84 -21.19 -13.22
C8A FAD G . 27.14 -21.39 -12.84
N7A FAD G . 28.00 -20.66 -13.51
C5A FAD G . 27.21 -19.93 -14.39
C6A FAD G . 27.53 -18.98 -15.37
N6A FAD G . 28.77 -18.58 -15.64
N1A FAD G . 26.51 -18.46 -16.09
C2A FAD G . 25.27 -18.87 -15.82
N3A FAD G . 24.84 -19.75 -14.92
C4A FAD G . 25.88 -20.25 -14.23
N1 FAD G . 29.15 -29.94 -13.15
C2 FAD G . 28.64 -31.17 -12.83
O2 FAD G . 28.04 -31.37 -11.76
N3 FAD G . 28.79 -32.21 -13.72
C4 FAD G . 29.42 -32.16 -14.95
O4 FAD G . 29.51 -33.14 -15.68
C4X FAD G . 29.93 -30.88 -15.26
N5 FAD G . 30.55 -30.77 -16.41
C5X FAD G . 31.05 -29.53 -16.73
C6 FAD G . 31.71 -29.40 -17.97
C7 FAD G . 32.24 -28.20 -18.38
C7M FAD G . 32.93 -28.09 -19.72
C8 FAD G . 32.13 -27.07 -17.53
C8M FAD G . 32.69 -25.73 -17.93
C9 FAD G . 31.49 -27.18 -16.30
C9A FAD G . 30.94 -28.41 -15.88
N10 FAD G . 30.29 -28.58 -14.66
C10 FAD G . 29.76 -29.82 -14.31
C1' FAD G . 30.10 -27.45 -13.74
C2' FAD G . 31.09 -27.30 -12.58
O2' FAD G . 30.97 -28.40 -11.69
C3' FAD G . 30.92 -25.93 -11.91
O3' FAD G . 31.58 -25.94 -10.65
C4' FAD G . 29.51 -25.44 -11.72
O4' FAD G . 29.50 -24.03 -11.42
C5' FAD G . 28.75 -26.10 -10.56
O5' FAD G . 27.46 -25.48 -10.48
P FAD G . 26.70 -25.40 -9.09
O1P FAD G . 25.25 -25.39 -9.40
O2P FAD G . 27.24 -26.50 -8.25
O3P FAD G . 27.28 -24.01 -8.48
PA FAD H . -19.33 16.03 25.80
O1A FAD H . -19.77 15.07 24.78
O2A FAD H . -18.42 15.61 26.89
O5B FAD H . -18.77 17.35 25.10
C5B FAD H . -17.89 17.17 23.97
C4B FAD H . -18.51 17.81 22.76
O4B FAD H . -19.81 17.21 22.52
C3B FAD H . -18.76 19.31 22.88
O3B FAD H . -18.32 19.87 21.66
C2B FAD H . -20.28 19.36 23.10
O2B FAD H . -20.96 20.53 22.73
C1B FAD H . -20.67 18.26 22.13
N9A FAD H . -22.06 17.81 22.20
C8A FAD H . -22.75 17.46 23.33
N7A FAD H . -23.99 17.10 23.09
C5A FAD H . -24.12 17.23 21.72
C6A FAD H . -25.20 17.00 20.85
N6A FAD H . -26.39 16.57 21.26
N1A FAD H . -25.00 17.22 19.54
C2A FAD H . -23.80 17.65 19.14
N3A FAD H . -22.72 17.91 19.86
C4A FAD H . -22.94 17.68 21.16
N1 FAD H . -23.12 11.56 34.35
C2 FAD H . -23.67 10.37 34.73
O2 FAD H . -23.55 9.36 34.04
N3 FAD H . -24.37 10.30 35.92
C4 FAD H . -24.59 11.33 36.80
O4 FAD H . -25.22 11.18 37.82
C4X FAD H . -24.01 12.55 36.39
N5 FAD H . -24.18 13.57 37.18
C5X FAD H . -23.63 14.77 36.81
C6 FAD H . -23.82 15.87 37.66
C7 FAD H . -23.30 17.10 37.37
C7M FAD H . -23.53 18.24 38.32
C8 FAD H . -22.57 17.27 36.17
C8M FAD H . -21.98 18.60 35.80
C9 FAD H . -22.37 16.20 35.33
C9A FAD H . -22.90 14.93 35.62
N10 FAD H . -22.73 13.82 34.79
C10 FAD H . -23.28 12.59 35.14
C1' FAD H . -21.97 13.94 33.53
C2' FAD H . -22.75 14.59 32.40
O2' FAD H . -23.91 13.81 32.11
C3' FAD H . -21.83 14.74 31.19
O3' FAD H . -20.98 15.84 31.44
C4' FAD H . -22.54 14.93 29.84
O4' FAD H . -23.11 13.70 29.40
C5' FAD H . -21.62 15.41 28.73
O5' FAD H . -21.41 16.84 28.82
P FAD H . -20.87 17.70 27.59
O1P FAD H . -21.93 18.61 27.10
O2P FAD H . -19.55 18.28 27.97
O3P FAD H . -20.63 16.62 26.46
#